data_4ACA
#
_entry.id   4ACA
#
_cell.length_a   146.860
_cell.length_b   146.860
_cell.length_c   297.830
_cell.angle_alpha   90.00
_cell.angle_beta   90.00
_cell.angle_gamma   120.00
#
_symmetry.space_group_name_H-M   'P 31 1 2'
#
loop_
_entity.id
_entity.type
_entity.pdbx_description
1 polymer 'TRANSLATION ELONGATION FACTOR SELB'
2 non-polymer 'SULFATE ION'
3 non-polymer '(3ALPHA,5BETA,12ALPHA)-3,12-DIHYDROXYCHOLAN-24-OIC ACID'
4 non-polymer "GUANOSINE-5'-MONOPHOSPHATE"
#
_entity_poly.entity_id   1
_entity_poly.type   'polypeptide(L)'
_entity_poly.pdbx_seq_one_letter_code
;MHHHHHHSIEGRPHMDFKNINLGIFGHIDHGKTTLSKVLTEIASTSAHDKLPESQKRGITIDIGFSAFKLENYRITLVDA
PGHADLIRAVVSAADIIDLALIVVDAKEGPKTQTGEHMLILDHFNIPIIVVITKSDNAGTEEIKRTEMIMKSILQSTHNL
KNSSIIPISAKTGFGVDELKNLIITTLNNAEIIRNTESYFKMPLDHAFPIKGAGTVVTGTINKGIVKVGDELKVLPINMS
TKVRSIQYFKESVMEAKAGDRVGMAIQGVDAKQIYRG(CMH)ILTSKDTKLQTVDKIVAKIKISDIFKYNLTPKMKVHLN
VGMLIVPAVAVPFKKVTFGKTEENIILNEVISGNE(CMH)Y(CMH)AFELEEKVLAEVGDRVLITRLDLPPTTLRI
(CMH)GHGLIEEFKPIKDLNIKKEVLREGKVKIDKGRTVIDGLAQSKVAAEKLIGEEISIEGKDIVGKIKGTFGTKGLLT
AEFSGNVENRDKVILNRLRRWG
;
_entity_poly.pdbx_strand_id   A,B,C,D
#
# COMPACT_ATOMS: atom_id res chain seq x y z
N HIS A 14 9.94 6.60 21.22
CA HIS A 14 9.58 6.39 22.61
C HIS A 14 10.84 6.37 23.48
N MET A 15 10.85 5.53 24.51
CA MET A 15 11.98 5.49 25.45
C MET A 15 13.04 4.48 25.05
N ASP A 16 14.29 4.73 25.42
CA ASP A 16 15.37 3.83 25.09
C ASP A 16 15.39 2.66 26.06
N PHE A 17 15.35 1.44 25.51
CA PHE A 17 15.37 0.23 26.33
C PHE A 17 16.80 -0.25 26.60
N LYS A 18 16.99 -0.95 27.71
CA LYS A 18 18.27 -1.60 27.97
C LYS A 18 18.07 -3.11 27.91
N ASN A 19 18.96 -3.80 27.22
CA ASN A 19 18.83 -5.24 27.04
C ASN A 19 19.52 -6.03 28.14
N ILE A 20 18.74 -6.82 28.88
CA ILE A 20 19.23 -7.56 30.04
C ILE A 20 19.08 -9.07 29.87
N ASN A 21 20.04 -9.84 30.35
CA ASN A 21 19.85 -11.28 30.46
C ASN A 21 19.77 -11.74 31.90
N LEU A 22 18.72 -12.49 32.22
CA LEU A 22 18.46 -12.95 33.58
C LEU A 22 18.46 -14.47 33.61
N GLY A 23 19.30 -15.03 34.45
CA GLY A 23 19.36 -16.46 34.59
C GLY A 23 18.52 -16.91 35.77
N ILE A 24 17.97 -18.12 35.68
CA ILE A 24 17.25 -18.70 36.80
C ILE A 24 17.85 -20.05 37.18
N PHE A 25 18.30 -20.16 38.42
CA PHE A 25 19.06 -21.31 38.90
C PHE A 25 18.49 -21.88 40.18
N GLY A 26 18.75 -23.16 40.39
CA GLY A 26 18.29 -23.84 41.58
C GLY A 26 18.08 -25.32 41.35
N HIS A 27 17.73 -26.02 42.42
CA HIS A 27 17.47 -27.45 42.34
C HIS A 27 16.22 -27.66 41.51
N ILE A 28 16.11 -28.81 40.86
CA ILE A 28 14.87 -29.14 40.18
C ILE A 28 13.77 -29.35 41.22
N ASP A 29 12.54 -29.01 40.83
CA ASP A 29 11.37 -28.99 41.73
C ASP A 29 11.40 -27.83 42.74
N HIS A 30 12.36 -26.92 42.60
CA HIS A 30 12.44 -25.76 43.50
C HIS A 30 11.73 -24.50 42.98
N GLY A 31 10.88 -24.67 41.97
CA GLY A 31 10.08 -23.57 41.47
C GLY A 31 10.71 -22.75 40.35
N LYS A 32 11.61 -23.38 39.59
CA LYS A 32 12.29 -22.70 38.48
C LYS A 32 11.29 -22.32 37.41
N THR A 33 10.68 -23.32 36.81
CA THR A 33 9.79 -23.11 35.69
C THR A 33 8.64 -22.16 36.02
N THR A 34 8.06 -22.36 37.20
CA THR A 34 6.94 -21.54 37.64
C THR A 34 7.34 -20.08 37.75
N LEU A 35 8.48 -19.83 38.39
CA LEU A 35 9.00 -18.47 38.51
C LEU A 35 9.20 -17.84 37.13
N SER A 36 9.64 -18.63 36.17
CA SER A 36 9.79 -18.17 34.80
C SER A 36 8.46 -17.72 34.21
N LYS A 37 7.46 -18.60 34.28
CA LYS A 37 6.15 -18.33 33.70
C LYS A 37 5.53 -17.08 34.31
N VAL A 38 5.67 -16.94 35.62
CA VAL A 38 5.14 -15.78 36.33
C VAL A 38 5.78 -14.48 35.83
N LEU A 39 7.09 -14.51 35.57
CA LEU A 39 7.79 -13.34 35.05
C LEU A 39 7.47 -13.08 33.57
N THR A 40 7.40 -14.15 32.77
CA THR A 40 7.24 -14.02 31.32
C THR A 40 5.90 -13.44 30.94
N GLU A 41 4.92 -13.51 31.84
CA GLU A 41 3.56 -13.17 31.47
C GLU A 41 3.19 -11.68 31.55
N ILE A 42 4.03 -10.87 32.17
CA ILE A 42 3.78 -9.43 32.23
C ILE A 42 4.49 -8.70 31.08
N GLY A 64 14.17 -21.58 23.54
CA GLY A 64 13.84 -20.54 22.60
C GLY A 64 14.03 -19.15 23.17
N PHE A 65 13.07 -18.27 22.92
CA PHE A 65 13.15 -16.89 23.39
C PHE A 65 11.95 -16.55 24.27
N SER A 66 12.22 -16.32 25.55
CA SER A 66 11.19 -15.86 26.48
C SER A 66 11.70 -14.64 27.22
N ALA A 67 10.99 -13.52 27.08
CA ALA A 67 11.44 -12.28 27.70
C ALA A 67 10.29 -11.46 28.29
N PHE A 68 10.66 -10.41 29.02
CA PHE A 68 9.68 -9.54 29.65
C PHE A 68 10.29 -8.16 29.95
N LYS A 69 9.44 -7.13 30.04
CA LYS A 69 9.92 -5.78 30.38
C LYS A 69 9.70 -5.37 31.86
N LEU A 70 10.72 -4.72 32.43
CA LEU A 70 10.60 -4.05 33.74
C LEU A 70 11.19 -2.65 33.66
N GLU A 71 10.36 -1.63 33.86
CA GLU A 71 10.72 -0.26 33.51
C GLU A 71 11.24 -0.24 32.07
N ASN A 72 12.42 0.32 31.84
CA ASN A 72 12.96 0.29 30.48
C ASN A 72 14.01 -0.81 30.26
N TYR A 73 13.95 -1.85 31.11
CA TYR A 73 14.77 -3.04 30.93
C TYR A 73 14.03 -4.10 30.11
N ARG A 74 14.58 -4.46 28.95
CA ARG A 74 14.09 -5.64 28.22
C ARG A 74 14.81 -6.86 28.76
N ILE A 75 14.12 -7.66 29.56
CA ILE A 75 14.79 -8.78 30.20
C ILE A 75 14.53 -10.10 29.51
N THR A 76 15.58 -10.66 28.91
CA THR A 76 15.52 -11.97 28.28
C THR A 76 16.01 -13.04 29.24
N LEU A 77 15.19 -14.05 29.50
CA LEU A 77 15.58 -15.13 30.39
C LEU A 77 16.67 -15.99 29.78
N VAL A 78 17.74 -16.21 30.53
CA VAL A 78 18.77 -17.20 30.17
C VAL A 78 18.25 -18.58 30.54
N ASP A 79 17.97 -19.40 29.55
CA ASP A 79 17.27 -20.64 29.84
C ASP A 79 17.89 -21.93 29.29
N ALA A 80 17.88 -22.94 30.16
CA ALA A 80 18.28 -24.29 29.84
C ALA A 80 17.45 -25.20 30.75
N PRO A 81 17.20 -26.45 30.32
CA PRO A 81 16.27 -27.33 31.05
C PRO A 81 16.65 -27.60 32.52
N GLY A 82 17.93 -27.77 32.82
CA GLY A 82 18.31 -27.99 34.21
C GLY A 82 19.79 -28.03 34.57
N HIS A 83 20.12 -29.00 35.42
CA HIS A 83 21.40 -29.13 36.11
C HIS A 83 22.68 -28.69 35.37
N ALA A 84 23.16 -29.54 34.47
CA ALA A 84 24.46 -29.37 33.82
C ALA A 84 24.36 -28.44 32.64
N ASP A 85 23.14 -28.14 32.23
CA ASP A 85 22.88 -27.25 31.11
C ASP A 85 23.12 -25.80 31.51
N LEU A 86 22.53 -25.41 32.63
CA LEU A 86 22.75 -24.06 33.18
C LEU A 86 24.23 -23.83 33.46
N ILE A 87 24.92 -24.90 33.83
CA ILE A 87 26.37 -24.85 34.02
C ILE A 87 27.06 -24.43 32.72
N ARG A 88 26.89 -25.24 31.68
CA ARG A 88 27.44 -24.95 30.35
C ARG A 88 27.02 -23.55 29.90
N ALA A 89 25.87 -23.09 30.39
CA ALA A 89 25.33 -21.79 30.06
C ALA A 89 26.10 -20.64 30.69
N VAL A 90 26.47 -20.79 31.95
CA VAL A 90 27.16 -19.71 32.66
C VAL A 90 28.61 -19.60 32.27
N VAL A 91 29.28 -20.75 32.12
CA VAL A 91 30.68 -20.78 31.71
C VAL A 91 30.87 -20.00 30.41
N SER A 92 29.93 -20.18 29.48
CA SER A 92 30.01 -19.55 28.17
C SER A 92 29.52 -18.09 28.16
N ALA A 93 28.34 -17.87 28.74
CA ALA A 93 27.67 -16.59 28.60
C ALA A 93 27.92 -15.64 29.77
N ALA A 94 28.92 -15.94 30.58
CA ALA A 94 29.19 -15.19 31.80
C ALA A 94 29.25 -13.67 31.61
N ASP A 95 29.89 -13.23 30.53
CA ASP A 95 30.09 -11.80 30.26
C ASP A 95 28.77 -11.04 30.17
N ILE A 96 27.74 -11.69 29.66
CA ILE A 96 26.49 -11.03 29.32
C ILE A 96 25.35 -11.27 30.30
N ILE A 97 25.53 -12.22 31.22
CA ILE A 97 24.51 -12.48 32.22
C ILE A 97 24.61 -11.43 33.32
N ASP A 98 23.59 -10.58 33.41
CA ASP A 98 23.66 -9.39 34.23
C ASP A 98 23.24 -9.66 35.66
N LEU A 99 22.30 -10.58 35.82
CA LEU A 99 21.73 -10.86 37.14
C LEU A 99 21.23 -12.29 37.15
N ALA A 100 21.20 -12.92 38.32
CA ALA A 100 20.66 -14.28 38.40
C ALA A 100 19.70 -14.41 39.55
N LEU A 101 18.67 -15.23 39.36
CA LEU A 101 17.80 -15.61 40.46
C LEU A 101 18.11 -17.05 40.88
N ILE A 102 18.37 -17.25 42.16
CA ILE A 102 18.64 -18.59 42.66
C ILE A 102 17.47 -19.05 43.51
N VAL A 103 16.73 -20.03 43.02
CA VAL A 103 15.55 -20.49 43.73
C VAL A 103 15.87 -21.60 44.73
N VAL A 104 15.21 -21.51 45.87
CA VAL A 104 15.37 -22.52 46.90
C VAL A 104 14.01 -22.69 47.58
N ASP A 105 13.57 -23.94 47.67
CA ASP A 105 12.30 -24.28 48.29
C ASP A 105 12.29 -23.80 49.74
N ALA A 106 11.18 -23.17 50.13
CA ALA A 106 10.98 -22.69 51.47
C ALA A 106 11.08 -23.83 52.48
N LYS A 107 10.28 -24.87 52.27
CA LYS A 107 10.19 -25.97 53.21
C LYS A 107 11.49 -26.75 53.37
N GLU A 108 12.06 -27.26 52.28
CA GLU A 108 13.21 -28.15 52.39
C GLU A 108 14.57 -27.45 52.22
N GLY A 109 14.55 -26.13 52.06
CA GLY A 109 15.77 -25.35 52.00
C GLY A 109 16.75 -25.77 50.92
N PRO A 110 17.98 -25.20 50.94
CA PRO A 110 18.97 -25.47 49.90
C PRO A 110 19.28 -26.94 49.75
N LYS A 111 19.42 -27.40 48.51
CA LYS A 111 19.90 -28.74 48.22
C LYS A 111 21.21 -28.64 47.46
N THR A 112 21.78 -29.79 47.11
CA THR A 112 23.13 -29.85 46.53
C THR A 112 23.35 -29.01 45.27
N GLN A 113 22.40 -29.05 44.34
CA GLN A 113 22.47 -28.25 43.13
C GLN A 113 22.47 -26.76 43.47
N THR A 114 21.74 -26.38 44.52
CA THR A 114 21.64 -25.00 44.94
C THR A 114 23.03 -24.44 45.26
N GLY A 115 23.90 -25.29 45.79
CA GLY A 115 25.26 -24.91 46.09
C GLY A 115 26.11 -24.62 44.85
N GLU A 116 26.25 -25.62 43.99
CA GLU A 116 27.11 -25.48 42.81
C GLU A 116 26.73 -24.29 41.93
N HIS A 117 25.44 -24.03 41.77
CA HIS A 117 25.01 -22.84 41.05
C HIS A 117 25.49 -21.58 41.77
N MET A 118 25.33 -21.56 43.09
CA MET A 118 25.81 -20.46 43.91
C MET A 118 27.30 -20.28 43.75
N LEU A 119 28.01 -21.40 43.83
CA LEU A 119 29.46 -21.39 43.64
C LEU A 119 29.80 -20.73 42.31
N ILE A 120 29.38 -21.38 41.23
CA ILE A 120 29.60 -20.88 39.88
C ILE A 120 29.28 -19.39 39.73
N LEU A 121 28.09 -18.98 40.12
CA LEU A 121 27.71 -17.56 40.02
C LEU A 121 28.67 -16.66 40.78
N ASP A 122 29.16 -17.15 41.91
CA ASP A 122 30.09 -16.38 42.72
C ASP A 122 31.42 -16.21 42.00
N HIS A 123 31.95 -17.30 41.42
CA HIS A 123 33.25 -17.24 40.74
C HIS A 123 33.20 -16.26 39.58
N PHE A 124 32.10 -16.27 38.84
CA PHE A 124 31.98 -15.44 37.65
C PHE A 124 31.39 -14.08 37.99
N ASN A 125 31.29 -13.78 39.27
CA ASN A 125 30.95 -12.44 39.72
C ASN A 125 29.61 -11.99 39.14
N ILE A 126 28.63 -12.88 39.16
CA ILE A 126 27.31 -12.53 38.67
C ILE A 126 26.39 -12.28 39.86
N PRO A 127 25.90 -11.03 39.99
CA PRO A 127 24.99 -10.65 41.08
C PRO A 127 23.78 -11.56 41.17
N ILE A 128 23.38 -11.90 42.39
CA ILE A 128 22.21 -12.76 42.58
C ILE A 128 21.16 -12.21 43.54
N ILE A 129 19.93 -12.62 43.29
CA ILE A 129 18.87 -12.49 44.27
C ILE A 129 18.43 -13.90 44.63
N VAL A 130 18.37 -14.18 45.93
CA VAL A 130 17.89 -15.48 46.38
C VAL A 130 16.37 -15.45 46.50
N VAL A 131 15.69 -16.32 45.75
CA VAL A 131 14.24 -16.36 45.77
C VAL A 131 13.75 -17.62 46.47
N ILE A 132 12.99 -17.42 47.54
CA ILE A 132 12.46 -18.53 48.29
C ILE A 132 11.08 -18.91 47.78
N THR A 133 11.01 -20.03 47.07
CA THR A 133 9.78 -20.46 46.41
C THR A 133 8.89 -21.37 47.25
N LYS A 134 7.63 -21.42 46.87
CA LYS A 134 6.62 -22.23 47.53
C LYS A 134 6.43 -21.80 48.98
N SER A 135 6.31 -20.49 49.19
CA SER A 135 6.13 -19.96 50.54
C SER A 135 4.71 -20.23 50.97
N ASP A 136 3.86 -20.52 50.00
CA ASP A 136 2.45 -20.78 50.28
C ASP A 136 2.29 -22.11 50.97
N ASN A 137 3.32 -22.95 50.83
CA ASN A 137 3.30 -24.32 51.31
C ASN A 137 4.12 -24.46 52.59
N ALA A 138 4.53 -23.32 53.13
CA ALA A 138 5.29 -23.28 54.37
C ALA A 138 4.73 -22.24 55.30
N GLY A 139 5.07 -22.38 56.58
CA GLY A 139 4.63 -21.44 57.59
C GLY A 139 5.74 -20.45 57.86
N THR A 140 5.40 -19.38 58.58
CA THR A 140 6.34 -18.31 58.89
C THR A 140 7.66 -18.85 59.43
N GLU A 141 7.57 -19.67 60.47
CA GLU A 141 8.73 -20.26 61.11
C GLU A 141 9.63 -20.92 60.07
N GLU A 142 9.05 -21.74 59.20
CA GLU A 142 9.80 -22.52 58.22
C GLU A 142 10.52 -21.63 57.21
N ILE A 143 9.82 -20.61 56.73
CA ILE A 143 10.42 -19.63 55.83
C ILE A 143 11.58 -18.88 56.48
N LYS A 144 11.35 -18.37 57.69
CA LYS A 144 12.41 -17.67 58.43
C LYS A 144 13.65 -18.55 58.60
N ARG A 145 13.44 -19.84 58.83
CA ARG A 145 14.54 -20.77 58.93
C ARG A 145 15.36 -20.74 57.66
N THR A 146 14.71 -21.12 56.55
CA THR A 146 15.36 -21.19 55.25
C THR A 146 15.94 -19.84 54.86
N GLU A 147 15.25 -18.77 55.23
CA GLU A 147 15.77 -17.43 55.00
C GLU A 147 17.15 -17.29 55.62
N MET A 148 17.29 -17.71 56.88
CA MET A 148 18.54 -17.58 57.60
C MET A 148 19.63 -18.56 57.15
N ILE A 149 19.22 -19.78 56.81
CA ILE A 149 20.19 -20.76 56.31
C ILE A 149 20.88 -20.21 55.07
N MET A 150 20.14 -19.48 54.25
CA MET A 150 20.72 -18.86 53.07
C MET A 150 21.59 -17.68 53.42
N LYS A 151 21.18 -16.94 54.44
CA LYS A 151 21.98 -15.81 54.89
C LYS A 151 23.32 -16.29 55.39
N SER A 152 23.31 -17.45 56.04
CA SER A 152 24.56 -18.02 56.56
C SER A 152 25.44 -18.40 55.40
N ILE A 153 24.81 -18.99 54.40
CA ILE A 153 25.50 -19.49 53.22
C ILE A 153 26.12 -18.36 52.39
N LEU A 154 25.31 -17.35 52.08
CA LEU A 154 25.77 -16.19 51.34
C LEU A 154 27.00 -15.51 51.94
N GLN A 155 27.18 -15.63 53.25
CA GLN A 155 28.31 -14.97 53.90
C GLN A 155 29.59 -15.78 53.65
N SER A 156 29.41 -17.03 53.23
CA SER A 156 30.55 -17.90 52.96
C SER A 156 31.06 -17.78 51.51
N THR A 157 30.58 -16.78 50.78
CA THR A 157 30.92 -16.59 49.38
C THR A 157 31.67 -15.26 49.23
N HIS A 158 32.54 -15.17 48.23
CA HIS A 158 33.32 -13.94 48.06
C HIS A 158 32.45 -12.76 47.64
N ASN A 159 31.90 -12.83 46.44
CA ASN A 159 31.24 -11.65 45.87
C ASN A 159 29.75 -11.51 46.15
N LEU A 160 29.10 -12.59 46.59
CA LEU A 160 27.66 -12.57 46.82
C LEU A 160 27.36 -12.28 48.27
N LYS A 161 28.40 -11.89 48.99
CA LYS A 161 28.40 -11.79 50.45
C LYS A 161 27.06 -11.37 51.08
N ASN A 162 26.47 -10.28 50.59
CA ASN A 162 25.12 -9.92 51.03
C ASN A 162 24.12 -9.64 49.90
N SER A 163 23.45 -10.69 49.47
CA SER A 163 22.50 -10.61 48.39
C SER A 163 21.12 -10.70 49.00
N SER A 164 20.21 -9.84 48.55
CA SER A 164 18.87 -9.82 49.10
C SER A 164 18.17 -11.19 48.99
N ILE A 165 17.25 -11.44 49.91
CA ILE A 165 16.47 -12.67 49.90
C ILE A 165 14.97 -12.37 49.99
N ILE A 166 14.18 -12.90 49.06
CA ILE A 166 12.74 -12.76 49.15
C ILE A 166 12.06 -14.10 49.09
N PRO A 167 11.10 -14.31 49.98
CA PRO A 167 10.20 -15.45 49.86
C PRO A 167 9.07 -15.02 48.96
N ILE A 168 8.69 -15.89 48.02
CA ILE A 168 7.51 -15.66 47.23
C ILE A 168 6.66 -16.91 47.10
N SER A 169 5.47 -16.74 46.57
CA SER A 169 4.68 -17.86 46.11
C SER A 169 4.18 -17.55 44.73
N ALA A 170 4.70 -18.26 43.73
CA ALA A 170 4.27 -18.03 42.36
C ALA A 170 2.79 -18.34 42.18
N LYS A 171 2.30 -19.38 42.84
CA LYS A 171 0.87 -19.73 42.83
C LYS A 171 -0.01 -18.63 43.42
N THR A 172 0.47 -18.01 44.48
CA THR A 172 -0.35 -17.12 45.26
C THR A 172 -0.15 -15.68 44.81
N GLY A 173 1.07 -15.36 44.42
CA GLY A 173 1.41 -14.02 43.95
C GLY A 173 2.15 -13.29 45.04
N PHE A 174 2.26 -13.99 46.16
CA PHE A 174 2.87 -13.49 47.38
C PHE A 174 4.27 -12.95 47.15
N GLY A 175 4.42 -11.66 47.37
CA GLY A 175 5.73 -11.03 47.25
C GLY A 175 6.31 -11.01 45.86
N VAL A 176 5.53 -11.39 44.86
CA VAL A 176 6.03 -11.40 43.50
C VAL A 176 6.26 -9.99 43.05
N ASP A 177 5.40 -9.09 43.52
CA ASP A 177 5.53 -7.68 43.20
C ASP A 177 6.85 -7.11 43.70
N GLU A 178 7.16 -7.38 44.96
CA GLU A 178 8.44 -6.98 45.52
C GLU A 178 9.60 -7.53 44.72
N LEU A 179 9.50 -8.78 44.30
CA LEU A 179 10.57 -9.42 43.53
C LEU A 179 10.90 -8.67 42.25
N LYS A 180 9.89 -8.09 41.62
CA LYS A 180 10.14 -7.29 40.43
C LYS A 180 10.83 -5.98 40.80
N ASN A 181 10.33 -5.31 41.84
CA ASN A 181 10.97 -4.09 42.31
C ASN A 181 12.44 -4.28 42.68
N LEU A 182 12.79 -5.50 43.07
CA LEU A 182 14.15 -5.82 43.48
C LEU A 182 15.06 -6.04 42.28
N ILE A 183 14.49 -6.71 41.28
CA ILE A 183 15.18 -6.95 40.03
C ILE A 183 15.52 -5.61 39.38
N ILE A 184 14.63 -4.63 39.53
CA ILE A 184 14.91 -3.32 39.01
C ILE A 184 16.06 -2.68 39.77
N THR A 185 15.92 -2.61 41.08
CA THR A 185 16.93 -2.02 41.94
C THR A 185 18.31 -2.61 41.67
N THR A 186 18.36 -3.94 41.61
CA THR A 186 19.63 -4.61 41.37
C THR A 186 20.25 -4.22 40.04
N LEU A 187 19.43 -4.25 38.99
CA LEU A 187 19.88 -3.90 37.65
C LEU A 187 20.31 -2.44 37.57
N ASN A 188 19.69 -1.60 38.40
CA ASN A 188 20.10 -0.21 38.48
C ASN A 188 21.52 -0.06 39.03
N ASN A 189 21.85 -0.88 40.03
CA ASN A 189 23.16 -0.79 40.67
C ASN A 189 24.26 -1.47 39.89
N ALA A 190 24.00 -2.70 39.46
CA ALA A 190 25.02 -3.50 38.81
C ALA A 190 25.64 -2.76 37.63
N GLU A 191 26.95 -2.92 37.47
CA GLU A 191 27.68 -2.30 36.37
C GLU A 191 27.62 -3.19 35.14
N ILE A 192 26.85 -2.76 34.14
CA ILE A 192 26.67 -3.56 32.95
C ILE A 192 27.55 -3.05 31.80
N ILE A 193 28.54 -3.85 31.44
CA ILE A 193 29.43 -3.49 30.36
C ILE A 193 29.21 -4.33 29.12
N ARG A 194 28.62 -3.70 28.11
CA ARG A 194 28.46 -4.33 26.82
C ARG A 194 29.74 -4.08 26.03
N ASN A 195 30.37 -5.12 25.52
CA ASN A 195 31.58 -4.92 24.73
C ASN A 195 31.33 -4.84 23.23
N THR A 196 31.20 -3.63 22.73
CA THR A 196 30.94 -3.41 21.31
C THR A 196 32.24 -3.34 20.52
N GLU A 197 33.27 -2.79 21.15
CA GLU A 197 34.51 -2.42 20.47
C GLU A 197 35.30 -3.57 19.83
N SER A 198 35.24 -4.76 20.42
CA SER A 198 36.06 -5.86 19.93
C SER A 198 35.40 -6.62 18.80
N TYR A 199 36.08 -7.65 18.31
CA TYR A 199 35.57 -8.47 17.22
C TYR A 199 34.27 -9.15 17.60
N PHE A 200 33.42 -9.42 16.61
CA PHE A 200 32.15 -10.09 16.85
C PHE A 200 32.36 -11.53 17.30
N LYS A 201 31.81 -11.86 18.46
CA LYS A 201 31.98 -13.18 19.06
C LYS A 201 30.62 -13.66 19.54
N MET A 202 30.13 -14.76 19.00
CA MET A 202 28.82 -15.29 19.37
C MET A 202 28.77 -16.81 19.26
N PRO A 203 28.45 -17.48 20.37
CA PRO A 203 28.25 -18.92 20.39
C PRO A 203 26.89 -19.29 19.79
N LEU A 204 26.72 -20.55 19.41
CA LEU A 204 25.46 -21.01 18.84
C LEU A 204 24.80 -22.05 19.74
N ASP A 205 23.62 -21.71 20.22
CA ASP A 205 22.88 -22.60 21.11
C ASP A 205 22.23 -23.70 20.30
N HIS A 206 21.20 -23.35 19.54
CA HIS A 206 20.53 -24.29 18.64
C HIS A 206 20.67 -23.84 17.19
N ALA A 207 20.60 -24.79 16.25
CA ALA A 207 20.57 -24.46 14.83
C ALA A 207 19.55 -25.34 14.12
N PHE A 208 18.75 -24.76 13.25
CA PHE A 208 17.78 -25.54 12.50
C PHE A 208 17.69 -25.12 11.03
N PRO A 209 17.51 -26.11 10.14
CA PRO A 209 17.60 -25.85 8.70
C PRO A 209 16.31 -25.29 8.11
N ILE A 210 16.43 -24.79 6.89
CA ILE A 210 15.28 -24.50 6.04
C ILE A 210 15.47 -25.30 4.75
N LYS A 211 16.58 -25.04 4.07
CA LYS A 211 16.99 -25.83 2.90
C LYS A 211 18.51 -25.91 2.78
N GLY A 212 18.99 -26.45 1.67
CA GLY A 212 20.41 -26.65 1.47
C GLY A 212 21.21 -25.36 1.41
N ALA A 213 20.54 -24.26 1.08
CA ALA A 213 21.20 -22.98 0.89
C ALA A 213 21.06 -22.06 2.11
N GLY A 214 20.57 -22.59 3.22
CA GLY A 214 20.34 -21.79 4.40
C GLY A 214 20.24 -22.54 5.72
N THR A 215 20.43 -21.81 6.81
CA THR A 215 20.32 -22.34 8.17
C THR A 215 20.10 -21.21 9.18
N VAL A 216 19.27 -21.45 10.18
CA VAL A 216 19.02 -20.46 11.21
C VAL A 216 19.64 -20.83 12.57
N VAL A 217 20.51 -19.96 13.08
CA VAL A 217 21.22 -20.21 14.34
C VAL A 217 20.88 -19.18 15.41
N THR A 218 20.82 -19.63 16.66
CA THR A 218 20.47 -18.76 17.78
C THR A 218 21.56 -18.74 18.84
N GLY A 219 21.71 -17.59 19.49
CA GLY A 219 22.65 -17.43 20.58
C GLY A 219 22.75 -15.98 21.00
N THR A 220 23.24 -15.73 22.21
CA THR A 220 23.38 -14.37 22.67
C THR A 220 24.78 -13.85 22.35
N ILE A 221 24.85 -12.67 21.73
CA ILE A 221 26.12 -12.08 21.33
C ILE A 221 26.98 -11.63 22.52
N ASN A 222 28.18 -12.20 22.62
CA ASN A 222 29.13 -11.88 23.68
C ASN A 222 29.81 -10.53 23.51
N LYS A 223 30.59 -10.40 22.43
CA LYS A 223 31.30 -9.16 22.12
C LYS A 223 30.97 -8.74 20.71
N GLY A 224 31.24 -7.48 20.37
CA GLY A 224 31.20 -7.03 18.99
C GLY A 224 29.87 -6.54 18.47
N ILE A 225 29.75 -6.47 17.15
CA ILE A 225 28.54 -5.98 16.48
C ILE A 225 28.30 -6.77 15.18
N VAL A 226 27.05 -6.97 14.80
CA VAL A 226 26.73 -7.51 13.47
C VAL A 226 25.74 -6.63 12.72
N LYS A 227 26.00 -6.45 11.42
CA LYS A 227 25.02 -5.84 10.54
C LYS A 227 24.55 -6.87 9.53
N VAL A 228 23.29 -6.80 9.14
CA VAL A 228 22.77 -7.68 8.11
C VAL A 228 23.61 -7.50 6.87
N GLY A 229 23.97 -8.61 6.23
CA GLY A 229 24.85 -8.53 5.09
C GLY A 229 26.30 -8.42 5.52
N ASP A 230 26.67 -9.12 6.59
CA ASP A 230 28.08 -9.20 6.92
C ASP A 230 28.62 -10.60 6.65
N GLU A 231 29.94 -10.70 6.45
CA GLU A 231 30.59 -11.99 6.27
C GLU A 231 31.24 -12.48 7.57
N LEU A 232 30.69 -13.54 8.14
CA LEU A 232 31.22 -14.11 9.37
C LEU A 232 31.71 -15.53 9.13
N LYS A 233 32.04 -16.23 10.21
CA LYS A 233 32.49 -17.60 10.09
C LYS A 233 32.10 -18.49 11.29
N VAL A 234 31.79 -19.75 10.99
CA VAL A 234 31.46 -20.73 12.04
C VAL A 234 32.71 -21.51 12.40
N LEU A 235 32.89 -21.77 13.68
CA LEU A 235 34.03 -22.55 14.15
C LEU A 235 33.52 -23.66 15.06
N PRO A 236 34.31 -24.73 15.24
CA PRO A 236 35.67 -24.97 14.72
C PRO A 236 35.73 -25.39 13.26
N ILE A 237 34.60 -25.75 12.65
CA ILE A 237 34.60 -26.21 11.25
C ILE A 237 35.10 -25.19 10.23
N ASN A 238 35.28 -23.94 10.68
CA ASN A 238 35.85 -22.85 9.87
C ASN A 238 35.29 -22.70 8.44
N MET A 239 34.01 -22.33 8.35
CA MET A 239 33.38 -22.01 7.06
C MET A 239 33.09 -20.51 7.01
N SER A 240 32.63 -20.01 5.86
CA SER A 240 32.38 -18.58 5.72
C SER A 240 30.95 -18.35 5.28
N THR A 241 30.21 -17.56 6.05
CA THR A 241 28.81 -17.37 5.75
C THR A 241 28.43 -15.89 5.80
N LYS A 242 27.25 -15.59 5.30
CA LYS A 242 26.77 -14.22 5.24
C LYS A 242 25.49 -14.12 6.06
N VAL A 243 25.15 -12.92 6.52
CA VAL A 243 24.02 -12.75 7.42
C VAL A 243 22.75 -12.31 6.69
N ARG A 244 21.81 -13.24 6.56
CA ARG A 244 20.58 -13.00 5.81
C ARG A 244 19.54 -12.24 6.64
N SER A 245 19.42 -12.59 7.92
CA SER A 245 18.40 -11.98 8.76
C SER A 245 18.77 -11.94 10.24
N ILE A 246 18.51 -10.80 10.86
CA ILE A 246 18.69 -10.66 12.31
C ILE A 246 17.33 -10.51 12.99
N GLN A 247 16.92 -11.55 13.71
CA GLN A 247 15.67 -11.49 14.47
C GLN A 247 15.94 -11.27 15.95
N TYR A 248 15.56 -10.10 16.45
CA TYR A 248 15.69 -9.80 17.87
C TYR A 248 14.37 -9.30 18.45
N PHE A 249 13.92 -9.96 19.50
CA PHE A 249 12.70 -9.59 20.21
C PHE A 249 11.48 -9.64 19.29
N LYS A 250 11.30 -10.78 18.63
CA LYS A 250 10.19 -10.98 17.69
C LYS A 250 10.09 -9.86 16.65
N GLU A 251 11.24 -9.40 16.18
CA GLU A 251 11.30 -8.27 15.27
C GLU A 251 12.57 -8.35 14.44
N SER A 252 12.51 -7.86 13.21
CA SER A 252 13.69 -7.85 12.36
C SER A 252 14.44 -6.53 12.48
N VAL A 253 15.77 -6.63 12.57
CA VAL A 253 16.61 -5.46 12.68
C VAL A 253 17.81 -5.54 11.74
N MET A 254 18.38 -4.38 11.43
CA MET A 254 19.53 -4.31 10.55
C MET A 254 20.80 -4.62 11.32
N GLU A 255 20.79 -4.34 12.63
CA GLU A 255 22.00 -4.47 13.43
C GLU A 255 21.72 -5.04 14.82
N ALA A 256 22.63 -5.88 15.31
CA ALA A 256 22.58 -6.35 16.70
C ALA A 256 23.88 -6.02 17.42
N LYS A 257 23.83 -6.02 18.75
CA LYS A 257 25.01 -5.70 19.55
C LYS A 257 25.24 -6.77 20.60
N ALA A 258 26.37 -6.68 21.28
CA ALA A 258 26.69 -7.61 22.34
C ALA A 258 25.70 -7.44 23.50
N GLY A 259 25.18 -8.56 23.99
CA GLY A 259 24.17 -8.52 25.03
C GLY A 259 22.81 -8.91 24.47
N ASP A 260 22.67 -8.80 23.15
CA ASP A 260 21.42 -9.15 22.48
C ASP A 260 21.36 -10.64 22.19
N ARG A 261 20.25 -11.26 22.57
CA ARG A 261 20.00 -12.64 22.21
C ARG A 261 19.19 -12.60 20.93
N VAL A 262 19.82 -13.02 19.84
CA VAL A 262 19.23 -12.86 18.53
C VAL A 262 19.04 -14.17 17.80
N GLY A 263 18.01 -14.21 16.97
CA GLY A 263 17.88 -15.26 15.97
C GLY A 263 18.60 -14.80 14.72
N MET A 264 19.32 -15.72 14.08
CA MET A 264 20.10 -15.36 12.91
C MET A 264 20.03 -16.44 11.85
N ALA A 265 19.73 -16.01 10.63
CA ALA A 265 19.70 -16.87 9.47
C ALA A 265 20.91 -16.54 8.61
N ILE A 266 21.74 -17.54 8.35
CA ILE A 266 22.95 -17.36 7.55
C ILE A 266 23.03 -18.40 6.43
N GLN A 267 23.66 -18.03 5.32
CA GLN A 267 23.77 -18.95 4.19
C GLN A 267 25.21 -19.40 3.94
N GLY A 268 25.36 -20.66 3.54
CA GLY A 268 26.67 -21.24 3.31
C GLY A 268 26.98 -22.34 4.31
N VAL A 269 25.96 -22.72 5.08
CA VAL A 269 26.08 -23.84 6.01
C VAL A 269 24.76 -24.58 6.17
N ASP A 270 24.84 -25.89 6.19
CA ASP A 270 23.68 -26.71 6.54
C ASP A 270 23.67 -26.93 8.05
N ALA A 271 22.49 -27.19 8.59
CA ALA A 271 22.32 -27.23 10.05
C ALA A 271 22.91 -28.46 10.71
N LYS A 272 23.20 -29.49 9.91
CA LYS A 272 23.72 -30.74 10.45
C LYS A 272 25.14 -30.58 10.98
N GLN A 273 25.91 -29.70 10.34
CA GLN A 273 27.30 -29.49 10.73
C GLN A 273 27.46 -28.68 12.01
N ILE A 274 26.40 -27.94 12.36
CA ILE A 274 26.46 -27.05 13.51
C ILE A 274 25.80 -27.66 14.75
N TYR A 275 26.59 -27.88 15.79
CA TYR A 275 26.12 -28.52 17.02
C TYR A 275 26.49 -27.73 18.28
N ARG A 276 26.34 -28.39 19.43
CA ARG A 276 26.45 -27.76 20.74
C ARG A 276 27.62 -26.79 20.97
N GLY A 277 28.78 -27.07 20.38
CA GLY A 277 29.97 -26.30 20.68
C GLY A 277 30.39 -25.25 19.67
N ILE A 279 30.74 -21.87 17.20
CA ILE A 279 30.84 -20.45 17.50
C ILE A 279 30.91 -19.57 16.24
N LEU A 280 29.93 -18.67 16.11
CA LEU A 280 29.89 -17.71 15.01
C LEU A 280 30.63 -16.43 15.37
N THR A 281 31.67 -16.11 14.61
CA THR A 281 32.51 -14.95 14.92
C THR A 281 33.12 -14.34 13.66
N SER A 282 33.55 -13.08 13.76
CA SER A 282 34.08 -12.37 12.59
C SER A 282 35.46 -12.88 12.18
N LYS A 283 35.96 -12.37 11.06
CA LYS A 283 37.19 -12.88 10.47
C LYS A 283 38.46 -12.30 11.11
N ASP A 284 38.29 -11.32 12.00
CA ASP A 284 39.41 -10.73 12.72
C ASP A 284 39.55 -11.41 14.09
N THR A 285 38.83 -12.52 14.24
CA THR A 285 38.67 -13.21 15.53
C THR A 285 39.99 -13.53 16.22
N LYS A 286 39.97 -13.45 17.55
CA LYS A 286 41.13 -13.82 18.37
C LYS A 286 40.99 -15.27 18.81
N LEU A 287 39.80 -15.82 18.61
CA LEU A 287 39.49 -17.21 18.94
C LEU A 287 40.46 -18.21 18.30
N GLN A 288 40.85 -19.22 19.07
CA GLN A 288 41.76 -20.26 18.58
C GLN A 288 41.22 -21.64 18.94
N THR A 289 41.59 -22.65 18.15
CA THR A 289 41.24 -24.02 18.49
C THR A 289 42.40 -24.60 19.28
N VAL A 290 42.14 -24.96 20.53
CA VAL A 290 43.20 -25.18 21.51
C VAL A 290 43.25 -26.60 22.06
N ASP A 291 44.47 -27.06 22.33
CA ASP A 291 44.69 -28.34 23.00
C ASP A 291 45.25 -28.11 24.41
N LYS A 292 46.31 -27.31 24.48
CA LYS A 292 46.97 -27.05 25.76
C LYS A 292 46.58 -25.69 26.34
N ILE A 293 46.06 -25.70 27.57
CA ILE A 293 45.64 -24.48 28.24
C ILE A 293 46.40 -24.23 29.55
N VAL A 294 46.89 -23.00 29.72
CA VAL A 294 47.57 -22.61 30.96
C VAL A 294 46.76 -21.53 31.65
N ALA A 295 46.24 -21.85 32.83
CA ALA A 295 45.32 -20.96 33.53
C ALA A 295 45.90 -20.49 34.86
N LYS A 296 45.44 -19.32 35.31
CA LYS A 296 45.69 -18.87 36.66
C LYS A 296 44.49 -19.24 37.53
N ILE A 297 44.64 -20.30 38.33
CA ILE A 297 43.48 -20.88 39.03
C ILE A 297 43.24 -20.37 40.45
N LYS A 298 42.02 -19.93 40.69
CA LYS A 298 41.57 -19.69 42.04
C LYS A 298 40.73 -20.87 42.50
N ILE A 299 41.00 -21.32 43.72
CA ILE A 299 40.33 -22.49 44.29
C ILE A 299 39.01 -22.14 44.99
N SER A 300 37.99 -22.96 44.78
CA SER A 300 36.68 -22.71 45.37
C SER A 300 36.69 -22.93 46.88
N ASP A 301 36.75 -24.19 47.29
CA ASP A 301 36.95 -24.55 48.70
C ASP A 301 38.35 -25.13 48.88
N ILE A 302 39.10 -24.56 49.82
CA ILE A 302 40.50 -24.92 50.02
C ILE A 302 40.63 -26.39 50.47
N PHE A 303 39.75 -26.78 51.37
CA PHE A 303 39.86 -28.05 52.09
C PHE A 303 39.40 -29.24 51.26
N LYS A 304 38.52 -28.97 50.30
CA LYS A 304 38.15 -29.98 49.34
C LYS A 304 39.20 -30.05 48.23
N TYR A 305 40.12 -29.09 48.20
CA TYR A 305 41.13 -29.05 47.14
C TYR A 305 42.38 -29.86 47.44
N ASN A 306 42.86 -30.52 46.40
CA ASN A 306 44.09 -31.26 46.49
C ASN A 306 45.04 -30.92 45.35
N LEU A 307 46.33 -30.90 45.67
CA LEU A 307 47.35 -30.43 44.75
C LEU A 307 48.22 -31.53 44.13
N THR A 308 47.83 -32.80 44.30
CA THR A 308 48.57 -33.90 43.69
C THR A 308 48.51 -33.77 42.18
N PRO A 309 49.63 -33.40 41.57
CA PRO A 309 49.73 -33.01 40.17
C PRO A 309 49.34 -34.11 39.17
N LYS A 310 49.11 -33.73 37.91
CA LYS A 310 48.78 -34.66 36.84
C LYS A 310 47.45 -35.33 37.21
N MET A 311 46.43 -34.51 37.39
CA MET A 311 45.17 -34.94 37.97
C MET A 311 44.04 -34.90 36.91
N LYS A 312 43.22 -35.95 36.89
CA LYS A 312 42.20 -36.11 35.85
C LYS A 312 40.89 -35.40 36.16
N VAL A 313 40.61 -34.31 35.48
CA VAL A 313 39.41 -33.53 35.74
C VAL A 313 38.61 -33.23 34.46
N HIS A 314 37.46 -32.59 34.62
CA HIS A 314 36.65 -32.15 33.48
C HIS A 314 36.66 -30.64 33.35
N LEU A 315 37.36 -30.13 32.34
CA LEU A 315 37.51 -28.70 32.15
C LEU A 315 36.38 -28.03 31.33
N ASN A 316 35.73 -27.03 31.92
CA ASN A 316 34.72 -26.23 31.22
C ASN A 316 35.33 -25.04 30.50
N VAL A 317 35.32 -25.10 29.17
CA VAL A 317 35.72 -23.97 28.34
C VAL A 317 34.64 -23.69 27.32
N GLY A 318 34.21 -22.44 27.22
CA GLY A 318 33.14 -22.09 26.32
C GLY A 318 31.88 -22.85 26.69
N MET A 319 31.35 -23.60 25.75
CA MET A 319 30.10 -24.34 25.99
C MET A 319 30.32 -25.84 26.16
N LEU A 320 31.56 -26.29 26.02
CA LEU A 320 31.88 -27.72 26.11
C LEU A 320 32.41 -28.13 27.47
N ILE A 321 32.54 -29.44 27.65
CA ILE A 321 33.14 -30.02 28.84
C ILE A 321 34.09 -31.13 28.38
N VAL A 322 35.38 -30.82 28.35
CA VAL A 322 36.38 -31.81 27.94
C VAL A 322 37.16 -32.35 29.12
N PRO A 323 37.34 -33.68 29.16
CA PRO A 323 38.26 -34.31 30.12
C PRO A 323 39.67 -33.74 29.96
N ALA A 324 40.38 -33.60 31.09
CA ALA A 324 41.70 -32.97 31.09
C ALA A 324 42.62 -33.52 32.16
N VAL A 325 43.88 -33.11 32.06
CA VAL A 325 44.88 -33.44 33.06
C VAL A 325 45.62 -32.17 33.47
N ALA A 326 45.65 -31.92 34.77
CA ALA A 326 46.18 -30.68 35.31
C ALA A 326 47.43 -30.87 36.15
N VAL A 327 48.39 -29.97 36.00
CA VAL A 327 49.59 -29.97 36.82
C VAL A 327 49.81 -28.59 37.44
N PRO A 328 49.42 -28.45 38.71
CA PRO A 328 49.48 -27.18 39.44
C PRO A 328 50.91 -26.70 39.63
N PHE A 329 51.13 -25.40 39.46
CA PHE A 329 52.45 -24.83 39.71
C PHE A 329 52.36 -23.37 40.10
N LYS A 330 53.42 -22.89 40.75
CA LYS A 330 53.53 -21.50 41.13
C LYS A 330 54.68 -20.89 40.35
N LYS A 331 54.68 -19.57 40.22
CA LYS A 331 55.74 -18.88 39.51
C LYS A 331 56.69 -18.26 40.53
N VAL A 332 57.99 -18.47 40.35
CA VAL A 332 59.00 -18.12 41.34
C VAL A 332 60.22 -17.45 40.75
N THR A 333 60.45 -16.21 41.16
CA THR A 333 61.64 -15.47 40.77
C THR A 333 62.76 -15.76 41.77
N PHE A 334 63.87 -16.28 41.29
CA PHE A 334 65.01 -16.64 42.14
C PHE A 334 66.07 -15.54 42.14
N GLY A 335 65.73 -14.40 41.57
CA GLY A 335 66.64 -13.27 41.54
C GLY A 335 67.15 -13.00 40.14
N LYS A 336 67.20 -14.02 39.30
CA LYS A 336 67.61 -13.85 37.91
C LYS A 336 66.50 -14.25 36.96
N THR A 337 66.14 -15.53 36.96
CA THR A 337 65.11 -16.04 36.08
C THR A 337 63.90 -16.54 36.86
N GLU A 338 62.71 -16.22 36.35
CA GLU A 338 61.49 -16.74 36.93
C GLU A 338 61.37 -18.21 36.53
N GLU A 339 60.99 -19.04 37.49
CA GLU A 339 60.83 -20.46 37.22
C GLU A 339 59.42 -20.96 37.51
N ASN A 340 59.00 -21.99 36.79
CA ASN A 340 57.72 -22.63 37.05
C ASN A 340 57.93 -23.82 37.95
N ILE A 341 57.57 -23.65 39.22
CA ILE A 341 57.77 -24.69 40.21
C ILE A 341 56.48 -25.41 40.55
N ILE A 342 56.50 -26.74 40.46
CA ILE A 342 55.38 -27.57 40.87
C ILE A 342 54.98 -27.17 42.29
N LEU A 343 53.68 -27.04 42.53
CA LEU A 343 53.20 -26.45 43.78
C LEU A 343 53.79 -27.14 45.00
N ASN A 344 54.30 -26.32 45.92
CA ASN A 344 54.87 -26.81 47.18
C ASN A 344 53.78 -27.23 48.15
N GLU A 345 52.58 -27.43 47.59
CA GLU A 345 51.36 -27.78 48.32
C GLU A 345 50.87 -26.67 49.25
N VAL A 346 51.67 -25.62 49.40
CA VAL A 346 51.20 -24.44 50.12
C VAL A 346 50.26 -23.68 49.19
N ILE A 347 49.08 -23.33 49.70
CA ILE A 347 48.13 -22.52 48.96
C ILE A 347 48.09 -21.12 49.57
N SER A 348 49.02 -20.88 50.49
CA SER A 348 49.25 -19.54 51.02
C SER A 348 49.94 -18.74 49.92
N GLY A 349 49.33 -17.61 49.55
CA GLY A 349 49.65 -16.96 48.31
C GLY A 349 48.70 -17.55 47.28
N ASN A 350 48.03 -16.70 46.51
CA ASN A 350 46.89 -17.15 45.72
C ASN A 350 47.26 -17.85 44.42
N GLU A 351 48.55 -18.00 44.14
CA GLU A 351 48.96 -18.52 42.84
C GLU A 351 48.81 -20.03 42.71
N TYR A 353 48.78 -21.58 39.16
CA TYR A 353 48.76 -21.77 37.73
C TYR A 353 48.61 -23.25 37.46
N ALA A 355 48.79 -26.01 34.27
CA ALA A 355 48.95 -26.45 32.89
C ALA A 355 47.95 -27.55 32.62
N PHE A 356 46.99 -27.26 31.75
CA PHE A 356 46.00 -28.25 31.35
C PHE A 356 46.37 -28.88 30.02
N GLU A 357 46.11 -30.17 29.91
CA GLU A 357 46.27 -30.85 28.65
C GLU A 357 44.97 -31.58 28.35
N LEU A 358 44.26 -31.08 27.34
CA LEU A 358 42.93 -31.56 27.03
C LEU A 358 42.99 -32.80 26.15
N GLU A 359 42.00 -33.67 26.32
CA GLU A 359 41.88 -34.87 25.50
C GLU A 359 41.23 -34.55 24.16
N GLU A 360 40.23 -33.67 24.18
CA GLU A 360 39.58 -33.19 22.97
C GLU A 360 40.08 -31.77 22.68
N LYS A 361 39.54 -31.15 21.63
CA LYS A 361 39.89 -29.77 21.31
C LYS A 361 38.82 -28.81 21.84
N VAL A 362 39.09 -27.52 21.73
CA VAL A 362 38.23 -26.51 22.35
C VAL A 362 38.51 -25.12 21.76
N LEU A 363 37.51 -24.26 21.73
CA LEU A 363 37.70 -22.91 21.22
C LEU A 363 37.87 -21.89 22.34
N ALA A 364 39.02 -21.22 22.37
CA ALA A 364 39.35 -20.32 23.47
C ALA A 364 40.15 -19.09 23.07
N GLU A 365 40.13 -18.10 23.94
CA GLU A 365 40.89 -16.87 23.77
C GLU A 365 41.60 -16.61 25.11
N VAL A 366 42.68 -15.83 25.07
CA VAL A 366 43.39 -15.48 26.30
C VAL A 366 42.53 -14.55 27.15
N GLY A 367 42.29 -14.94 28.40
CA GLY A 367 41.52 -14.13 29.31
C GLY A 367 40.14 -14.69 29.59
N ASP A 368 39.78 -15.71 28.81
CA ASP A 368 38.50 -16.40 28.98
C ASP A 368 38.48 -17.15 30.31
N ARG A 369 37.42 -16.93 31.09
CA ARG A 369 37.23 -17.64 32.35
C ARG A 369 37.02 -19.13 32.11
N VAL A 370 37.77 -19.94 32.85
CA VAL A 370 37.74 -21.39 32.72
C VAL A 370 37.28 -22.00 34.05
N LEU A 371 36.49 -23.07 33.97
CA LEU A 371 35.89 -23.64 35.17
C LEU A 371 36.25 -25.10 35.31
N ILE A 372 36.97 -25.45 36.38
CA ILE A 372 37.36 -26.84 36.58
C ILE A 372 36.30 -27.55 37.39
N THR A 373 35.73 -28.59 36.81
CA THR A 373 34.72 -29.35 37.52
C THR A 373 35.13 -30.80 37.67
N ARG A 374 34.49 -31.47 38.61
CA ARG A 374 34.54 -32.93 38.67
C ARG A 374 33.10 -33.40 38.60
N LEU A 375 32.61 -33.63 37.38
CA LEU A 375 31.22 -33.98 37.16
C LEU A 375 31.03 -35.49 37.10
N ASP A 376 32.13 -36.23 37.23
CA ASP A 376 32.07 -37.68 37.32
C ASP A 376 31.28 -38.07 38.57
N LEU A 377 31.54 -37.35 39.65
CA LEU A 377 30.89 -37.61 40.93
C LEU A 377 29.38 -37.49 40.82
N PRO A 378 28.65 -38.21 41.70
CA PRO A 378 27.19 -38.09 41.78
C PRO A 378 26.77 -36.65 42.04
N PRO A 379 25.55 -36.29 41.63
CA PRO A 379 25.04 -34.93 41.81
C PRO A 379 24.82 -34.59 43.28
N THR A 380 24.96 -35.58 44.16
CA THR A 380 24.66 -35.39 45.58
C THR A 380 25.75 -34.64 46.34
N THR A 381 26.89 -34.43 45.71
CA THR A 381 28.00 -33.73 46.35
C THR A 381 28.51 -32.59 45.46
N LEU A 382 28.90 -31.48 46.10
CA LEU A 382 29.42 -30.29 45.43
C LEU A 382 30.52 -30.66 44.42
N ARG A 383 30.38 -30.17 43.19
CA ARG A 383 31.19 -30.66 42.08
C ARG A 383 32.15 -29.66 41.42
N ILE A 384 32.41 -28.53 42.07
CA ILE A 384 33.29 -27.53 41.47
C ILE A 384 34.71 -27.54 42.09
N GLY A 386 37.07 -25.62 41.40
CA GLY A 386 37.58 -24.28 41.13
C GLY A 386 37.32 -23.58 39.78
N HIS A 387 38.11 -22.54 39.50
CA HIS A 387 37.92 -21.69 38.34
C HIS A 387 39.15 -20.82 38.07
N GLY A 388 39.27 -20.30 36.85
CA GLY A 388 40.42 -19.48 36.53
C GLY A 388 40.41 -18.78 35.17
N LEU A 389 41.31 -17.83 35.02
CA LEU A 389 41.49 -17.10 33.77
C LEU A 389 42.57 -17.78 32.94
N ILE A 390 42.36 -17.85 31.63
CA ILE A 390 43.35 -18.44 30.74
C ILE A 390 44.47 -17.44 30.47
N GLU A 391 45.67 -17.77 30.92
CA GLU A 391 46.82 -16.89 30.77
C GLU A 391 47.54 -17.16 29.45
N GLU A 392 47.84 -18.44 29.19
CA GLU A 392 48.56 -18.85 27.98
C GLU A 392 48.02 -20.18 27.44
N PHE A 393 48.28 -20.42 26.16
CA PHE A 393 48.06 -21.75 25.56
C PHE A 393 49.43 -22.37 25.33
N LYS A 394 49.84 -23.27 26.22
CA LYS A 394 51.20 -23.78 26.19
C LYS A 394 51.28 -25.15 26.85
N PRO A 395 52.00 -26.10 26.22
CA PRO A 395 52.18 -27.43 26.79
C PRO A 395 53.07 -27.31 28.02
N ILE A 396 52.93 -28.25 28.96
CA ILE A 396 53.80 -28.30 30.13
C ILE A 396 55.24 -28.38 29.69
N LYS A 397 55.47 -29.13 28.61
CA LYS A 397 56.83 -29.40 28.14
C LYS A 397 57.62 -28.14 27.79
N ASP A 398 56.92 -27.03 27.59
CA ASP A 398 57.57 -25.78 27.21
C ASP A 398 57.68 -24.79 28.37
N LEU A 399 56.75 -24.90 29.31
CA LEU A 399 56.77 -24.10 30.52
C LEU A 399 57.97 -24.44 31.40
N ASN A 400 58.68 -25.51 31.06
CA ASN A 400 59.91 -25.89 31.75
C ASN A 400 59.75 -26.14 33.24
N ILE A 401 58.79 -26.99 33.58
CA ILE A 401 58.44 -27.24 34.97
C ILE A 401 59.63 -27.74 35.79
N LYS A 402 59.70 -27.34 37.05
CA LYS A 402 60.82 -27.70 37.92
C LYS A 402 60.37 -27.97 39.35
N LYS A 403 60.94 -29.02 39.94
CA LYS A 403 60.67 -29.38 41.32
C LYS A 403 61.63 -28.70 42.31
N GLU A 404 61.06 -27.90 43.22
CA GLU A 404 61.82 -27.39 44.35
C GLU A 404 62.16 -28.59 45.22
N VAL A 405 63.45 -28.79 45.48
CA VAL A 405 63.91 -30.00 46.18
C VAL A 405 64.64 -29.72 47.49
N LEU A 406 64.12 -30.32 48.57
CA LEU A 406 64.65 -30.10 49.91
C LEU A 406 64.75 -31.43 50.67
N ARG A 407 65.95 -31.73 51.15
CA ARG A 407 66.15 -32.86 52.03
C ARG A 407 66.69 -32.27 53.34
N GLU A 408 66.49 -32.94 54.47
CA GLU A 408 66.95 -32.39 55.74
C GLU A 408 67.75 -33.36 56.63
N GLY A 409 68.97 -32.98 56.95
CA GLY A 409 69.80 -33.74 57.86
C GLY A 409 70.15 -32.95 59.11
N LYS A 410 70.86 -33.59 60.03
CA LYS A 410 71.37 -32.90 61.23
C LYS A 410 72.88 -33.09 61.37
N VAL A 411 73.53 -32.15 62.06
CA VAL A 411 74.96 -32.25 62.31
C VAL A 411 75.21 -33.01 63.61
N LYS A 412 75.80 -34.21 63.50
CA LYS A 412 76.24 -34.94 64.68
C LYS A 412 77.76 -34.84 64.78
N ILE A 413 78.25 -34.39 65.93
CA ILE A 413 79.68 -34.19 66.11
C ILE A 413 80.21 -34.87 67.38
N ASP A 414 81.09 -35.85 67.18
CA ASP A 414 81.77 -36.51 68.27
C ASP A 414 83.05 -35.75 68.53
N LYS A 415 83.98 -36.35 69.27
CA LYS A 415 85.25 -35.72 69.51
C LYS A 415 85.98 -35.55 68.18
N GLY A 416 86.19 -34.30 67.79
CA GLY A 416 87.01 -33.99 66.63
C GLY A 416 86.46 -34.33 65.26
N ARG A 417 85.28 -34.94 65.18
CA ARG A 417 84.71 -35.21 63.87
C ARG A 417 83.26 -34.76 63.70
N THR A 418 83.01 -34.05 62.60
CA THR A 418 81.67 -33.60 62.27
C THR A 418 81.08 -34.46 61.15
N VAL A 419 79.88 -34.96 61.37
CA VAL A 419 79.22 -35.83 60.41
C VAL A 419 77.73 -35.49 60.25
N ILE A 420 77.30 -35.22 59.02
CA ILE A 420 75.91 -34.87 58.74
C ILE A 420 75.07 -36.11 58.47
N ASP A 421 73.91 -36.18 59.10
CA ASP A 421 73.11 -37.41 59.10
C ASP A 421 71.67 -37.16 58.70
N GLY A 422 71.16 -37.99 57.79
CA GLY A 422 69.76 -37.92 57.40
C GLY A 422 69.51 -37.44 55.98
N LEU A 423 70.56 -36.94 55.34
CA LEU A 423 70.50 -36.51 53.95
C LEU A 423 70.52 -37.71 53.02
N ALA A 424 70.96 -38.85 53.54
CA ALA A 424 71.10 -40.05 52.74
C ALA A 424 70.86 -41.32 53.53
N GLN A 425 70.19 -42.27 52.90
CA GLN A 425 69.83 -43.54 53.51
C GLN A 425 70.98 -44.56 53.54
N SER A 426 71.80 -44.58 52.49
CA SER A 426 72.93 -45.51 52.42
C SER A 426 74.13 -44.90 51.73
N LYS A 427 75.20 -45.69 51.61
CA LYS A 427 76.47 -45.16 51.13
C LYS A 427 76.40 -44.69 49.68
N VAL A 428 75.67 -45.41 48.85
CA VAL A 428 75.53 -45.06 47.43
C VAL A 428 74.73 -43.77 47.25
N ALA A 429 73.66 -43.63 48.03
CA ALA A 429 72.82 -42.45 47.96
C ALA A 429 73.62 -41.23 48.40
N ALA A 430 74.50 -41.45 49.38
CA ALA A 430 75.30 -40.39 49.96
C ALA A 430 76.34 -39.87 48.97
N GLU A 431 76.97 -40.78 48.23
CA GLU A 431 78.04 -40.43 47.29
C GLU A 431 77.52 -39.58 46.14
N LYS A 432 76.23 -39.70 45.87
CA LYS A 432 75.56 -38.91 44.85
C LYS A 432 75.50 -37.45 45.29
N LEU A 433 75.61 -37.24 46.59
CA LEU A 433 75.43 -35.90 47.18
C LEU A 433 76.75 -35.15 47.35
N ILE A 434 77.87 -35.81 47.09
CA ILE A 434 79.17 -35.16 47.29
C ILE A 434 79.38 -34.01 46.30
N GLY A 435 79.69 -32.83 46.83
CA GLY A 435 79.87 -31.64 46.02
C GLY A 435 78.63 -30.75 45.93
N GLU A 436 77.60 -31.07 46.71
CA GLU A 436 76.35 -30.30 46.66
C GLU A 436 76.37 -29.07 47.58
N GLU A 437 75.28 -28.31 47.53
CA GLU A 437 75.15 -27.10 48.35
C GLU A 437 74.41 -27.39 49.65
N ILE A 438 75.03 -26.97 50.75
CA ILE A 438 74.44 -27.17 52.06
C ILE A 438 74.50 -25.87 52.87
N SER A 439 73.39 -25.52 53.51
CA SER A 439 73.37 -24.39 54.43
C SER A 439 72.82 -24.86 55.78
N ILE A 440 73.02 -24.05 56.82
CA ILE A 440 72.50 -24.39 58.15
C ILE A 440 71.40 -23.43 58.63
N GLU A 441 70.24 -24.00 58.92
CA GLU A 441 69.03 -23.26 59.24
C GLU A 441 69.18 -22.32 60.44
N GLY A 442 68.89 -21.04 60.23
CA GLY A 442 68.88 -20.06 61.30
C GLY A 442 70.21 -19.40 61.59
N LYS A 443 71.31 -20.02 61.17
CA LYS A 443 72.64 -19.53 61.54
C LYS A 443 73.35 -18.70 60.48
N ASP A 444 72.70 -18.51 59.34
CA ASP A 444 73.22 -17.66 58.26
C ASP A 444 74.65 -18.05 57.90
N ILE A 445 74.81 -19.27 57.42
CA ILE A 445 76.13 -19.85 57.20
C ILE A 445 76.09 -20.85 56.05
N VAL A 446 77.21 -20.96 55.33
CA VAL A 446 77.26 -21.80 54.14
C VAL A 446 78.35 -22.85 54.21
N GLY A 447 78.24 -23.87 53.34
CA GLY A 447 79.22 -24.94 53.27
C GLY A 447 79.02 -25.87 52.08
N LYS A 448 79.98 -26.77 51.87
CA LYS A 448 79.91 -27.74 50.77
C LYS A 448 80.23 -29.15 51.27
N ILE A 449 79.52 -30.14 50.73
CA ILE A 449 79.61 -31.52 51.21
C ILE A 449 80.63 -32.36 50.40
N LYS A 450 81.69 -32.80 51.07
CA LYS A 450 82.86 -33.35 50.40
C LYS A 450 82.87 -34.87 50.16
N GLY A 451 82.63 -35.65 51.22
CA GLY A 451 82.73 -37.10 51.11
C GLY A 451 81.70 -37.89 51.90
N THR A 452 81.83 -39.22 51.85
CA THR A 452 80.94 -40.14 52.53
C THR A 452 81.63 -40.78 53.75
N PHE A 453 80.86 -40.98 54.81
CA PHE A 453 81.34 -41.69 55.99
C PHE A 453 80.40 -42.85 56.30
N GLY A 454 80.94 -44.07 56.30
CA GLY A 454 80.20 -45.23 56.76
C GLY A 454 79.26 -45.86 55.75
N THR A 455 78.67 -46.98 56.16
CA THR A 455 77.80 -47.78 55.31
C THR A 455 76.32 -47.39 55.47
N LYS A 456 76.02 -46.57 56.46
CA LYS A 456 74.65 -46.21 56.78
C LYS A 456 74.25 -44.89 56.13
N GLY A 457 75.15 -44.32 55.33
CA GLY A 457 74.82 -43.13 54.56
C GLY A 457 75.10 -41.80 55.23
N LEU A 458 76.04 -41.80 56.17
CA LEU A 458 76.46 -40.55 56.78
C LEU A 458 77.35 -39.79 55.80
N LEU A 459 77.56 -38.50 56.07
CA LEU A 459 78.27 -37.63 55.15
C LEU A 459 79.23 -36.72 55.90
N THR A 460 80.19 -36.19 55.17
CA THR A 460 81.12 -35.21 55.73
C THR A 460 81.07 -33.95 54.90
N ALA A 461 81.37 -32.81 55.51
CA ALA A 461 81.34 -31.55 54.79
C ALA A 461 82.33 -30.52 55.33
N GLU A 462 82.74 -29.62 54.46
CA GLU A 462 83.53 -28.45 54.83
C GLU A 462 82.63 -27.22 54.78
N PHE A 463 82.25 -26.72 55.96
CA PHE A 463 81.49 -25.47 56.04
C PHE A 463 82.24 -24.45 56.87
N SER A 464 81.75 -23.22 56.87
CA SER A 464 82.30 -22.16 57.70
C SER A 464 82.25 -22.60 59.15
N GLY A 465 83.21 -22.15 59.95
CA GLY A 465 83.32 -22.56 61.35
C GLY A 465 82.10 -22.23 62.20
N ASN A 466 82.22 -22.50 63.50
CA ASN A 466 81.14 -22.27 64.45
C ASN A 466 79.92 -23.15 64.21
N VAL A 467 80.16 -24.39 63.77
CA VAL A 467 79.12 -25.38 63.63
C VAL A 467 78.95 -26.09 64.96
N GLU A 468 77.72 -26.45 65.31
CA GLU A 468 77.46 -27.06 66.60
C GLU A 468 76.66 -28.36 66.47
N ASN A 469 76.68 -29.15 67.53
CA ASN A 469 75.97 -30.42 67.55
C ASN A 469 74.47 -30.23 67.41
N ARG A 470 73.81 -31.19 66.79
CA ARG A 470 72.36 -31.13 66.55
C ARG A 470 71.91 -29.91 65.75
N ASP A 471 72.78 -29.42 64.87
CA ASP A 471 72.43 -28.33 63.96
C ASP A 471 71.58 -28.86 62.80
N LYS A 472 70.85 -27.97 62.13
CA LYS A 472 70.00 -28.38 61.01
C LYS A 472 70.67 -28.12 59.67
N VAL A 473 70.73 -29.15 58.84
CA VAL A 473 71.33 -29.02 57.51
C VAL A 473 70.27 -29.08 56.41
N ILE A 474 70.16 -27.99 55.66
CA ILE A 474 69.17 -27.88 54.58
C ILE A 474 69.81 -28.01 53.19
N LEU A 475 69.56 -29.15 52.54
CA LEU A 475 70.00 -29.38 51.18
C LEU A 475 69.00 -28.72 50.24
N ASN A 476 69.51 -28.04 49.21
CA ASN A 476 68.64 -27.26 48.33
C ASN A 476 69.05 -27.35 46.87
N ARG A 477 68.12 -27.77 46.03
CA ARG A 477 68.39 -27.91 44.59
C ARG A 477 67.11 -27.93 43.75
N LEU A 478 67.26 -27.69 42.45
CA LEU A 478 66.14 -27.73 41.52
C LEU A 478 66.14 -29.03 40.72
N ARG A 479 64.95 -29.55 40.44
CA ARG A 479 64.82 -30.84 39.76
C ARG A 479 64.00 -30.73 38.48
N ARG A 480 64.13 -31.74 37.62
CA ARG A 480 63.28 -31.85 36.44
C ARG A 480 62.04 -32.62 36.87
N TRP A 481 60.90 -31.95 36.90
CA TRP A 481 59.70 -32.59 37.39
C TRP A 481 58.97 -33.40 36.32
N GLY A 482 58.71 -34.67 36.62
CA GLY A 482 57.92 -35.52 35.75
C GLY A 482 58.42 -35.65 34.33
N MET B 15 -2.64 21.53 -23.56
CA MET B 15 -1.43 20.75 -23.32
C MET B 15 -1.64 19.25 -23.60
N ASP B 16 -0.54 18.54 -23.73
CA ASP B 16 -0.56 17.10 -24.04
C ASP B 16 -0.18 16.29 -22.81
N PHE B 17 -1.15 15.62 -22.19
CA PHE B 17 -0.91 14.96 -20.91
C PHE B 17 -0.77 13.44 -20.99
N LYS B 18 0.26 12.91 -20.32
CA LYS B 18 0.32 11.47 -20.07
C LYS B 18 -0.33 11.13 -18.73
N ASN B 19 -1.09 10.05 -18.69
CA ASN B 19 -1.81 9.63 -17.50
C ASN B 19 -1.07 8.56 -16.70
N ILE B 20 -0.65 8.92 -15.50
CA ILE B 20 0.24 8.05 -14.73
C ILE B 20 -0.41 7.53 -13.46
N ASN B 21 -0.11 6.27 -13.15
CA ASN B 21 -0.49 5.70 -11.88
C ASN B 21 0.71 5.38 -10.99
N LEU B 22 0.86 6.14 -9.91
CA LEU B 22 2.05 6.07 -9.08
C LEU B 22 1.74 5.48 -7.71
N GLY B 23 2.42 4.39 -7.35
CA GLY B 23 2.11 3.68 -6.11
C GLY B 23 3.05 4.00 -4.96
N ILE B 24 2.52 4.01 -3.73
CA ILE B 24 3.27 4.32 -2.51
C ILE B 24 3.37 3.09 -1.59
N PHE B 25 4.57 2.68 -1.23
CA PHE B 25 4.73 1.49 -0.39
C PHE B 25 5.65 1.67 0.82
N GLY B 26 5.57 0.74 1.76
CA GLY B 26 6.45 0.78 2.91
C GLY B 26 5.77 0.30 4.17
N HIS B 27 6.55 0.16 5.23
CA HIS B 27 6.01 -0.22 6.52
C HIS B 27 5.04 0.86 6.95
N ILE B 28 3.97 0.46 7.63
CA ILE B 28 3.09 1.45 8.23
C ILE B 28 3.94 2.11 9.31
N ASP B 29 3.71 3.40 9.52
CA ASP B 29 4.49 4.25 10.45
C ASP B 29 5.79 4.79 9.85
N HIS B 30 6.02 4.53 8.56
CA HIS B 30 7.23 4.99 7.88
C HIS B 30 7.02 6.22 6.98
N GLY B 31 5.84 6.83 7.06
CA GLY B 31 5.61 8.09 6.38
C GLY B 31 5.01 8.03 5.00
N LYS B 32 4.21 7.00 4.73
CA LYS B 32 3.47 6.87 3.46
C LYS B 32 2.40 7.97 3.30
N THR B 33 1.38 7.96 4.14
CA THR B 33 0.27 8.90 3.99
C THR B 33 0.68 10.36 4.13
N THR B 34 1.92 10.59 4.55
CA THR B 34 2.45 11.95 4.62
C THR B 34 3.09 12.32 3.31
N LEU B 35 3.84 11.38 2.74
CA LEU B 35 4.39 11.52 1.41
C LEU B 35 3.28 11.85 0.43
N SER B 36 2.16 11.15 0.56
CA SER B 36 1.00 11.40 -0.29
C SER B 36 0.49 12.83 -0.13
N LYS B 37 0.21 13.20 1.11
CA LYS B 37 -0.30 14.53 1.41
C LYS B 37 0.66 15.58 0.91
N VAL B 38 1.96 15.31 1.05
CA VAL B 38 2.99 16.24 0.59
C VAL B 38 2.92 16.45 -0.92
N LEU B 39 3.04 15.36 -1.69
CA LEU B 39 2.99 15.42 -3.16
C LEU B 39 1.73 16.09 -3.67
N THR B 40 0.60 15.70 -3.10
CA THR B 40 -0.70 16.22 -3.48
C THR B 40 -0.80 17.74 -3.49
N GLU B 41 -0.71 18.37 -2.32
CA GLU B 41 -1.16 19.75 -2.21
C GLU B 41 -0.17 20.83 -2.64
N ILE B 42 1.01 20.42 -3.11
CA ILE B 42 1.92 21.39 -3.72
C ILE B 42 1.58 21.61 -5.19
N ALA B 43 1.46 20.49 -5.92
CA ALA B 43 1.04 20.49 -7.32
C ALA B 43 1.67 21.60 -8.17
N LYS B 56 -7.08 23.27 9.44
CA LYS B 56 -6.51 23.11 8.11
C LYS B 56 -6.47 21.64 7.68
N ARG B 57 -7.19 20.80 8.40
CA ARG B 57 -7.23 19.37 8.09
C ARG B 57 -8.49 19.02 7.29
N GLY B 58 -8.30 18.25 6.23
CA GLY B 58 -9.37 17.92 5.30
C GLY B 58 -10.50 17.08 5.89
N ILE B 59 -11.72 17.40 5.47
CA ILE B 59 -12.91 16.66 5.88
C ILE B 59 -13.38 15.79 4.69
N THR B 60 -12.64 15.85 3.59
CA THR B 60 -13.06 15.19 2.35
C THR B 60 -12.76 13.69 2.34
N ILE B 61 -13.69 12.88 1.85
CA ILE B 61 -13.52 11.42 1.84
C ILE B 61 -12.37 11.00 0.97
N ASP B 62 -11.90 9.77 1.17
CA ASP B 62 -10.83 9.23 0.34
C ASP B 62 -11.10 7.83 -0.16
N ILE B 63 -11.42 7.73 -1.45
CA ILE B 63 -11.60 6.45 -2.08
C ILE B 63 -10.54 6.25 -3.16
N GLY B 64 -9.46 7.01 -3.09
CA GLY B 64 -8.26 6.68 -3.85
C GLY B 64 -8.00 7.52 -5.08
N PHE B 65 -8.52 8.72 -5.06
CA PHE B 65 -8.41 9.59 -6.21
C PHE B 65 -7.46 10.76 -5.94
N SER B 66 -6.56 10.58 -4.96
CA SER B 66 -5.58 11.61 -4.65
C SER B 66 -4.69 11.79 -5.85
N ALA B 67 -4.54 13.02 -6.30
CA ALA B 67 -3.83 13.28 -7.55
C ALA B 67 -3.15 14.63 -7.65
N PHE B 68 -2.19 14.71 -8.55
CA PHE B 68 -1.45 15.93 -8.80
C PHE B 68 -0.83 15.91 -10.19
N LYS B 69 -0.41 17.09 -10.66
CA LYS B 69 0.29 17.19 -11.93
C LYS B 69 1.76 17.54 -11.75
N LEU B 70 2.63 16.80 -12.44
CA LEU B 70 4.03 17.17 -12.56
C LEU B 70 4.32 17.39 -14.03
N GLU B 71 4.64 18.63 -14.38
CA GLU B 71 4.84 18.98 -15.78
C GLU B 71 3.64 18.52 -16.60
N ASN B 72 3.89 17.55 -17.48
CA ASN B 72 2.83 17.06 -18.35
C ASN B 72 2.15 15.80 -17.81
N TYR B 73 2.71 15.20 -16.78
CA TYR B 73 2.11 14.01 -16.19
C TYR B 73 0.91 14.36 -15.32
N ARG B 74 -0.20 13.65 -15.52
CA ARG B 74 -1.30 13.67 -14.58
C ARG B 74 -1.17 12.43 -13.73
N ILE B 75 -0.90 12.63 -12.45
CA ILE B 75 -0.59 11.51 -11.57
C ILE B 75 -1.65 11.23 -10.52
N THR B 76 -2.36 10.11 -10.66
CA THR B 76 -3.16 9.58 -9.58
C THR B 76 -2.29 8.63 -8.74
N LEU B 77 -2.39 8.73 -7.43
CA LEU B 77 -1.62 7.88 -6.53
C LEU B 77 -2.34 6.59 -6.15
N VAL B 78 -1.59 5.50 -6.06
CA VAL B 78 -2.09 4.25 -5.50
C VAL B 78 -1.69 4.21 -4.04
N ASP B 79 -2.62 4.61 -3.18
CA ASP B 79 -2.37 4.68 -1.75
C ASP B 79 -3.47 3.98 -0.98
N ALA B 80 -3.12 2.87 -0.34
CA ALA B 80 -4.08 2.16 0.48
C ALA B 80 -3.55 2.12 1.91
N PRO B 81 -4.45 2.16 2.89
CA PRO B 81 -4.04 2.11 4.28
C PRO B 81 -3.38 0.78 4.63
N GLY B 82 -4.06 -0.33 4.34
CA GLY B 82 -3.64 -1.65 4.79
C GLY B 82 -2.42 -2.24 4.13
N HIS B 83 -1.92 -3.32 4.67
CA HIS B 83 -0.80 -4.03 4.06
C HIS B 83 -1.35 -4.99 3.02
N ALA B 84 -2.42 -5.68 3.37
CA ALA B 84 -3.07 -6.58 2.43
C ALA B 84 -3.76 -5.77 1.33
N ASP B 85 -4.47 -4.71 1.73
CA ASP B 85 -5.10 -3.78 0.78
C ASP B 85 -4.15 -3.33 -0.33
N LEU B 86 -2.97 -2.88 0.07
CA LEU B 86 -1.99 -2.38 -0.86
C LEU B 86 -1.55 -3.52 -1.74
N ILE B 87 -1.44 -4.71 -1.16
CA ILE B 87 -0.96 -5.85 -1.93
C ILE B 87 -1.96 -6.25 -3.00
N ARG B 88 -3.23 -6.37 -2.62
CA ARG B 88 -4.32 -6.61 -3.57
C ARG B 88 -4.26 -5.60 -4.72
N ALA B 89 -4.11 -4.33 -4.37
CA ALA B 89 -3.98 -3.25 -5.34
C ALA B 89 -2.95 -3.57 -6.41
N VAL B 90 -1.77 -3.98 -5.98
CA VAL B 90 -0.68 -4.22 -6.92
C VAL B 90 -1.00 -5.39 -7.85
N VAL B 91 -1.41 -6.52 -7.29
CA VAL B 91 -1.76 -7.67 -8.11
C VAL B 91 -2.86 -7.31 -9.12
N SER B 92 -3.82 -6.50 -8.67
CA SER B 92 -4.93 -6.07 -9.52
C SER B 92 -4.51 -5.02 -10.56
N ALA B 93 -3.87 -3.96 -10.12
CA ALA B 93 -3.53 -2.88 -11.03
C ALA B 93 -2.10 -2.90 -11.57
N ALA B 94 -1.48 -4.08 -11.61
CA ALA B 94 -0.06 -4.17 -11.97
C ALA B 94 0.25 -3.65 -13.38
N ASP B 95 -0.61 -3.96 -14.34
CA ASP B 95 -0.46 -3.51 -15.72
C ASP B 95 -0.50 -1.99 -15.82
N ILE B 96 -1.22 -1.37 -14.91
CA ILE B 96 -1.45 0.06 -14.88
C ILE B 96 -0.40 0.85 -14.07
N ILE B 97 0.20 0.24 -13.06
CA ILE B 97 1.11 0.98 -12.16
C ILE B 97 2.46 1.31 -12.81
N ASP B 98 2.70 2.60 -13.03
CA ASP B 98 3.86 3.07 -13.77
C ASP B 98 5.16 3.14 -12.95
N LEU B 99 5.05 3.55 -11.69
CA LEU B 99 6.21 3.80 -10.84
C LEU B 99 5.77 3.73 -9.40
N ALA B 100 6.66 3.23 -8.53
CA ALA B 100 6.33 3.07 -7.13
C ALA B 100 7.39 3.68 -6.24
N LEU B 101 6.95 4.36 -5.20
CA LEU B 101 7.84 4.83 -4.15
C LEU B 101 7.75 3.89 -2.96
N ILE B 102 8.87 3.26 -2.59
CA ILE B 102 8.89 2.57 -1.30
C ILE B 102 9.48 3.50 -0.25
N VAL B 103 8.76 3.70 0.85
CA VAL B 103 9.34 4.47 1.94
C VAL B 103 9.95 3.62 3.06
N VAL B 104 11.13 4.03 3.47
CA VAL B 104 11.84 3.38 4.55
C VAL B 104 12.29 4.44 5.56
N ASP B 105 12.03 4.20 6.84
CA ASP B 105 12.36 5.18 7.87
C ASP B 105 13.87 5.35 8.04
N ALA B 106 14.32 6.60 8.10
CA ALA B 106 15.74 6.92 8.25
C ALA B 106 16.39 6.15 9.39
N LYS B 107 15.79 6.25 10.58
CA LYS B 107 16.31 5.62 11.79
C LYS B 107 16.09 4.10 11.90
N GLU B 108 14.83 3.67 11.91
CA GLU B 108 14.48 2.25 12.04
C GLU B 108 14.98 1.43 10.86
N GLY B 109 15.02 2.06 9.69
CA GLY B 109 15.38 1.37 8.46
C GLY B 109 14.33 0.34 8.07
N PRO B 110 14.66 -0.49 7.07
CA PRO B 110 13.75 -1.47 6.47
C PRO B 110 13.14 -2.40 7.50
N LYS B 111 11.96 -2.90 7.19
CA LYS B 111 11.27 -3.88 8.01
C LYS B 111 10.65 -4.94 7.10
N THR B 112 10.13 -6.00 7.70
CA THR B 112 9.59 -7.14 6.95
C THR B 112 8.55 -6.72 5.93
N GLN B 113 7.68 -5.80 6.31
CA GLN B 113 6.70 -5.25 5.37
C GLN B 113 7.36 -4.51 4.19
N THR B 114 8.41 -3.73 4.45
CA THR B 114 9.09 -3.00 3.36
C THR B 114 9.80 -3.98 2.45
N GLY B 115 10.01 -5.20 2.93
CA GLY B 115 10.62 -6.24 2.15
C GLY B 115 9.61 -6.91 1.24
N GLU B 116 8.45 -7.23 1.79
CA GLU B 116 7.38 -7.87 1.02
C GLU B 116 6.98 -7.00 -0.16
N HIS B 117 6.95 -5.69 0.03
CA HIS B 117 6.61 -4.77 -1.05
C HIS B 117 7.71 -4.72 -2.10
N MET B 118 8.97 -4.72 -1.66
CA MET B 118 10.09 -4.75 -2.57
C MET B 118 10.06 -5.99 -3.44
N LEU B 119 9.78 -7.13 -2.82
CA LEU B 119 9.66 -8.39 -3.53
C LEU B 119 8.53 -8.36 -4.56
N ILE B 120 7.39 -7.79 -4.17
CA ILE B 120 6.24 -7.74 -5.06
C ILE B 120 6.50 -6.86 -6.28
N LEU B 121 7.05 -5.68 -6.05
CA LEU B 121 7.34 -4.76 -7.13
C LEU B 121 8.39 -5.34 -8.06
N ASP B 122 9.32 -6.12 -7.50
CA ASP B 122 10.36 -6.74 -8.29
C ASP B 122 9.77 -7.82 -9.19
N HIS B 123 8.86 -8.61 -8.63
CA HIS B 123 8.20 -9.66 -9.41
C HIS B 123 7.34 -9.07 -10.54
N PHE B 124 6.67 -7.96 -10.26
CA PHE B 124 5.81 -7.32 -11.25
C PHE B 124 6.57 -6.30 -12.09
N ASN B 125 7.90 -6.35 -12.02
CA ASN B 125 8.77 -5.53 -12.86
C ASN B 125 8.36 -4.06 -12.87
N ILE B 126 7.87 -3.58 -11.74
CA ILE B 126 7.50 -2.18 -11.60
C ILE B 126 8.71 -1.39 -11.10
N PRO B 127 9.08 -0.31 -11.81
CA PRO B 127 10.24 0.50 -11.45
C PRO B 127 10.01 1.31 -10.18
N ILE B 128 11.02 1.39 -9.33
CA ILE B 128 10.86 2.04 -8.02
C ILE B 128 11.87 3.11 -7.68
N ILE B 129 11.48 3.91 -6.69
CA ILE B 129 12.36 4.86 -6.02
C ILE B 129 12.24 4.63 -4.52
N VAL B 130 13.37 4.28 -3.90
CA VAL B 130 13.44 4.16 -2.45
C VAL B 130 13.42 5.58 -1.88
N VAL B 131 12.46 5.84 -1.01
CA VAL B 131 12.33 7.18 -0.43
C VAL B 131 12.46 7.09 1.07
N ILE B 132 13.57 7.62 1.59
CA ILE B 132 13.86 7.57 3.01
C ILE B 132 13.25 8.78 3.72
N THR B 133 12.23 8.52 4.53
CA THR B 133 11.47 9.58 5.21
C THR B 133 11.94 9.84 6.64
N LYS B 134 11.36 10.87 7.25
CA LYS B 134 11.74 11.35 8.57
C LYS B 134 13.24 11.57 8.71
N SER B 135 13.80 12.36 7.80
CA SER B 135 15.23 12.64 7.78
C SER B 135 15.50 13.74 8.78
N ASP B 136 14.41 14.37 9.24
CA ASP B 136 14.52 15.42 10.22
C ASP B 136 14.70 14.80 11.60
N ASN B 137 14.58 13.49 11.66
CA ASN B 137 14.71 12.76 12.91
C ASN B 137 16.05 12.06 13.02
N ALA B 138 16.86 12.18 11.98
CA ALA B 138 18.17 11.52 11.97
C ALA B 138 19.31 12.46 11.61
N GLY B 139 20.52 11.93 11.71
CA GLY B 139 21.73 12.68 11.42
C GLY B 139 22.18 12.42 10.01
N THR B 140 23.18 13.18 9.57
CA THR B 140 23.65 13.08 8.19
C THR B 140 24.25 11.72 7.89
N GLU B 141 25.10 11.22 8.78
CA GLU B 141 25.71 9.92 8.55
C GLU B 141 24.71 8.80 8.75
N GLU B 142 23.79 9.01 9.69
CA GLU B 142 22.80 8.01 10.06
C GLU B 142 21.91 7.67 8.87
N ILE B 143 21.50 8.71 8.16
CA ILE B 143 20.72 8.56 6.94
C ILE B 143 21.51 7.79 5.89
N LYS B 144 22.79 8.15 5.74
CA LYS B 144 23.66 7.47 4.79
C LYS B 144 23.75 5.97 5.05
N ARG B 145 23.73 5.57 6.32
CA ARG B 145 23.79 4.15 6.67
C ARG B 145 22.60 3.41 6.09
N THR B 146 21.40 3.91 6.41
CA THR B 146 20.17 3.25 5.97
C THR B 146 20.12 3.19 4.45
N GLU B 147 20.58 4.24 3.79
CA GLU B 147 20.66 4.29 2.33
C GLU B 147 21.55 3.19 1.76
N MET B 148 22.79 3.12 2.23
CA MET B 148 23.72 2.05 1.82
C MET B 148 23.13 0.68 2.03
N ILE B 149 22.26 0.55 3.03
CA ILE B 149 21.65 -0.74 3.34
C ILE B 149 20.71 -1.12 2.22
N MET B 150 19.89 -0.16 1.82
CA MET B 150 18.92 -0.41 0.77
C MET B 150 19.61 -0.69 -0.55
N LYS B 151 20.63 0.11 -0.89
CA LYS B 151 21.42 -0.15 -2.08
C LYS B 151 21.89 -1.61 -2.09
N SER B 152 22.38 -2.06 -0.94
CA SER B 152 22.88 -3.42 -0.80
C SER B 152 21.75 -4.46 -0.80
N ILE B 153 20.55 -4.02 -0.45
CA ILE B 153 19.40 -4.89 -0.53
C ILE B 153 18.94 -5.00 -1.99
N LEU B 154 18.89 -3.86 -2.66
CA LEU B 154 18.49 -3.80 -4.05
C LEU B 154 19.34 -4.69 -4.95
N GLN B 155 20.63 -4.81 -4.64
CA GLN B 155 21.52 -5.56 -5.52
C GLN B 155 21.26 -7.06 -5.52
N SER B 156 20.46 -7.53 -4.57
CA SER B 156 20.05 -8.93 -4.55
C SER B 156 18.66 -9.06 -5.17
N THR B 157 18.19 -7.96 -5.74
CA THR B 157 16.86 -7.92 -6.34
C THR B 157 17.00 -8.06 -7.84
N HIS B 158 16.12 -8.82 -8.48
CA HIS B 158 16.23 -9.08 -9.90
C HIS B 158 16.19 -7.81 -10.77
N ASN B 159 15.06 -7.09 -10.74
CA ASN B 159 14.89 -5.96 -11.64
C ASN B 159 15.20 -4.59 -11.05
N LEU B 160 15.23 -4.50 -9.74
CA LEU B 160 15.40 -3.20 -9.09
C LEU B 160 16.82 -2.89 -8.65
N LYS B 161 17.76 -3.69 -9.12
CA LYS B 161 19.17 -3.60 -8.69
C LYS B 161 19.73 -2.17 -8.54
N ASN B 162 19.58 -1.35 -9.57
CA ASN B 162 20.22 -0.03 -9.56
C ASN B 162 19.26 1.18 -9.38
N SER B 163 18.03 0.91 -8.95
CA SER B 163 17.04 1.98 -8.79
C SER B 163 17.44 3.02 -7.74
N SER B 164 17.20 4.29 -8.07
CA SER B 164 17.69 5.42 -7.29
C SER B 164 17.05 5.59 -5.92
N ILE B 165 17.81 6.15 -4.97
CA ILE B 165 17.33 6.37 -3.61
C ILE B 165 17.57 7.82 -3.19
N ILE B 166 16.57 8.42 -2.55
CA ILE B 166 16.70 9.79 -2.05
C ILE B 166 16.06 9.99 -0.67
N PRO B 167 16.79 10.63 0.26
CA PRO B 167 16.26 10.94 1.58
C PRO B 167 15.46 12.23 1.55
N ILE B 168 14.27 12.21 2.16
CA ILE B 168 13.51 13.44 2.33
C ILE B 168 13.00 13.59 3.76
N SER B 169 12.53 14.80 4.08
CA SER B 169 11.73 14.99 5.29
C SER B 169 10.41 15.63 4.93
N ALA B 170 9.35 14.85 5.02
CA ALA B 170 8.02 15.35 4.70
C ALA B 170 7.67 16.51 5.62
N LYS B 171 8.08 16.41 6.88
CA LYS B 171 7.73 17.39 7.90
C LYS B 171 8.41 18.73 7.65
N THR B 172 9.64 18.65 7.17
CA THR B 172 10.50 19.80 6.97
C THR B 172 10.38 20.37 5.57
N GLY B 173 10.19 19.48 4.60
CA GLY B 173 10.20 19.86 3.21
C GLY B 173 11.56 19.56 2.60
N PHE B 174 12.41 18.90 3.38
CA PHE B 174 13.73 18.49 2.92
C PHE B 174 13.69 17.53 1.75
N GLY B 175 14.53 17.80 0.75
CA GLY B 175 14.65 16.94 -0.42
C GLY B 175 13.35 16.68 -1.18
N VAL B 176 12.30 17.43 -0.89
CA VAL B 176 11.02 17.18 -1.55
C VAL B 176 11.06 17.61 -3.01
N ASP B 177 11.67 18.77 -3.25
CA ASP B 177 11.85 19.23 -4.62
C ASP B 177 12.72 18.26 -5.43
N GLU B 178 13.81 17.77 -4.83
CA GLU B 178 14.65 16.80 -5.52
C GLU B 178 13.85 15.55 -5.86
N LEU B 179 12.91 15.19 -4.99
CA LEU B 179 12.12 13.98 -5.20
C LEU B 179 11.16 14.15 -6.39
N LYS B 180 10.63 15.35 -6.57
CA LYS B 180 9.75 15.60 -7.72
C LYS B 180 10.53 15.57 -9.02
N ASN B 181 11.63 16.32 -9.07
CA ASN B 181 12.51 16.28 -10.23
C ASN B 181 12.96 14.86 -10.56
N LEU B 182 13.19 14.07 -9.52
CA LEU B 182 13.59 12.69 -9.70
C LEU B 182 12.44 11.88 -10.28
N ILE B 183 11.25 12.08 -9.71
CA ILE B 183 10.06 11.41 -10.20
C ILE B 183 9.83 11.72 -11.68
N ILE B 184 9.98 12.99 -12.04
CA ILE B 184 9.76 13.42 -13.43
C ILE B 184 10.77 12.76 -14.35
N THR B 185 12.03 12.82 -13.99
CA THR B 185 13.08 12.21 -14.78
C THR B 185 12.84 10.70 -14.94
N THR B 186 12.46 10.05 -13.85
CA THR B 186 12.23 8.61 -13.87
C THR B 186 11.10 8.23 -14.83
N LEU B 187 9.99 8.97 -14.77
CA LEU B 187 8.86 8.75 -15.66
C LEU B 187 9.25 9.02 -17.11
N ASN B 188 10.10 10.02 -17.31
CA ASN B 188 10.57 10.38 -18.64
C ASN B 188 11.40 9.28 -19.27
N ASN B 189 11.97 8.39 -18.45
CA ASN B 189 12.73 7.27 -18.96
C ASN B 189 11.87 6.03 -19.13
N ALA B 190 10.60 6.15 -18.79
CA ALA B 190 9.71 5.01 -18.85
C ALA B 190 8.89 5.04 -20.14
N GLU B 191 8.71 3.86 -20.73
CA GLU B 191 7.80 3.70 -21.86
C GLU B 191 6.45 3.26 -21.32
N ILE B 192 5.39 3.89 -21.80
CA ILE B 192 4.05 3.59 -21.32
C ILE B 192 3.18 3.04 -22.43
N ILE B 193 2.93 1.74 -22.36
CA ILE B 193 2.16 1.04 -23.39
C ILE B 193 0.91 0.47 -22.75
N ARG B 194 -0.24 1.09 -23.04
CA ARG B 194 -1.50 0.58 -22.53
C ARG B 194 -2.17 -0.32 -23.56
N ASN B 195 -2.91 -1.32 -23.09
CA ASN B 195 -3.69 -2.15 -23.96
C ASN B 195 -4.98 -1.41 -24.21
N THR B 196 -4.97 -0.55 -25.21
CA THR B 196 -6.15 0.23 -25.54
C THR B 196 -7.16 -0.60 -26.32
N GLU B 197 -6.67 -1.61 -27.04
CA GLU B 197 -7.49 -2.34 -28.00
C GLU B 197 -8.45 -3.41 -27.45
N SER B 198 -7.95 -4.27 -26.57
CA SER B 198 -8.74 -5.43 -26.13
C SER B 198 -10.00 -5.10 -25.33
N TYR B 199 -10.68 -6.18 -24.94
CA TYR B 199 -11.94 -6.12 -24.22
C TYR B 199 -11.83 -5.20 -23.03
N PHE B 200 -12.94 -4.57 -22.64
CA PHE B 200 -12.91 -3.65 -21.52
C PHE B 200 -12.76 -4.42 -20.23
N LYS B 201 -11.83 -3.97 -19.38
CA LYS B 201 -11.64 -4.60 -18.07
C LYS B 201 -11.29 -3.56 -17.04
N MET B 202 -12.21 -3.33 -16.10
CA MET B 202 -11.94 -2.49 -14.94
C MET B 202 -12.46 -3.14 -13.66
N PRO B 203 -11.54 -3.47 -12.76
CA PRO B 203 -11.85 -3.98 -11.42
C PRO B 203 -12.52 -2.91 -10.56
N LEU B 204 -13.64 -3.23 -9.93
CA LEU B 204 -14.37 -2.26 -9.10
C LEU B 204 -13.84 -2.09 -7.66
N ASP B 205 -13.30 -0.90 -7.37
CA ASP B 205 -12.65 -0.58 -6.09
C ASP B 205 -13.65 -0.25 -5.04
N HIS B 206 -14.55 0.65 -5.38
CA HIS B 206 -15.54 1.14 -4.45
C HIS B 206 -16.87 1.38 -5.16
N ALA B 207 -17.96 1.30 -4.40
CA ALA B 207 -19.26 1.66 -4.95
C ALA B 207 -20.13 2.39 -3.93
N PHE B 208 -20.98 3.30 -4.39
CA PHE B 208 -22.05 3.77 -3.54
C PHE B 208 -23.26 4.16 -4.37
N PRO B 209 -24.47 3.95 -3.81
CA PRO B 209 -25.77 4.22 -4.41
C PRO B 209 -26.24 5.68 -4.43
N ILE B 210 -26.76 6.09 -5.59
CA ILE B 210 -27.57 7.29 -5.69
C ILE B 210 -29.00 6.86 -5.86
N LYS B 211 -29.73 6.78 -4.75
CA LYS B 211 -31.09 6.26 -4.72
C LYS B 211 -31.93 6.91 -5.80
N GLY B 212 -32.51 6.09 -6.67
CA GLY B 212 -33.41 6.58 -7.71
C GLY B 212 -32.77 6.87 -9.06
N ALA B 213 -31.49 7.23 -9.05
CA ALA B 213 -30.74 7.38 -10.30
C ALA B 213 -30.00 6.10 -10.63
N GLY B 214 -28.97 5.78 -9.86
CA GLY B 214 -28.26 4.53 -10.07
C GLY B 214 -27.10 4.33 -9.12
N THR B 215 -26.09 3.63 -9.60
CA THR B 215 -24.90 3.32 -8.82
C THR B 215 -23.70 4.17 -9.25
N VAL B 216 -22.77 4.39 -8.33
CA VAL B 216 -21.45 4.93 -8.64
C VAL B 216 -20.47 3.82 -8.32
N VAL B 217 -19.50 3.60 -9.19
CA VAL B 217 -18.46 2.62 -8.96
C VAL B 217 -17.15 3.35 -9.29
N THR B 218 -16.04 2.82 -8.79
CA THR B 218 -14.72 3.36 -9.13
C THR B 218 -13.74 2.24 -9.42
N GLY B 219 -12.67 2.56 -10.11
CA GLY B 219 -11.64 1.59 -10.37
C GLY B 219 -10.57 2.16 -11.26
N THR B 220 -9.52 1.37 -11.52
CA THR B 220 -8.55 1.77 -12.51
C THR B 220 -8.55 0.80 -13.70
N ILE B 221 -8.92 1.32 -14.86
CA ILE B 221 -9.05 0.52 -16.06
C ILE B 221 -7.76 -0.16 -16.50
N ASN B 222 -7.77 -1.49 -16.47
CA ASN B 222 -6.68 -2.35 -16.93
C ASN B 222 -6.48 -2.35 -18.44
N LYS B 223 -7.57 -2.49 -19.19
CA LYS B 223 -7.48 -2.59 -20.65
C LYS B 223 -8.76 -2.16 -21.33
N GLY B 224 -8.63 -1.61 -22.54
CA GLY B 224 -9.80 -1.26 -23.33
C GLY B 224 -10.23 0.20 -23.22
N ILE B 225 -11.47 0.47 -23.60
CA ILE B 225 -12.01 1.82 -23.61
C ILE B 225 -13.48 1.83 -23.23
N VAL B 226 -13.87 2.84 -22.46
CA VAL B 226 -15.26 3.09 -22.18
C VAL B 226 -15.63 4.44 -22.70
N LYS B 227 -16.78 4.53 -23.33
CA LYS B 227 -17.31 5.81 -23.69
C LYS B 227 -18.62 5.94 -22.96
N VAL B 228 -19.06 7.17 -22.78
CA VAL B 228 -20.34 7.40 -22.16
C VAL B 228 -21.39 6.69 -23.01
N GLY B 229 -22.30 5.98 -22.33
CA GLY B 229 -23.40 5.33 -23.02
C GLY B 229 -23.10 3.90 -23.46
N ASP B 230 -21.88 3.40 -23.17
CA ASP B 230 -21.53 2.02 -23.49
C ASP B 230 -22.32 1.08 -22.59
N GLU B 231 -22.70 -0.08 -23.14
CA GLU B 231 -23.32 -1.13 -22.33
C GLU B 231 -22.31 -2.23 -21.90
N LEU B 232 -22.03 -2.29 -20.60
CA LEU B 232 -21.12 -3.28 -20.05
C LEU B 232 -21.82 -4.25 -19.05
N LYS B 233 -21.03 -5.14 -18.46
CA LYS B 233 -21.54 -6.08 -17.45
C LYS B 233 -20.58 -6.24 -16.28
N VAL B 234 -21.16 -6.44 -15.10
CA VAL B 234 -20.34 -6.78 -13.96
C VAL B 234 -20.33 -8.30 -13.83
N LEU B 235 -19.14 -8.85 -13.69
CA LEU B 235 -18.92 -10.27 -13.70
C LEU B 235 -18.16 -10.47 -12.41
N PRO B 236 -18.36 -11.60 -11.71
CA PRO B 236 -19.11 -12.82 -11.99
C PRO B 236 -20.61 -12.71 -11.71
N ILE B 237 -21.05 -11.53 -11.27
CA ILE B 237 -22.44 -11.41 -10.88
C ILE B 237 -23.25 -11.46 -12.17
N ASN B 238 -22.57 -11.16 -13.27
CA ASN B 238 -23.19 -11.19 -14.59
C ASN B 238 -24.42 -10.30 -14.62
N MET B 239 -24.18 -9.00 -14.54
CA MET B 239 -25.29 -8.04 -14.63
C MET B 239 -25.02 -6.93 -15.63
N SER B 240 -26.01 -6.70 -16.49
CA SER B 240 -25.93 -5.70 -17.54
C SER B 240 -26.07 -4.30 -16.96
N THR B 241 -25.26 -3.38 -17.50
CA THR B 241 -25.23 -2.00 -17.00
C THR B 241 -24.82 -0.98 -18.09
N LYS B 242 -25.64 0.06 -18.24
CA LYS B 242 -25.33 1.18 -19.12
C LYS B 242 -24.52 2.23 -18.36
N VAL B 243 -23.54 2.83 -19.04
CA VAL B 243 -22.69 3.84 -18.40
C VAL B 243 -23.22 5.22 -18.73
N ARG B 244 -23.66 5.95 -17.71
CA ARG B 244 -24.29 7.24 -17.95
C ARG B 244 -23.37 8.44 -17.79
N SER B 245 -22.35 8.32 -16.95
CA SER B 245 -21.37 9.40 -16.76
C SER B 245 -19.97 8.88 -16.38
N ILE B 246 -18.95 9.56 -16.88
CA ILE B 246 -17.59 9.22 -16.46
C ILE B 246 -16.88 10.45 -15.94
N GLN B 247 -16.08 10.26 -14.91
CA GLN B 247 -15.25 11.32 -14.35
C GLN B 247 -13.81 10.84 -14.28
N TYR B 248 -12.90 11.60 -14.89
CA TYR B 248 -11.46 11.36 -14.75
C TYR B 248 -10.75 12.66 -14.38
N PHE B 249 -9.97 12.60 -13.30
CA PHE B 249 -9.18 13.73 -12.82
C PHE B 249 -10.11 14.91 -12.58
N LYS B 250 -11.20 14.66 -11.87
CA LYS B 250 -12.06 15.71 -11.36
C LYS B 250 -12.76 16.44 -12.49
N GLU B 251 -12.77 15.80 -13.64
CA GLU B 251 -13.43 16.33 -14.82
C GLU B 251 -14.35 15.30 -15.44
N SER B 252 -15.50 15.74 -15.92
CA SER B 252 -16.42 14.84 -16.59
C SER B 252 -15.87 14.62 -17.98
N VAL B 253 -15.63 13.36 -18.32
CA VAL B 253 -15.15 13.03 -19.64
C VAL B 253 -16.14 12.15 -20.35
N MET B 254 -16.06 12.16 -21.69
CA MET B 254 -16.95 11.33 -22.51
C MET B 254 -16.35 9.96 -22.81
N GLU B 255 -15.04 9.83 -22.64
CA GLU B 255 -14.39 8.53 -22.77
C GLU B 255 -13.14 8.36 -21.90
N ALA B 256 -12.86 7.12 -21.50
CA ALA B 256 -11.66 6.81 -20.73
C ALA B 256 -11.01 5.49 -21.20
N LYS B 257 -9.72 5.32 -20.92
CA LYS B 257 -8.99 4.19 -21.46
C LYS B 257 -8.11 3.53 -20.41
N ALA B 258 -7.35 2.52 -20.81
CA ALA B 258 -6.45 1.84 -19.88
C ALA B 258 -5.46 2.80 -19.24
N GLY B 259 -5.36 2.73 -17.92
CA GLY B 259 -4.48 3.58 -17.16
C GLY B 259 -5.28 4.62 -16.40
N ASP B 260 -6.54 4.79 -16.77
CA ASP B 260 -7.33 5.86 -16.20
C ASP B 260 -8.03 5.40 -14.95
N ARG B 261 -7.71 6.02 -13.82
CA ARG B 261 -8.52 5.83 -12.64
C ARG B 261 -9.74 6.73 -12.83
N VAL B 262 -10.91 6.13 -12.85
CA VAL B 262 -12.11 6.91 -13.11
C VAL B 262 -13.18 6.54 -12.12
N GLY B 263 -14.13 7.45 -11.97
CA GLY B 263 -15.33 7.18 -11.20
C GLY B 263 -16.43 7.13 -12.22
N MET B 264 -17.47 6.34 -11.95
CA MET B 264 -18.54 6.21 -12.93
C MET B 264 -19.93 6.19 -12.33
N ALA B 265 -20.87 6.78 -13.04
CA ALA B 265 -22.30 6.68 -12.74
C ALA B 265 -22.90 5.69 -13.72
N ILE B 266 -23.35 4.55 -13.20
CA ILE B 266 -23.85 3.48 -14.06
C ILE B 266 -25.24 3.09 -13.59
N GLN B 267 -26.01 2.47 -14.46
CA GLN B 267 -27.38 2.09 -14.11
C GLN B 267 -27.62 0.61 -14.42
N GLY B 268 -28.27 -0.09 -13.50
CA GLY B 268 -28.57 -1.50 -13.72
C GLY B 268 -28.04 -2.47 -12.68
N VAL B 269 -27.12 -2.03 -11.83
CA VAL B 269 -26.76 -2.80 -10.65
C VAL B 269 -26.79 -1.95 -9.40
N ASP B 270 -27.41 -2.48 -8.35
CA ASP B 270 -27.39 -1.84 -7.05
C ASP B 270 -25.98 -1.96 -6.51
N ALA B 271 -25.51 -0.98 -5.76
CA ALA B 271 -24.17 -1.07 -5.21
C ALA B 271 -24.12 -2.29 -4.30
N LYS B 272 -25.22 -2.52 -3.59
CA LYS B 272 -25.30 -3.67 -2.70
C LYS B 272 -25.15 -5.03 -3.37
N GLN B 273 -25.21 -5.06 -4.70
CA GLN B 273 -25.01 -6.30 -5.43
C GLN B 273 -23.53 -6.54 -5.64
N ILE B 274 -22.76 -5.45 -5.80
CA ILE B 274 -21.33 -5.56 -6.04
C ILE B 274 -20.50 -5.81 -4.79
N TYR B 275 -19.46 -6.62 -4.94
CA TYR B 275 -18.59 -7.00 -3.84
C TYR B 275 -17.14 -7.17 -4.34
N ARG B 276 -16.25 -7.63 -3.48
CA ARG B 276 -14.80 -7.44 -3.68
C ARG B 276 -14.25 -7.87 -5.01
N GLY B 277 -14.52 -9.11 -5.39
CA GLY B 277 -13.94 -9.66 -6.61
C GLY B 277 -14.60 -9.29 -7.92
N ILE B 279 -15.56 -7.50 -11.35
CA ILE B 279 -14.93 -6.74 -12.42
C ILE B 279 -15.94 -6.24 -13.44
N LEU B 280 -15.91 -4.94 -13.71
CA LEU B 280 -16.68 -4.37 -14.80
C LEU B 280 -15.99 -4.65 -16.12
N THR B 281 -16.73 -5.23 -17.05
CA THR B 281 -16.17 -5.60 -18.35
C THR B 281 -17.17 -5.49 -19.50
N SER B 282 -16.64 -5.43 -20.72
CA SER B 282 -17.45 -5.44 -21.94
C SER B 282 -18.00 -6.82 -22.23
N LYS B 283 -19.06 -6.88 -23.03
CA LYS B 283 -19.80 -8.12 -23.24
C LYS B 283 -18.95 -9.19 -23.95
N ASP B 284 -17.90 -8.76 -24.63
CA ASP B 284 -17.05 -9.69 -25.39
C ASP B 284 -15.86 -10.19 -24.56
N THR B 285 -15.91 -9.95 -23.26
CA THR B 285 -14.81 -10.25 -22.35
C THR B 285 -14.22 -11.63 -22.54
N LYS B 286 -12.97 -11.78 -22.10
CA LYS B 286 -12.28 -13.05 -22.18
C LYS B 286 -12.10 -13.62 -20.78
N LEU B 287 -12.50 -12.86 -19.77
CA LEU B 287 -12.40 -13.27 -18.36
C LEU B 287 -13.21 -14.52 -18.07
N GLN B 288 -12.60 -15.46 -17.37
CA GLN B 288 -13.31 -16.68 -17.00
C GLN B 288 -13.38 -16.80 -15.50
N THR B 289 -14.48 -17.37 -15.01
CA THR B 289 -14.59 -17.70 -13.61
C THR B 289 -14.01 -19.10 -13.42
N VAL B 290 -12.99 -19.20 -12.58
CA VAL B 290 -12.14 -20.39 -12.54
C VAL B 290 -11.91 -20.96 -11.15
N ASP B 291 -11.97 -22.28 -11.05
CA ASP B 291 -11.79 -23.00 -9.80
C ASP B 291 -10.43 -23.72 -9.75
N LYS B 292 -9.79 -23.86 -10.91
CA LYS B 292 -8.47 -24.53 -10.98
C LYS B 292 -7.50 -23.81 -11.92
N ILE B 293 -6.35 -23.43 -11.39
CA ILE B 293 -5.35 -22.75 -12.20
C ILE B 293 -4.05 -23.53 -12.29
N VAL B 294 -3.52 -23.61 -13.50
CA VAL B 294 -2.17 -24.10 -13.71
C VAL B 294 -1.29 -22.90 -14.07
N ALA B 295 -0.26 -22.65 -13.25
CA ALA B 295 0.60 -21.50 -13.45
C ALA B 295 2.09 -21.85 -13.59
N LYS B 296 2.80 -21.01 -14.33
CA LYS B 296 4.25 -21.16 -14.48
C LYS B 296 4.93 -20.38 -13.37
N ILE B 297 5.47 -21.12 -12.41
CA ILE B 297 5.99 -20.52 -11.19
C ILE B 297 7.47 -20.15 -11.26
N LYS B 298 7.76 -18.86 -11.12
CA LYS B 298 9.12 -18.40 -10.81
C LYS B 298 9.20 -18.13 -9.30
N ILE B 299 9.90 -19.01 -8.59
CA ILE B 299 10.06 -18.85 -7.15
C ILE B 299 11.35 -18.09 -6.81
N SER B 300 11.21 -17.04 -6.01
CA SER B 300 12.35 -16.22 -5.61
C SER B 300 13.46 -17.06 -4.98
N ASP B 301 14.66 -16.98 -5.57
CA ASP B 301 15.80 -17.79 -5.13
C ASP B 301 16.22 -17.51 -3.70
N ILE B 302 15.84 -16.34 -3.19
CA ILE B 302 16.15 -15.95 -1.81
C ILE B 302 15.22 -16.67 -0.83
N PHE B 303 14.02 -17.00 -1.29
CA PHE B 303 13.04 -17.73 -0.47
C PHE B 303 13.58 -19.06 0.05
N LYS B 304 14.59 -19.60 -0.62
CA LYS B 304 15.13 -20.92 -0.32
C LYS B 304 13.99 -21.95 -0.40
N TYR B 305 13.61 -22.26 -1.64
CA TYR B 305 12.46 -23.10 -1.99
C TYR B 305 12.30 -24.43 -1.23
N ASN B 306 11.19 -24.56 -0.51
CA ASN B 306 10.73 -25.84 0.01
C ASN B 306 9.48 -26.25 -0.77
N LEU B 307 9.48 -27.44 -1.34
CA LEU B 307 8.35 -27.87 -2.17
C LEU B 307 7.67 -29.15 -1.70
N THR B 308 6.51 -28.96 -1.10
CA THR B 308 5.69 -30.07 -0.61
C THR B 308 4.56 -30.34 -1.60
N PRO B 309 4.36 -31.62 -1.94
CA PRO B 309 3.32 -32.02 -2.90
C PRO B 309 1.93 -31.45 -2.61
N LYS B 310 1.57 -31.35 -1.33
CA LYS B 310 0.21 -30.98 -0.96
C LYS B 310 0.12 -29.56 -0.39
N MET B 311 1.25 -28.84 -0.45
CA MET B 311 1.42 -27.57 0.28
C MET B 311 0.26 -26.57 0.13
N LYS B 312 -0.29 -26.16 1.27
CA LYS B 312 -1.42 -25.21 1.31
C LYS B 312 -0.98 -23.75 1.25
N VAL B 313 -1.58 -22.99 0.36
CA VAL B 313 -1.18 -21.60 0.16
C VAL B 313 -2.38 -20.66 0.05
N HIS B 314 -2.09 -19.36 0.06
CA HIS B 314 -3.04 -18.35 -0.35
C HIS B 314 -2.60 -17.90 -1.74
N LEU B 315 -3.54 -17.76 -2.65
CA LEU B 315 -3.23 -17.30 -3.98
C LEU B 315 -3.82 -15.92 -4.25
N ASN B 316 -2.96 -14.93 -4.52
CA ASN B 316 -3.41 -13.63 -4.97
C ASN B 316 -3.74 -13.67 -6.46
N VAL B 317 -5.01 -13.49 -6.79
CA VAL B 317 -5.43 -13.37 -8.18
C VAL B 317 -6.25 -12.10 -8.30
N GLY B 318 -5.68 -11.08 -8.93
CA GLY B 318 -6.35 -9.79 -9.01
C GLY B 318 -6.61 -9.23 -7.62
N MET B 319 -7.81 -8.71 -7.40
CA MET B 319 -8.15 -8.10 -6.12
C MET B 319 -8.46 -9.11 -5.04
N LEU B 320 -8.39 -10.40 -5.36
CA LEU B 320 -8.76 -11.40 -4.37
C LEU B 320 -7.58 -12.08 -3.68
N ILE B 321 -7.90 -12.88 -2.68
CA ILE B 321 -6.95 -13.78 -2.04
C ILE B 321 -7.67 -15.09 -1.69
N VAL B 322 -7.22 -16.19 -2.27
CA VAL B 322 -7.91 -17.47 -2.13
C VAL B 322 -7.05 -18.59 -1.58
N PRO B 323 -7.59 -19.33 -0.61
CA PRO B 323 -6.97 -20.54 -0.09
C PRO B 323 -6.87 -21.57 -1.19
N ALA B 324 -5.83 -22.38 -1.18
CA ALA B 324 -5.60 -23.31 -2.27
C ALA B 324 -4.73 -24.48 -1.86
N VAL B 325 -4.78 -25.53 -2.68
CA VAL B 325 -3.84 -26.63 -2.60
C VAL B 325 -2.95 -26.50 -3.83
N ALA B 326 -1.66 -26.67 -3.63
CA ALA B 326 -0.70 -26.43 -4.70
C ALA B 326 0.24 -27.61 -4.84
N VAL B 327 0.44 -28.06 -6.07
CA VAL B 327 1.48 -29.03 -6.33
C VAL B 327 2.46 -28.51 -7.39
N PRO B 328 3.77 -28.70 -7.15
CA PRO B 328 4.80 -28.34 -8.13
C PRO B 328 4.99 -29.46 -9.14
N PHE B 329 5.44 -29.11 -10.34
CA PHE B 329 5.83 -30.10 -11.33
C PHE B 329 6.62 -29.47 -12.46
N LYS B 330 7.56 -30.24 -13.01
CA LYS B 330 8.30 -29.80 -14.17
C LYS B 330 7.83 -30.57 -15.39
N LYS B 331 7.91 -29.93 -16.55
CA LYS B 331 7.69 -30.62 -17.81
C LYS B 331 9.00 -31.22 -18.28
N VAL B 332 8.94 -32.50 -18.64
CA VAL B 332 10.13 -33.25 -19.00
C VAL B 332 9.91 -34.00 -20.30
N THR B 333 10.88 -33.88 -21.21
CA THR B 333 10.88 -34.68 -22.42
C THR B 333 11.51 -36.05 -22.14
N PHE B 334 10.70 -37.10 -22.21
CA PHE B 334 11.17 -38.48 -22.07
C PHE B 334 10.81 -39.26 -23.32
N GLY B 335 11.82 -39.55 -24.14
CA GLY B 335 11.61 -40.19 -25.42
C GLY B 335 10.68 -39.40 -26.31
N LYS B 336 9.59 -40.03 -26.73
CA LYS B 336 8.59 -39.37 -27.54
C LYS B 336 7.67 -38.53 -26.68
N THR B 337 7.54 -38.92 -25.42
CA THR B 337 6.56 -38.35 -24.51
C THR B 337 7.10 -37.16 -23.70
N GLU B 338 6.39 -36.05 -23.76
CA GLU B 338 6.63 -34.96 -22.84
C GLU B 338 5.63 -35.13 -21.70
N GLU B 339 6.13 -35.14 -20.46
CA GLU B 339 5.25 -35.33 -19.31
C GLU B 339 5.42 -34.33 -18.18
N ASN B 340 4.41 -34.27 -17.31
CA ASN B 340 4.46 -33.43 -16.14
C ASN B 340 4.86 -34.28 -14.92
N ILE B 341 6.01 -33.97 -14.34
CA ILE B 341 6.50 -34.75 -13.20
C ILE B 341 6.62 -33.88 -11.94
N ILE B 342 5.98 -34.34 -10.88
CA ILE B 342 6.00 -33.59 -9.61
C ILE B 342 7.41 -33.51 -9.05
N LEU B 343 7.85 -32.28 -8.77
CA LEU B 343 9.13 -32.04 -8.14
C LEU B 343 9.18 -32.76 -6.78
N ASN B 344 10.12 -33.70 -6.64
CA ASN B 344 10.27 -34.48 -5.41
C ASN B 344 11.14 -33.76 -4.40
N GLU B 345 10.53 -32.97 -3.52
CA GLU B 345 11.25 -32.18 -2.51
C GLU B 345 12.38 -31.39 -3.16
N VAL B 346 12.12 -30.94 -4.38
CA VAL B 346 13.17 -30.45 -5.26
C VAL B 346 13.51 -28.98 -5.06
N ILE B 347 14.80 -28.71 -4.87
CA ILE B 347 15.33 -27.36 -4.95
C ILE B 347 15.79 -27.09 -6.38
N SER B 348 15.00 -26.28 -7.11
CA SER B 348 15.33 -25.92 -8.49
C SER B 348 15.56 -24.42 -8.67
N GLY B 349 16.45 -24.08 -9.61
CA GLY B 349 16.83 -22.70 -9.81
C GLY B 349 16.19 -22.05 -11.03
N ASN B 350 15.57 -22.88 -11.88
CA ASN B 350 14.93 -22.39 -13.09
C ASN B 350 13.42 -22.27 -12.96
N GLU B 351 12.71 -23.37 -13.15
CA GLU B 351 11.26 -23.32 -13.10
C GLU B 351 10.63 -24.49 -12.37
N TYR B 353 6.06 -25.89 -12.32
CA TYR B 353 4.72 -25.42 -12.60
C TYR B 353 3.91 -25.63 -11.33
N ALA B 355 -0.06 -26.65 -10.01
CA ALA B 355 -1.46 -27.01 -10.16
C ALA B 355 -2.16 -26.47 -8.93
N PHE B 356 -2.89 -25.38 -9.11
CA PHE B 356 -3.64 -24.80 -8.01
C PHE B 356 -5.08 -25.27 -8.09
N GLU B 357 -5.65 -25.56 -6.93
CA GLU B 357 -7.06 -25.85 -6.83
C GLU B 357 -7.58 -25.02 -5.67
N LEU B 358 -8.53 -24.12 -5.97
CA LEU B 358 -8.94 -23.10 -5.01
C LEU B 358 -10.27 -23.44 -4.35
N GLU B 359 -10.54 -22.85 -3.19
CA GLU B 359 -11.79 -23.06 -2.47
C GLU B 359 -12.87 -22.16 -3.03
N GLU B 360 -12.48 -20.96 -3.44
CA GLU B 360 -13.42 -20.03 -4.05
C GLU B 360 -13.05 -19.79 -5.51
N LYS B 361 -14.07 -19.65 -6.36
CA LYS B 361 -13.88 -19.36 -7.77
C LYS B 361 -13.35 -17.93 -7.97
N VAL B 362 -12.70 -17.71 -9.10
CA VAL B 362 -11.97 -16.47 -9.31
C VAL B 362 -11.96 -16.04 -10.79
N LEU B 363 -12.17 -14.74 -11.02
CA LEU B 363 -12.09 -14.18 -12.37
C LEU B 363 -10.64 -14.04 -12.80
N ALA B 364 -10.27 -14.80 -13.81
CA ALA B 364 -8.90 -14.79 -14.32
C ALA B 364 -8.84 -15.02 -15.83
N GLU B 365 -7.78 -14.51 -16.42
CA GLU B 365 -7.51 -14.69 -17.84
C GLU B 365 -6.19 -15.45 -17.92
N VAL B 366 -5.92 -16.08 -19.05
CA VAL B 366 -4.61 -16.67 -19.26
C VAL B 366 -3.59 -15.52 -19.35
N GLY B 367 -2.38 -15.75 -18.87
CA GLY B 367 -1.35 -14.73 -18.88
C GLY B 367 -1.48 -13.76 -17.71
N ASP B 368 -2.51 -13.97 -16.89
CA ASP B 368 -2.70 -13.16 -15.71
C ASP B 368 -1.56 -13.42 -14.73
N ARG B 369 -1.09 -12.35 -14.08
CA ARG B 369 -0.09 -12.45 -13.02
C ARG B 369 -0.76 -12.98 -11.76
N VAL B 370 -0.10 -13.95 -11.13
CA VAL B 370 -0.62 -14.56 -9.93
C VAL B 370 0.48 -14.55 -8.86
N LEU B 371 0.10 -14.50 -7.59
CA LEU B 371 1.07 -14.33 -6.50
C LEU B 371 0.81 -15.28 -5.35
N ILE B 372 1.73 -16.20 -5.10
CA ILE B 372 1.56 -17.14 -4.00
C ILE B 372 2.01 -16.51 -2.71
N THR B 373 1.24 -16.70 -1.65
CA THR B 373 1.63 -16.19 -0.36
C THR B 373 0.92 -16.91 0.76
N ARG B 374 1.40 -16.69 1.98
CA ARG B 374 0.63 -16.99 3.17
C ARG B 374 0.96 -15.94 4.24
N LEU B 375 0.06 -14.96 4.38
CA LEU B 375 0.21 -13.88 5.35
C LEU B 375 -0.44 -14.31 6.66
N ASP B 376 -0.85 -15.58 6.72
CA ASP B 376 -1.29 -16.21 7.96
C ASP B 376 -0.09 -16.46 8.87
N LEU B 377 1.00 -16.96 8.26
CA LEU B 377 2.27 -17.18 8.94
C LEU B 377 2.70 -15.91 9.69
N PRO B 378 3.55 -16.06 10.71
CA PRO B 378 4.09 -14.93 11.48
C PRO B 378 4.77 -13.87 10.62
N PRO B 379 4.65 -12.58 11.03
CA PRO B 379 5.25 -11.43 10.35
C PRO B 379 6.77 -11.40 10.45
N THR B 380 7.34 -12.32 11.22
CA THR B 380 8.80 -12.39 11.34
C THR B 380 9.47 -12.78 10.02
N THR B 381 8.92 -13.78 9.34
CA THR B 381 9.50 -14.26 8.08
C THR B 381 8.96 -13.55 6.85
N LEU B 382 9.60 -13.79 5.71
CA LEU B 382 9.12 -13.26 4.43
C LEU B 382 8.10 -14.20 3.86
N ARG B 383 6.85 -13.73 3.81
CA ARG B 383 5.72 -14.61 3.57
C ARG B 383 5.46 -14.97 2.10
N ILE B 384 5.53 -13.99 1.20
CA ILE B 384 5.34 -14.26 -0.22
C ILE B 384 6.41 -15.23 -0.74
N GLY B 386 6.23 -16.97 -4.16
CA GLY B 386 6.41 -16.98 -5.60
C GLY B 386 5.37 -16.21 -6.39
N HIS B 387 5.75 -15.79 -7.58
CA HIS B 387 4.78 -15.24 -8.51
C HIS B 387 4.75 -16.10 -9.77
N GLY B 388 3.72 -15.94 -10.59
CA GLY B 388 3.58 -16.79 -11.74
C GLY B 388 2.62 -16.28 -12.78
N LEU B 389 2.68 -16.85 -13.97
CA LEU B 389 1.72 -16.54 -15.01
C LEU B 389 0.78 -17.72 -15.21
N ILE B 390 -0.49 -17.42 -15.46
CA ILE B 390 -1.49 -18.46 -15.63
C ILE B 390 -1.35 -19.06 -17.03
N GLU B 391 -1.22 -20.38 -17.09
CA GLU B 391 -1.00 -21.05 -18.36
C GLU B 391 -2.31 -21.64 -18.89
N GLU B 392 -2.87 -22.60 -18.16
CA GLU B 392 -4.15 -23.20 -18.51
C GLU B 392 -5.05 -23.14 -17.29
N PHE B 393 -6.33 -23.48 -17.47
CA PHE B 393 -7.20 -23.70 -16.34
C PHE B 393 -7.55 -25.19 -16.27
N LYS B 394 -6.75 -25.94 -15.52
CA LYS B 394 -6.91 -27.39 -15.46
C LYS B 394 -6.79 -27.95 -14.05
N PRO B 395 -7.61 -28.96 -13.71
CA PRO B 395 -7.46 -29.62 -12.42
C PRO B 395 -6.28 -30.58 -12.43
N ILE B 396 -5.77 -30.92 -11.24
CA ILE B 396 -4.58 -31.75 -11.11
C ILE B 396 -4.77 -33.11 -11.78
N LYS B 397 -5.98 -33.62 -11.65
CA LYS B 397 -6.36 -34.94 -12.16
C LYS B 397 -6.12 -35.10 -13.65
N ASP B 398 -6.32 -34.01 -14.38
CA ASP B 398 -6.20 -34.00 -15.84
C ASP B 398 -4.75 -33.78 -16.30
N LEU B 399 -3.86 -33.52 -15.35
CA LEU B 399 -2.49 -33.10 -15.70
C LEU B 399 -1.50 -34.23 -15.92
N ASN B 400 -1.93 -35.47 -15.70
CA ASN B 400 -1.06 -36.64 -15.85
C ASN B 400 0.22 -36.49 -15.04
N ILE B 401 0.08 -36.07 -13.80
CA ILE B 401 1.23 -35.86 -12.94
C ILE B 401 1.70 -37.18 -12.33
N LYS B 402 2.94 -37.54 -12.64
CA LYS B 402 3.54 -38.75 -12.09
C LYS B 402 4.81 -38.42 -11.31
N LYS B 403 5.25 -39.34 -10.47
CA LYS B 403 6.39 -39.09 -9.59
C LYS B 403 7.62 -39.89 -9.98
N GLU B 404 8.79 -39.40 -9.59
CA GLU B 404 10.04 -40.09 -9.83
C GLU B 404 10.61 -40.62 -8.52
N VAL B 405 10.78 -41.93 -8.43
CA VAL B 405 11.31 -42.56 -7.22
C VAL B 405 12.79 -42.93 -7.34
N LEU B 406 13.60 -42.48 -6.40
CA LEU B 406 15.01 -42.85 -6.33
C LEU B 406 15.29 -43.66 -5.07
N ARG B 407 15.93 -44.82 -5.24
CA ARG B 407 16.34 -45.64 -4.10
C ARG B 407 17.86 -45.64 -3.94
N GLU B 408 18.33 -45.69 -2.71
CA GLU B 408 19.77 -45.74 -2.44
C GLU B 408 20.21 -47.16 -2.07
N GLY B 409 21.27 -47.63 -2.70
CA GLY B 409 21.80 -48.96 -2.45
C GLY B 409 23.27 -48.94 -2.11
N LYS B 410 23.74 -49.97 -1.40
CA LYS B 410 25.15 -50.06 -1.02
C LYS B 410 25.78 -51.37 -1.47
N VAL B 411 26.96 -51.28 -2.10
CA VAL B 411 27.66 -52.47 -2.56
C VAL B 411 28.67 -52.95 -1.50
N LYS B 412 28.38 -54.09 -0.90
CA LYS B 412 29.29 -54.72 0.06
C LYS B 412 29.45 -56.20 -0.28
N ILE B 413 30.69 -56.61 -0.56
CA ILE B 413 30.97 -58.01 -0.89
C ILE B 413 30.51 -58.92 0.24
N ASP B 414 29.66 -59.89 -0.08
CA ASP B 414 29.06 -60.75 0.94
C ASP B 414 29.21 -62.24 0.63
N LYS B 415 30.08 -62.90 1.41
CA LYS B 415 30.30 -64.34 1.32
C LYS B 415 30.65 -64.84 -0.09
N GLY B 416 31.57 -64.15 -0.74
CA GLY B 416 31.99 -64.51 -2.08
C GLY B 416 31.16 -63.82 -3.15
N ARG B 417 29.92 -63.50 -2.81
CA ARG B 417 29.02 -62.82 -3.72
C ARG B 417 29.17 -61.31 -3.60
N THR B 418 28.79 -60.58 -4.65
CA THR B 418 28.68 -59.14 -4.57
C THR B 418 27.21 -58.77 -4.40
N VAL B 419 26.89 -58.08 -3.32
CA VAL B 419 25.50 -57.84 -2.92
C VAL B 419 25.18 -56.37 -2.70
N ILE B 420 24.06 -55.91 -3.27
CA ILE B 420 23.58 -54.54 -3.06
C ILE B 420 22.56 -54.53 -1.92
N ASP B 421 22.59 -53.47 -1.12
CA ASP B 421 21.77 -53.38 0.08
C ASP B 421 21.18 -51.98 0.27
N GLY B 422 19.92 -51.91 0.67
CA GLY B 422 19.30 -50.65 1.02
C GLY B 422 18.21 -50.22 0.06
N LEU B 423 18.11 -50.91 -1.06
CA LEU B 423 17.09 -50.62 -2.06
C LEU B 423 15.73 -51.09 -1.55
N ALA B 424 15.59 -52.41 -1.38
CA ALA B 424 14.40 -52.99 -0.80
C ALA B 424 14.72 -53.47 0.61
N GLN B 425 13.71 -53.51 1.47
CA GLN B 425 13.91 -54.01 2.83
C GLN B 425 13.31 -55.41 2.97
N SER B 426 12.66 -55.87 1.91
CA SER B 426 11.99 -57.17 1.92
C SER B 426 12.17 -57.94 0.60
N LYS B 427 11.78 -59.21 0.61
CA LYS B 427 11.97 -60.06 -0.56
C LYS B 427 10.91 -59.84 -1.63
N VAL B 428 9.68 -59.58 -1.21
CA VAL B 428 8.60 -59.31 -2.15
C VAL B 428 8.87 -58.04 -2.95
N ALA B 429 9.42 -57.04 -2.26
CA ALA B 429 9.80 -55.79 -2.92
C ALA B 429 10.94 -56.05 -3.90
N ALA B 430 11.80 -57.00 -3.55
CA ALA B 430 12.91 -57.40 -4.40
C ALA B 430 12.42 -58.07 -5.67
N GLU B 431 11.33 -58.84 -5.55
CA GLU B 431 10.66 -59.43 -6.70
C GLU B 431 10.15 -58.36 -7.65
N LYS B 432 9.60 -57.28 -7.09
CA LYS B 432 9.11 -56.19 -7.92
C LYS B 432 10.29 -55.44 -8.51
N LEU B 433 11.43 -55.52 -7.83
CA LEU B 433 12.64 -54.79 -8.25
C LEU B 433 13.44 -55.48 -9.35
N ILE B 434 13.28 -56.79 -9.52
CA ILE B 434 14.05 -57.51 -10.52
C ILE B 434 13.69 -57.10 -11.95
N GLY B 435 14.71 -57.00 -12.80
CA GLY B 435 14.52 -56.61 -14.19
C GLY B 435 14.79 -55.13 -14.40
N GLU B 436 14.85 -54.38 -13.31
CA GLU B 436 15.04 -52.93 -13.37
C GLU B 436 16.45 -52.55 -13.80
N GLU B 437 16.61 -51.29 -14.21
CA GLU B 437 17.92 -50.78 -14.60
C GLU B 437 18.45 -49.77 -13.58
N ILE B 438 19.75 -49.83 -13.31
CA ILE B 438 20.38 -48.98 -12.30
C ILE B 438 21.69 -48.37 -12.80
N SER B 439 22.17 -47.34 -12.12
CA SER B 439 23.44 -46.70 -12.46
C SER B 439 24.30 -46.46 -11.21
N ILE B 440 25.57 -46.15 -11.43
CA ILE B 440 26.48 -45.81 -10.32
C ILE B 440 27.01 -44.39 -10.48
N GLU B 441 27.06 -43.66 -9.37
CA GLU B 441 27.43 -42.24 -9.38
C GLU B 441 28.92 -42.02 -9.66
N GLY B 442 29.21 -41.18 -10.65
CA GLY B 442 30.55 -40.68 -10.87
C GLY B 442 31.50 -41.52 -11.71
N LYS B 443 31.23 -42.81 -11.81
CA LYS B 443 32.14 -43.72 -12.50
C LYS B 443 31.73 -44.04 -13.93
N ASP B 444 30.63 -43.42 -14.38
CA ASP B 444 30.14 -43.56 -15.76
C ASP B 444 29.89 -45.02 -16.11
N ILE B 445 29.09 -45.69 -15.30
CA ILE B 445 28.84 -47.12 -15.46
C ILE B 445 27.35 -47.45 -15.37
N VAL B 446 26.88 -48.34 -16.23
CA VAL B 446 25.49 -48.78 -16.25
C VAL B 446 25.36 -50.25 -15.82
N GLY B 447 24.18 -50.62 -15.32
CA GLY B 447 23.95 -51.98 -14.86
C GLY B 447 22.48 -52.34 -14.74
N LYS B 448 22.19 -53.64 -14.81
CA LYS B 448 20.82 -54.13 -14.68
C LYS B 448 20.74 -55.11 -13.51
N ILE B 449 19.56 -55.20 -12.89
CA ILE B 449 19.43 -56.01 -11.68
C ILE B 449 18.92 -57.44 -11.95
N LYS B 450 19.55 -58.42 -11.30
CA LYS B 450 19.36 -59.84 -11.61
C LYS B 450 18.80 -60.68 -10.46
N GLY B 451 19.68 -61.08 -9.55
CA GLY B 451 19.32 -62.04 -8.50
C GLY B 451 18.74 -61.45 -7.23
N THR B 452 18.01 -62.29 -6.49
CA THR B 452 17.36 -61.86 -5.25
C THR B 452 17.67 -62.76 -4.05
N PHE B 453 18.30 -62.17 -3.04
CA PHE B 453 18.51 -62.82 -1.74
C PHE B 453 17.72 -62.03 -0.72
N GLY B 454 16.53 -62.54 -0.37
CA GLY B 454 15.56 -61.75 0.34
C GLY B 454 15.52 -61.84 1.86
N THR B 455 16.62 -62.23 2.49
CA THR B 455 16.69 -62.26 3.95
C THR B 455 16.53 -60.86 4.52
N LYS B 456 17.50 -59.99 4.23
CA LYS B 456 17.44 -58.60 4.68
C LYS B 456 17.00 -57.64 3.58
N GLY B 457 16.54 -58.20 2.46
CA GLY B 457 16.13 -57.40 1.33
C GLY B 457 17.32 -56.99 0.48
N LEU B 458 18.24 -57.94 0.28
CA LEU B 458 19.44 -57.69 -0.50
C LEU B 458 19.20 -58.13 -1.95
N LEU B 459 19.85 -57.44 -2.89
CA LEU B 459 19.70 -57.77 -4.30
C LEU B 459 21.05 -57.77 -5.04
N THR B 460 21.27 -58.78 -5.87
CA THR B 460 22.49 -58.88 -6.66
C THR B 460 22.22 -58.57 -8.14
N ALA B 461 22.99 -57.65 -8.70
CA ALA B 461 22.76 -57.16 -10.06
C ALA B 461 23.89 -57.53 -11.02
N GLU B 462 23.77 -57.11 -12.27
CA GLU B 462 24.84 -57.28 -13.25
C GLU B 462 25.34 -55.91 -13.72
N PHE B 463 26.66 -55.78 -13.88
CA PHE B 463 27.26 -54.49 -14.21
C PHE B 463 28.27 -54.59 -15.34
N SER B 464 28.63 -53.44 -15.91
CA SER B 464 29.70 -53.38 -16.91
C SER B 464 30.97 -52.83 -16.26
N GLY B 465 31.95 -53.70 -16.07
CA GLY B 465 33.17 -53.32 -15.38
C GLY B 465 33.10 -53.63 -13.90
N ASN B 466 34.19 -53.36 -13.19
CA ASN B 466 34.29 -53.67 -11.77
C ASN B 466 33.30 -52.85 -10.93
N VAL B 467 32.70 -53.51 -9.95
CA VAL B 467 31.89 -52.84 -8.93
C VAL B 467 32.47 -53.09 -7.54
N GLU B 468 33.07 -52.04 -6.95
CA GLU B 468 33.82 -52.18 -5.71
C GLU B 468 32.95 -52.06 -4.45
N ASN B 469 33.49 -52.53 -3.33
CA ASN B 469 32.85 -52.42 -2.04
C ASN B 469 32.62 -50.97 -1.61
N ARG B 470 31.55 -50.74 -0.85
CA ARG B 470 31.17 -49.41 -0.35
C ARG B 470 30.61 -48.44 -1.41
N ASP B 471 30.46 -48.92 -2.63
CA ASP B 471 29.86 -48.13 -3.71
C ASP B 471 28.37 -47.93 -3.47
N LYS B 472 27.84 -46.80 -3.93
CA LYS B 472 26.42 -46.52 -3.82
C LYS B 472 25.75 -46.66 -5.18
N VAL B 473 24.61 -47.32 -5.19
CA VAL B 473 23.83 -47.48 -6.41
C VAL B 473 22.58 -46.58 -6.38
N ILE B 474 22.34 -45.86 -7.47
CA ILE B 474 21.12 -45.09 -7.63
C ILE B 474 20.18 -45.76 -8.63
N LEU B 475 18.91 -45.84 -8.27
CA LEU B 475 17.89 -46.46 -9.12
C LEU B 475 16.90 -45.41 -9.63
N ASN B 476 16.85 -45.22 -10.94
CA ASN B 476 16.01 -44.18 -11.53
C ASN B 476 14.87 -44.75 -12.39
N ARG B 477 13.64 -44.40 -12.02
CA ARG B 477 12.45 -44.90 -12.71
C ARG B 477 11.28 -43.94 -12.54
N LEU B 478 10.28 -44.09 -13.40
CA LEU B 478 9.10 -43.23 -13.37
C LEU B 478 7.86 -44.00 -12.90
N ARG B 479 7.31 -43.58 -11.77
CA ARG B 479 6.14 -44.25 -11.20
C ARG B 479 4.90 -43.36 -11.17
N ARG B 480 3.83 -43.87 -10.59
CA ARG B 480 2.53 -43.20 -10.62
C ARG B 480 2.24 -42.36 -9.38
N TRP B 481 2.11 -41.06 -9.55
CA TRP B 481 1.75 -40.18 -8.43
C TRP B 481 0.25 -40.19 -8.19
N GLY B 482 -0.14 -39.99 -6.93
CA GLY B 482 -1.55 -40.01 -6.56
C GLY B 482 -2.03 -41.43 -6.33
N ARG C 12 -26.40 20.40 -13.88
CA ARG C 12 -26.50 19.41 -14.95
C ARG C 12 -27.58 18.36 -14.67
N PRO C 13 -28.35 17.98 -15.71
CA PRO C 13 -29.55 17.14 -15.59
C PRO C 13 -29.31 15.84 -14.84
N HIS C 14 -30.19 15.51 -13.90
CA HIS C 14 -30.07 14.27 -13.14
C HIS C 14 -30.00 13.11 -14.11
N MET C 15 -29.21 12.10 -13.76
CA MET C 15 -29.37 10.79 -14.35
C MET C 15 -30.74 10.32 -13.91
N ASP C 16 -31.44 9.60 -14.77
CA ASP C 16 -32.72 9.03 -14.39
C ASP C 16 -33.01 7.74 -15.15
N PHE C 17 -34.06 7.05 -14.75
CA PHE C 17 -34.40 5.79 -15.39
C PHE C 17 -35.48 5.99 -16.45
N LYS C 18 -35.76 4.93 -17.18
CA LYS C 18 -36.88 4.93 -18.11
C LYS C 18 -37.84 3.87 -17.63
N ASN C 19 -39.01 4.31 -17.18
CA ASN C 19 -40.04 3.41 -16.69
C ASN C 19 -40.72 2.64 -17.80
N ILE C 20 -40.87 1.34 -17.60
CA ILE C 20 -41.28 0.45 -18.67
C ILE C 20 -42.19 -0.65 -18.17
N ASN C 21 -43.27 -0.87 -18.89
CA ASN C 21 -44.20 -1.95 -18.56
C ASN C 21 -44.09 -3.08 -19.53
N LEU C 22 -43.78 -4.26 -19.03
CA LEU C 22 -43.53 -5.43 -19.86
C LEU C 22 -44.44 -6.57 -19.46
N GLY C 23 -45.24 -7.07 -20.39
CA GLY C 23 -46.22 -8.09 -20.10
C GLY C 23 -45.73 -9.52 -20.35
N ILE C 24 -46.35 -10.48 -19.68
CA ILE C 24 -46.04 -11.89 -19.90
C ILE C 24 -47.32 -12.65 -20.26
N PHE C 25 -47.36 -13.19 -21.47
CA PHE C 25 -48.54 -13.89 -21.98
C PHE C 25 -48.27 -15.31 -22.47
N GLY C 26 -49.34 -16.05 -22.70
CA GLY C 26 -49.19 -17.41 -23.16
C GLY C 26 -50.21 -18.29 -22.48
N HIS C 27 -50.17 -19.57 -22.77
CA HIS C 27 -51.07 -20.49 -22.11
C HIS C 27 -50.65 -20.61 -20.67
N ILE C 28 -51.62 -20.82 -19.78
CA ILE C 28 -51.27 -21.25 -18.43
C ILE C 28 -50.65 -22.64 -18.57
N ASP C 29 -49.76 -22.98 -17.64
CA ASP C 29 -48.95 -24.20 -17.71
C ASP C 29 -47.80 -24.12 -18.73
N HIS C 30 -47.62 -22.97 -19.36
CA HIS C 30 -46.48 -22.78 -20.27
C HIS C 30 -45.34 -21.94 -19.72
N GLY C 31 -45.30 -21.73 -18.41
CA GLY C 31 -44.18 -21.11 -17.75
C GLY C 31 -44.09 -19.59 -17.69
N LYS C 32 -45.25 -18.92 -17.67
CA LYS C 32 -45.26 -17.47 -17.46
C LYS C 32 -44.68 -17.21 -16.08
N THR C 33 -45.22 -17.91 -15.10
CA THR C 33 -44.87 -17.68 -13.71
C THR C 33 -43.39 -17.99 -13.45
N THR C 34 -42.92 -19.12 -13.95
CA THR C 34 -41.51 -19.44 -13.85
C THR C 34 -40.67 -18.36 -14.54
N LEU C 35 -41.10 -17.92 -15.72
CA LEU C 35 -40.36 -16.89 -16.43
C LEU C 35 -40.32 -15.61 -15.61
N SER C 36 -41.46 -15.26 -15.02
CA SER C 36 -41.56 -14.08 -14.15
C SER C 36 -40.55 -14.17 -13.01
N LYS C 37 -40.61 -15.29 -12.28
CA LYS C 37 -39.66 -15.55 -11.20
C LYS C 37 -38.19 -15.57 -11.64
N VAL C 38 -37.92 -15.80 -12.91
CA VAL C 38 -36.55 -15.82 -13.37
C VAL C 38 -36.09 -14.38 -13.54
N LEU C 39 -36.99 -13.54 -14.03
CA LEU C 39 -36.67 -12.15 -14.35
C LEU C 39 -36.66 -11.35 -13.06
N THR C 40 -37.64 -11.60 -12.20
CA THR C 40 -37.72 -10.91 -10.91
C THR C 40 -36.44 -11.12 -10.12
N GLU C 41 -35.85 -12.31 -10.27
CA GLU C 41 -34.64 -12.64 -9.54
C GLU C 41 -33.39 -11.89 -10.02
N ILE C 42 -33.47 -11.16 -11.14
CA ILE C 42 -32.30 -10.43 -11.60
C ILE C 42 -31.91 -9.34 -10.63
N ALA C 43 -32.88 -8.90 -9.84
CA ALA C 43 -32.63 -7.94 -8.80
C ALA C 43 -32.39 -8.66 -7.49
N SER C 44 -32.84 -9.91 -7.43
CA SER C 44 -32.62 -10.79 -6.27
C SER C 44 -31.27 -11.54 -6.37
N THR C 45 -30.42 -11.05 -7.24
CA THR C 45 -29.14 -11.64 -7.62
C THR C 45 -29.30 -12.99 -8.31
N SER C 46 -30.10 -13.02 -9.39
CA SER C 46 -30.23 -14.24 -10.19
C SER C 46 -28.93 -14.46 -10.95
N ALA C 47 -28.34 -15.64 -10.78
CA ALA C 47 -27.31 -16.08 -11.69
C ALA C 47 -28.06 -16.38 -12.98
N HIS C 48 -27.34 -16.53 -14.07
CA HIS C 48 -27.98 -16.94 -15.33
C HIS C 48 -28.74 -18.26 -15.13
N ASP C 49 -28.34 -19.01 -14.09
CA ASP C 49 -28.98 -20.26 -13.69
C ASP C 49 -30.43 -20.09 -13.21
N LYS C 50 -31.03 -21.17 -12.70
CA LYS C 50 -32.38 -21.12 -12.13
C LYS C 50 -32.35 -20.65 -10.69
N LEU C 51 -33.41 -20.98 -9.94
CA LEU C 51 -33.38 -20.92 -8.49
C LEU C 51 -33.33 -22.37 -8.01
N PRO C 52 -32.14 -23.00 -8.08
CA PRO C 52 -32.02 -24.44 -7.84
C PRO C 52 -32.12 -24.78 -6.35
N GLU C 53 -31.67 -23.85 -5.53
CA GLU C 53 -31.56 -24.05 -4.09
C GLU C 53 -32.82 -24.60 -3.43
N SER C 54 -33.98 -24.21 -3.94
CA SER C 54 -35.27 -24.59 -3.36
C SER C 54 -35.30 -24.23 -1.89
N GLN C 55 -34.56 -23.19 -1.53
CA GLN C 55 -34.36 -22.82 -0.14
C GLN C 55 -35.45 -21.89 0.36
N LYS C 56 -35.96 -21.04 -0.52
CA LYS C 56 -36.82 -19.96 -0.08
C LYS C 56 -38.02 -19.67 -0.98
N ARG C 57 -39.19 -19.60 -0.35
CA ARG C 57 -40.41 -19.11 -0.97
C ARG C 57 -40.97 -18.05 -0.04
N GLY C 58 -41.03 -16.80 -0.49
CA GLY C 58 -41.43 -15.71 0.39
C GLY C 58 -42.92 -15.46 0.46
N ILE C 59 -43.39 -14.81 1.51
CA ILE C 59 -44.81 -14.47 1.60
C ILE C 59 -45.02 -12.96 1.59
N THR C 60 -45.27 -12.42 0.42
CA THR C 60 -45.56 -11.00 0.26
C THR C 60 -46.66 -10.88 -0.76
N ILE C 61 -47.72 -10.13 -0.41
CA ILE C 61 -48.89 -10.03 -1.27
C ILE C 61 -48.47 -9.67 -2.69
N ASP C 62 -49.22 -10.11 -3.69
CA ASP C 62 -48.90 -9.79 -5.08
C ASP C 62 -50.05 -9.08 -5.76
N ILE C 63 -50.03 -7.75 -5.78
CA ILE C 63 -51.07 -7.01 -6.48
C ILE C 63 -50.55 -6.32 -7.76
N GLY C 64 -49.47 -6.85 -8.33
CA GLY C 64 -49.06 -6.44 -9.66
C GLY C 64 -47.71 -5.74 -9.77
N PHE C 65 -47.09 -5.50 -8.64
CA PHE C 65 -45.90 -4.67 -8.62
C PHE C 65 -44.57 -5.41 -8.74
N SER C 66 -44.58 -6.65 -9.21
CA SER C 66 -43.33 -7.36 -9.47
C SER C 66 -42.50 -6.56 -10.45
N ALA C 67 -41.30 -6.17 -10.08
CA ALA C 67 -40.47 -5.41 -11.00
C ALA C 67 -38.98 -5.67 -10.89
N PHE C 68 -38.24 -5.19 -11.88
CA PHE C 68 -36.80 -5.40 -11.95
C PHE C 68 -36.12 -4.39 -12.84
N LYS C 69 -34.78 -4.31 -12.74
CA LYS C 69 -34.00 -3.40 -13.56
C LYS C 69 -33.15 -4.10 -14.63
N LEU C 70 -33.25 -3.61 -15.86
CA LEU C 70 -32.28 -3.90 -16.90
C LEU C 70 -31.65 -2.60 -17.35
N GLU C 71 -30.34 -2.50 -17.18
CA GLU C 71 -29.60 -1.28 -17.49
C GLU C 71 -30.35 -0.08 -16.96
N ASN C 72 -30.86 0.77 -17.84
CA ASN C 72 -31.55 1.97 -17.39
C ASN C 72 -33.08 1.85 -17.43
N TYR C 73 -33.55 0.61 -17.50
CA TYR C 73 -34.97 0.36 -17.56
C TYR C 73 -35.50 -0.14 -16.21
N ARG C 74 -36.45 0.58 -15.65
CA ARG C 74 -37.21 0.09 -14.50
C ARG C 74 -38.37 -0.73 -15.04
N ILE C 75 -38.17 -2.03 -15.18
CA ILE C 75 -39.19 -2.89 -15.76
C ILE C 75 -40.16 -3.45 -14.72
N THR C 76 -41.41 -2.99 -14.78
CA THR C 76 -42.52 -3.53 -13.98
C THR C 76 -43.38 -4.50 -14.80
N LEU C 77 -43.54 -5.73 -14.32
CA LEU C 77 -44.24 -6.75 -15.09
C LEU C 77 -45.76 -6.64 -15.03
N VAL C 78 -46.39 -6.77 -16.20
CA VAL C 78 -47.84 -6.80 -16.30
C VAL C 78 -48.26 -8.24 -16.26
N ASP C 79 -48.89 -8.65 -15.17
CA ASP C 79 -49.18 -10.04 -14.97
C ASP C 79 -50.51 -10.19 -14.29
N ALA C 80 -51.37 -11.00 -14.88
CA ALA C 80 -52.62 -11.32 -14.24
C ALA C 80 -52.77 -12.83 -14.30
N PRO C 81 -53.58 -13.41 -13.41
CA PRO C 81 -53.61 -14.87 -13.31
C PRO C 81 -54.30 -15.54 -14.50
N GLY C 82 -55.47 -15.04 -14.90
CA GLY C 82 -56.26 -15.71 -15.91
C GLY C 82 -56.13 -15.16 -17.31
N HIS C 83 -56.85 -15.78 -18.24
CA HIS C 83 -56.86 -15.33 -19.62
C HIS C 83 -57.72 -14.08 -19.74
N ALA C 84 -58.90 -14.11 -19.15
CA ALA C 84 -59.77 -12.94 -19.10
C ALA C 84 -59.05 -11.76 -18.46
N ASP C 85 -58.47 -11.97 -17.28
CA ASP C 85 -57.76 -10.91 -16.56
C ASP C 85 -56.65 -10.30 -17.41
N LEU C 86 -55.84 -11.15 -18.03
CA LEU C 86 -54.77 -10.71 -18.92
C LEU C 86 -55.27 -9.98 -20.17
N ILE C 87 -56.43 -10.38 -20.67
CA ILE C 87 -56.98 -9.73 -21.84
C ILE C 87 -57.43 -8.33 -21.48
N ARG C 88 -58.22 -8.21 -20.41
CA ARG C 88 -58.73 -6.92 -20.01
C ARG C 88 -57.55 -6.02 -19.65
N ALA C 89 -56.55 -6.61 -19.01
CA ALA C 89 -55.34 -5.90 -18.69
C ALA C 89 -54.74 -5.21 -19.90
N VAL C 90 -54.60 -5.94 -21.00
CA VAL C 90 -53.95 -5.38 -22.18
C VAL C 90 -54.79 -4.26 -22.76
N VAL C 91 -56.04 -4.58 -23.03
CA VAL C 91 -57.00 -3.64 -23.58
C VAL C 91 -56.99 -2.31 -22.83
N SER C 92 -56.91 -2.38 -21.50
CA SER C 92 -56.89 -1.17 -20.70
C SER C 92 -55.50 -0.53 -20.67
N ALA C 93 -54.47 -1.33 -20.41
CA ALA C 93 -53.11 -0.82 -20.24
C ALA C 93 -52.35 -0.73 -21.55
N ALA C 94 -53.09 -0.72 -22.66
CA ALA C 94 -52.47 -0.90 -23.97
C ALA C 94 -51.48 0.19 -24.32
N ASP C 95 -51.84 1.44 -24.01
CA ASP C 95 -50.96 2.57 -24.29
C ASP C 95 -49.58 2.35 -23.67
N ILE C 96 -49.59 1.74 -22.48
CA ILE C 96 -48.47 1.72 -21.55
C ILE C 96 -47.56 0.49 -21.72
N ILE C 97 -48.09 -0.59 -22.28
CA ILE C 97 -47.28 -1.80 -22.42
C ILE C 97 -46.30 -1.67 -23.57
N ASP C 98 -45.01 -1.80 -23.29
CA ASP C 98 -43.96 -1.41 -24.23
C ASP C 98 -43.42 -2.63 -24.94
N LEU C 99 -43.64 -3.79 -24.33
CA LEU C 99 -43.08 -5.00 -24.89
C LEU C 99 -43.81 -6.15 -24.24
N ALA C 100 -43.93 -7.26 -24.96
CA ALA C 100 -44.57 -8.43 -24.40
C ALA C 100 -43.76 -9.68 -24.68
N LEU C 101 -43.90 -10.67 -23.81
CA LEU C 101 -43.30 -11.97 -24.04
C LEU C 101 -44.46 -12.97 -24.09
N ILE C 102 -44.50 -13.75 -25.17
CA ILE C 102 -45.45 -14.85 -25.27
C ILE C 102 -44.68 -16.14 -25.06
N VAL C 103 -45.16 -16.99 -24.16
CA VAL C 103 -44.46 -18.25 -23.91
C VAL C 103 -45.13 -19.46 -24.55
N VAL C 104 -44.29 -20.41 -24.95
CA VAL C 104 -44.76 -21.64 -25.56
C VAL C 104 -43.90 -22.79 -25.07
N ASP C 105 -44.55 -23.91 -24.74
CA ASP C 105 -43.83 -25.12 -24.38
C ASP C 105 -43.15 -25.69 -25.62
N ALA C 106 -41.86 -25.97 -25.53
CA ALA C 106 -41.13 -26.60 -26.63
C ALA C 106 -41.80 -27.90 -27.03
N LYS C 107 -42.21 -28.70 -26.06
CA LYS C 107 -42.75 -30.02 -26.34
C LYS C 107 -44.15 -29.97 -26.95
N GLU C 108 -45.08 -29.27 -26.30
CA GLU C 108 -46.48 -29.32 -26.72
C GLU C 108 -46.91 -28.21 -27.67
N GLY C 109 -45.99 -27.35 -28.06
CA GLY C 109 -46.27 -26.33 -29.04
C GLY C 109 -47.33 -25.35 -28.59
N PRO C 110 -47.79 -24.48 -29.50
CA PRO C 110 -48.70 -23.39 -29.16
C PRO C 110 -50.09 -23.92 -28.91
N LYS C 111 -50.91 -23.17 -28.18
CA LYS C 111 -52.30 -23.56 -27.99
C LYS C 111 -53.22 -22.38 -28.24
N THR C 112 -54.52 -22.65 -28.29
CA THR C 112 -55.53 -21.64 -28.54
C THR C 112 -55.30 -20.28 -27.87
N GLN C 113 -54.93 -20.31 -26.59
CA GLN C 113 -54.67 -19.07 -25.87
C GLN C 113 -53.42 -18.37 -26.38
N THR C 114 -52.44 -19.16 -26.79
CA THR C 114 -51.21 -18.63 -27.35
C THR C 114 -51.47 -17.79 -28.60
N GLY C 115 -52.46 -18.18 -29.39
CA GLY C 115 -52.77 -17.44 -30.60
C GLY C 115 -53.56 -16.18 -30.29
N GLU C 116 -54.65 -16.36 -29.55
CA GLU C 116 -55.48 -15.22 -29.15
C GLU C 116 -54.63 -14.08 -28.57
N HIS C 117 -53.62 -14.43 -27.78
CA HIS C 117 -52.72 -13.40 -27.28
C HIS C 117 -51.92 -12.73 -28.40
N MET C 118 -51.37 -13.53 -29.31
CA MET C 118 -50.61 -12.95 -30.40
C MET C 118 -51.42 -11.96 -31.21
N LEU C 119 -52.63 -12.36 -31.62
CA LEU C 119 -53.44 -11.48 -32.46
C LEU C 119 -53.88 -10.23 -31.71
N ILE C 120 -54.20 -10.40 -30.43
CA ILE C 120 -54.51 -9.24 -29.62
C ILE C 120 -53.33 -8.30 -29.54
N LEU C 121 -52.18 -8.84 -29.16
CA LEU C 121 -50.96 -8.03 -29.16
C LEU C 121 -50.70 -7.40 -30.53
N ASP C 122 -50.96 -8.15 -31.59
CA ASP C 122 -50.81 -7.61 -32.94
C ASP C 122 -51.77 -6.45 -33.18
N HIS C 123 -53.05 -6.66 -32.86
CA HIS C 123 -54.06 -5.63 -33.09
C HIS C 123 -53.74 -4.33 -32.32
N PHE C 124 -53.07 -4.47 -31.17
CA PHE C 124 -52.70 -3.29 -30.36
C PHE C 124 -51.26 -2.85 -30.63
N ASN C 125 -50.63 -3.41 -31.66
CA ASN C 125 -49.29 -2.97 -32.08
C ASN C 125 -48.23 -3.00 -30.95
N ILE C 126 -48.33 -4.01 -30.09
CA ILE C 126 -47.39 -4.15 -29.00
C ILE C 126 -46.31 -5.16 -29.41
N PRO C 127 -45.06 -4.71 -29.58
CA PRO C 127 -43.91 -5.55 -29.95
C PRO C 127 -43.84 -6.80 -29.10
N ILE C 128 -43.58 -7.96 -29.69
CA ILE C 128 -43.46 -9.17 -28.90
C ILE C 128 -42.16 -9.94 -29.14
N ILE C 129 -41.88 -10.85 -28.20
CA ILE C 129 -40.77 -11.79 -28.31
C ILE C 129 -41.31 -13.15 -27.89
N VAL C 130 -41.25 -14.13 -28.76
CA VAL C 130 -41.76 -15.45 -28.44
C VAL C 130 -40.70 -16.11 -27.58
N VAL C 131 -41.10 -16.64 -26.42
CA VAL C 131 -40.16 -17.34 -25.54
C VAL C 131 -40.54 -18.81 -25.48
N ILE C 132 -39.59 -19.67 -25.84
CA ILE C 132 -39.88 -21.10 -25.84
C ILE C 132 -39.38 -21.77 -24.59
N THR C 133 -40.33 -22.10 -23.71
CA THR C 133 -40.04 -22.56 -22.37
C THR C 133 -39.89 -24.07 -22.26
N LYS C 134 -39.31 -24.51 -21.16
CA LYS C 134 -39.07 -25.92 -20.88
C LYS C 134 -38.33 -26.62 -22.01
N SER C 135 -37.44 -25.89 -22.67
CA SER C 135 -36.58 -26.48 -23.70
C SER C 135 -35.76 -27.64 -23.16
N ASP C 136 -35.65 -27.72 -21.84
CA ASP C 136 -34.93 -28.82 -21.22
C ASP C 136 -35.73 -30.10 -21.24
N ASN C 137 -37.01 -30.00 -21.56
CA ASN C 137 -37.90 -31.15 -21.54
C ASN C 137 -38.19 -31.67 -22.94
N ALA C 138 -37.61 -31.04 -23.95
CA ALA C 138 -37.95 -31.37 -25.32
C ALA C 138 -36.76 -31.92 -26.09
N GLY C 139 -37.05 -32.79 -27.06
CA GLY C 139 -36.05 -33.27 -27.99
C GLY C 139 -35.76 -32.20 -29.01
N THR C 140 -34.84 -32.50 -29.93
CA THR C 140 -34.39 -31.50 -30.88
C THR C 140 -35.49 -31.14 -31.85
N GLU C 141 -36.10 -32.16 -32.47
CA GLU C 141 -37.18 -31.91 -33.42
C GLU C 141 -38.38 -31.20 -32.80
N GLU C 142 -38.69 -31.56 -31.54
CA GLU C 142 -39.83 -30.98 -30.85
C GLU C 142 -39.66 -29.48 -30.67
N ILE C 143 -38.43 -29.05 -30.40
CA ILE C 143 -38.15 -27.61 -30.29
C ILE C 143 -38.23 -26.93 -31.65
N LYS C 144 -37.57 -27.53 -32.63
CA LYS C 144 -37.60 -27.04 -34.02
C LYS C 144 -39.02 -26.88 -34.54
N ARG C 145 -39.83 -27.90 -34.31
CA ARG C 145 -41.22 -27.94 -34.75
C ARG C 145 -42.03 -26.81 -34.12
N THR C 146 -41.83 -26.59 -32.84
CA THR C 146 -42.56 -25.53 -32.15
C THR C 146 -42.09 -24.18 -32.64
N GLU C 147 -40.79 -24.02 -32.82
CA GLU C 147 -40.26 -22.79 -33.36
C GLU C 147 -40.82 -22.51 -34.77
N MET C 148 -41.01 -23.54 -35.57
CA MET C 148 -41.54 -23.36 -36.93
C MET C 148 -42.99 -22.89 -36.95
N ILE C 149 -43.85 -23.64 -36.29
CA ILE C 149 -45.25 -23.28 -36.17
C ILE C 149 -45.41 -21.85 -35.67
N MET C 150 -44.51 -21.40 -34.83
CA MET C 150 -44.69 -20.08 -34.28
C MET C 150 -44.26 -19.03 -35.27
N LYS C 151 -43.13 -19.25 -35.92
CA LYS C 151 -42.68 -18.38 -37.00
C LYS C 151 -43.77 -18.26 -38.04
N SER C 152 -44.39 -19.39 -38.37
CA SER C 152 -45.43 -19.39 -39.39
C SER C 152 -46.67 -18.62 -38.95
N ILE C 153 -47.18 -18.90 -37.76
CA ILE C 153 -48.35 -18.16 -37.27
C ILE C 153 -48.06 -16.68 -37.28
N LEU C 154 -46.84 -16.33 -36.88
CA LEU C 154 -46.41 -14.94 -36.80
C LEU C 154 -46.52 -14.19 -38.13
N GLN C 155 -46.43 -14.93 -39.23
CA GLN C 155 -46.51 -14.35 -40.58
C GLN C 155 -47.91 -13.89 -40.97
N SER C 156 -48.91 -14.37 -40.24
CA SER C 156 -50.30 -14.07 -40.54
C SER C 156 -50.68 -12.73 -39.97
N THR C 157 -49.74 -12.07 -39.33
CA THR C 157 -50.06 -10.88 -38.57
C THR C 157 -49.52 -9.66 -39.26
N HIS C 158 -50.12 -8.51 -38.94
CA HIS C 158 -49.78 -7.27 -39.58
C HIS C 158 -48.44 -6.73 -39.11
N ASN C 159 -48.23 -6.74 -37.79
CA ASN C 159 -47.06 -6.08 -37.16
C ASN C 159 -45.98 -7.01 -36.59
N LEU C 160 -46.41 -8.12 -36.00
CA LEU C 160 -45.51 -9.04 -35.28
C LEU C 160 -44.71 -9.95 -36.20
N LYS C 161 -44.70 -9.62 -37.49
CA LYS C 161 -44.26 -10.54 -38.54
C LYS C 161 -42.85 -11.10 -38.32
N ASN C 162 -41.88 -10.23 -38.05
CA ASN C 162 -40.51 -10.70 -37.85
C ASN C 162 -40.09 -10.66 -36.36
N SER C 163 -41.08 -10.77 -35.48
CA SER C 163 -40.84 -10.95 -34.06
C SER C 163 -39.89 -12.13 -33.82
N SER C 164 -38.90 -11.93 -32.96
CA SER C 164 -37.87 -12.96 -32.73
C SER C 164 -38.30 -14.10 -31.82
N ILE C 165 -37.64 -15.24 -31.95
CA ILE C 165 -38.00 -16.44 -31.18
C ILE C 165 -36.81 -17.02 -30.42
N ILE C 166 -36.80 -16.87 -29.10
CA ILE C 166 -35.75 -17.42 -28.24
C ILE C 166 -36.25 -18.63 -27.44
N PRO C 167 -35.57 -19.78 -27.58
CA PRO C 167 -35.78 -20.91 -26.67
C PRO C 167 -34.94 -20.76 -25.39
N ILE C 168 -35.59 -20.89 -24.24
CA ILE C 168 -34.89 -20.90 -22.96
C ILE C 168 -35.22 -22.14 -22.14
N SER C 169 -34.39 -22.39 -21.13
CA SER C 169 -34.70 -23.36 -20.10
C SER C 169 -34.55 -22.63 -18.79
N ALA C 170 -35.65 -22.33 -18.09
CA ALA C 170 -35.53 -21.61 -16.81
C ALA C 170 -34.81 -22.46 -15.77
N LYS C 171 -35.04 -23.76 -15.84
CA LYS C 171 -34.39 -24.71 -14.95
C LYS C 171 -32.88 -24.74 -15.15
N THR C 172 -32.42 -24.86 -16.39
CA THR C 172 -30.99 -24.87 -16.68
C THR C 172 -30.39 -23.48 -16.67
N GLY C 173 -31.17 -22.49 -17.08
CA GLY C 173 -30.67 -21.14 -17.23
C GLY C 173 -30.38 -20.78 -18.67
N PHE C 174 -30.33 -21.79 -19.51
CA PHE C 174 -30.11 -21.64 -20.95
C PHE C 174 -31.02 -20.60 -21.59
N GLY C 175 -30.41 -19.68 -22.35
CA GLY C 175 -31.18 -18.71 -23.11
C GLY C 175 -31.61 -17.47 -22.36
N VAL C 176 -31.48 -17.48 -21.04
CA VAL C 176 -31.96 -16.36 -20.25
C VAL C 176 -31.09 -15.11 -20.41
N ASP C 177 -29.80 -15.32 -20.60
CA ASP C 177 -28.92 -14.18 -20.87
C ASP C 177 -29.30 -13.56 -22.20
N GLU C 178 -29.41 -14.40 -23.22
CA GLU C 178 -29.75 -13.93 -24.56
C GLU C 178 -31.06 -13.15 -24.55
N LEU C 179 -32.04 -13.70 -23.84
CA LEU C 179 -33.34 -13.07 -23.73
C LEU C 179 -33.27 -11.67 -23.10
N LYS C 180 -32.51 -11.53 -22.00
CA LYS C 180 -32.43 -10.25 -21.31
C LYS C 180 -31.85 -9.19 -22.22
N ASN C 181 -30.71 -9.51 -22.84
CA ASN C 181 -30.10 -8.64 -23.85
C ASN C 181 -31.05 -8.31 -25.01
N LEU C 182 -31.83 -9.29 -25.43
CA LEU C 182 -32.81 -9.04 -26.48
C LEU C 182 -33.89 -8.07 -26.00
N ILE C 183 -34.26 -8.16 -24.74
CA ILE C 183 -35.27 -7.25 -24.20
C ILE C 183 -34.69 -5.84 -24.18
N ILE C 184 -33.39 -5.76 -23.92
CA ILE C 184 -32.70 -4.47 -23.97
C ILE C 184 -32.60 -3.90 -25.38
N THR C 185 -32.15 -4.70 -26.35
CA THR C 185 -32.05 -4.19 -27.72
C THR C 185 -33.40 -3.74 -28.24
N THR C 186 -34.42 -4.53 -27.97
CA THR C 186 -35.78 -4.20 -28.39
C THR C 186 -36.25 -2.85 -27.82
N LEU C 187 -36.08 -2.65 -26.51
CA LEU C 187 -36.54 -1.42 -25.89
C LEU C 187 -35.64 -0.25 -26.31
N ASN C 188 -34.41 -0.58 -26.71
CA ASN C 188 -33.45 0.44 -27.10
C ASN C 188 -33.81 1.01 -28.45
N ASN C 189 -34.50 0.19 -29.24
CA ASN C 189 -34.92 0.57 -30.59
C ASN C 189 -36.23 1.32 -30.53
N ALA C 190 -37.11 0.91 -29.62
CA ALA C 190 -38.43 1.50 -29.49
C ALA C 190 -38.35 3.00 -29.23
N GLU C 191 -39.36 3.73 -29.64
CA GLU C 191 -39.48 5.12 -29.27
C GLU C 191 -40.60 5.14 -28.25
N ILE C 192 -40.26 5.48 -27.02
CA ILE C 192 -41.23 5.40 -25.95
C ILE C 192 -41.65 6.80 -25.50
N ILE C 193 -42.89 7.15 -25.80
CA ILE C 193 -43.42 8.41 -25.35
C ILE C 193 -44.66 8.22 -24.49
N ARG C 194 -44.67 8.87 -23.34
CA ARG C 194 -45.81 8.79 -22.46
C ARG C 194 -46.60 10.05 -22.69
N ASN C 195 -47.93 9.91 -22.64
CA ASN C 195 -48.76 11.09 -22.83
C ASN C 195 -48.97 11.84 -21.54
N THR C 196 -48.08 12.80 -21.31
CA THR C 196 -47.98 13.51 -20.06
C THR C 196 -48.96 14.68 -20.00
N GLU C 197 -49.11 15.36 -21.13
CA GLU C 197 -49.81 16.64 -21.18
C GLU C 197 -51.33 16.59 -21.26
N SER C 198 -51.90 15.41 -21.08
CA SER C 198 -53.36 15.28 -21.11
C SER C 198 -53.94 15.20 -19.71
N TYR C 199 -55.25 15.10 -19.64
CA TYR C 199 -55.97 14.86 -18.38
C TYR C 199 -55.47 13.57 -17.70
N PHE C 200 -55.59 13.47 -16.38
CA PHE C 200 -55.09 12.29 -15.66
C PHE C 200 -56.03 11.09 -15.76
N LYS C 201 -55.48 9.93 -16.13
CA LYS C 201 -56.30 8.72 -16.28
C LYS C 201 -55.61 7.49 -15.68
N MET C 202 -56.17 6.97 -14.58
CA MET C 202 -55.62 5.77 -13.97
C MET C 202 -56.68 4.72 -13.66
N PRO C 203 -56.86 3.75 -14.57
CA PRO C 203 -57.71 2.61 -14.25
C PRO C 203 -57.26 1.89 -12.97
N LEU C 204 -58.21 1.60 -12.07
CA LEU C 204 -57.93 0.98 -10.77
C LEU C 204 -57.96 -0.57 -10.77
N ASP C 205 -56.81 -1.21 -10.48
CA ASP C 205 -56.68 -2.68 -10.50
C ASP C 205 -57.04 -3.34 -9.18
N HIS C 206 -56.74 -2.67 -8.06
CA HIS C 206 -56.93 -3.22 -6.72
C HIS C 206 -57.15 -2.09 -5.73
N ALA C 207 -57.85 -2.41 -4.66
CA ALA C 207 -57.99 -1.50 -3.53
C ALA C 207 -58.12 -2.28 -2.22
N PHE C 208 -57.65 -1.68 -1.14
CA PHE C 208 -57.98 -2.17 0.19
C PHE C 208 -58.10 -0.98 1.14
N PRO C 209 -58.91 -1.12 2.18
CA PRO C 209 -59.17 -0.05 3.13
C PRO C 209 -58.14 0.01 4.26
N ILE C 210 -57.85 1.22 4.73
CA ILE C 210 -57.06 1.45 5.92
C ILE C 210 -57.99 2.11 6.93
N LYS C 211 -58.47 1.34 7.91
CA LYS C 211 -59.61 1.73 8.76
C LYS C 211 -59.76 3.20 9.10
N GLY C 212 -58.70 3.80 9.62
CA GLY C 212 -58.78 5.19 10.02
C GLY C 212 -58.34 6.17 8.95
N ALA C 213 -57.35 5.81 8.15
CA ALA C 213 -56.61 6.81 7.38
C ALA C 213 -56.87 6.91 5.87
N GLY C 214 -57.77 6.08 5.34
CA GLY C 214 -58.18 6.26 3.96
C GLY C 214 -58.39 4.98 3.19
N THR C 215 -58.24 5.07 1.87
CA THR C 215 -58.29 3.90 1.00
C THR C 215 -56.99 3.80 0.21
N VAL C 216 -56.51 2.58 0.00
CA VAL C 216 -55.37 2.35 -0.87
C VAL C 216 -55.91 1.83 -2.18
N VAL C 217 -55.37 2.33 -3.29
CA VAL C 217 -55.76 1.89 -4.63
C VAL C 217 -54.51 1.75 -5.46
N THR C 218 -54.54 0.82 -6.43
CA THR C 218 -53.40 0.59 -7.32
C THR C 218 -53.77 0.76 -8.80
N GLY C 219 -52.81 1.18 -9.61
CA GLY C 219 -53.05 1.27 -11.04
C GLY C 219 -51.80 1.44 -11.84
N THR C 220 -51.92 1.31 -13.16
CA THR C 220 -50.87 1.83 -14.02
C THR C 220 -51.47 3.01 -14.76
N ILE C 221 -50.83 4.17 -14.66
CA ILE C 221 -51.34 5.41 -15.22
C ILE C 221 -51.22 5.45 -16.74
N ASN C 222 -52.35 5.63 -17.42
CA ASN C 222 -52.38 5.68 -18.88
C ASN C 222 -51.88 7.01 -19.40
N LYS C 223 -52.47 8.08 -18.88
CA LYS C 223 -52.09 9.42 -19.27
C LYS C 223 -52.25 10.44 -18.16
N GLY C 224 -51.52 11.55 -18.29
CA GLY C 224 -51.59 12.63 -17.32
C GLY C 224 -50.58 12.53 -16.19
N ILE C 225 -50.83 13.30 -15.13
CA ILE C 225 -49.92 13.37 -14.00
C ILE C 225 -50.63 13.50 -12.66
N VAL C 226 -50.21 12.72 -11.68
CA VAL C 226 -50.64 12.95 -10.30
C VAL C 226 -49.55 13.60 -9.46
N LYS C 227 -49.98 14.42 -8.53
CA LYS C 227 -49.10 14.91 -7.48
C LYS C 227 -49.75 14.65 -6.13
N VAL C 228 -48.94 14.37 -5.13
CA VAL C 228 -49.46 14.32 -3.78
C VAL C 228 -50.19 15.62 -3.51
N GLY C 229 -51.49 15.51 -3.24
CA GLY C 229 -52.30 16.65 -2.88
C GLY C 229 -53.35 16.99 -3.92
N ASP C 230 -53.22 16.39 -5.10
CA ASP C 230 -54.18 16.60 -6.18
C ASP C 230 -55.56 16.14 -5.77
N GLU C 231 -56.58 16.87 -6.21
CA GLU C 231 -57.95 16.43 -5.95
C GLU C 231 -58.58 15.88 -7.22
N LEU C 232 -58.87 14.58 -7.19
CA LEU C 232 -59.44 13.90 -8.34
C LEU C 232 -60.82 13.34 -8.03
N LYS C 233 -61.30 12.51 -8.96
CA LYS C 233 -62.56 11.79 -8.79
C LYS C 233 -62.49 10.38 -9.38
N VAL C 234 -63.35 9.50 -8.86
CA VAL C 234 -63.50 8.13 -9.39
C VAL C 234 -64.78 8.03 -10.22
N LEU C 235 -64.63 7.65 -11.50
CA LEU C 235 -65.79 7.40 -12.33
C LEU C 235 -65.92 5.88 -12.58
N PRO C 236 -67.13 5.40 -12.89
CA PRO C 236 -68.39 6.13 -13.10
C PRO C 236 -69.04 6.55 -11.80
N ILE C 237 -68.51 6.13 -10.65
CA ILE C 237 -69.19 6.40 -9.38
C ILE C 237 -69.29 7.88 -9.08
N ASN C 238 -68.41 8.67 -9.69
CA ASN C 238 -68.43 10.13 -9.60
C ASN C 238 -68.21 10.64 -8.19
N MET C 239 -67.22 10.08 -7.50
CA MET C 239 -66.89 10.57 -6.17
C MET C 239 -65.53 11.26 -6.12
N SER C 240 -65.50 12.42 -5.49
CA SER C 240 -64.28 13.19 -5.38
C SER C 240 -63.37 12.57 -4.34
N THR C 241 -62.06 12.69 -4.57
CA THR C 241 -61.05 12.19 -3.64
C THR C 241 -59.79 13.05 -3.69
N LYS C 242 -59.02 13.01 -2.61
CA LYS C 242 -57.74 13.71 -2.54
C LYS C 242 -56.61 12.69 -2.40
N VAL C 243 -55.49 12.95 -3.07
CA VAL C 243 -54.34 12.04 -3.09
C VAL C 243 -53.37 12.31 -1.96
N ARG C 244 -53.45 11.49 -0.91
CA ARG C 244 -52.62 11.66 0.29
C ARG C 244 -51.19 11.13 0.12
N SER C 245 -51.02 10.00 -0.58
CA SER C 245 -49.67 9.44 -0.77
C SER C 245 -49.54 8.60 -2.04
N ILE C 246 -48.44 8.80 -2.77
CA ILE C 246 -48.16 8.01 -3.96
C ILE C 246 -46.85 7.24 -3.82
N GLN C 247 -46.88 5.96 -4.17
CA GLN C 247 -45.68 5.11 -4.14
C GLN C 247 -45.35 4.58 -5.52
N TYR C 248 -44.12 4.82 -5.96
CA TYR C 248 -43.63 4.25 -7.22
C TYR C 248 -42.34 3.47 -7.05
N PHE C 249 -42.38 2.19 -7.43
CA PHE C 249 -41.21 1.32 -7.37
C PHE C 249 -40.63 1.27 -5.94
N LYS C 250 -41.43 0.74 -5.01
CA LYS C 250 -41.00 0.49 -3.63
C LYS C 250 -40.53 1.74 -2.87
N GLU C 251 -41.01 2.92 -3.28
CA GLU C 251 -40.52 4.18 -2.71
C GLU C 251 -41.59 5.25 -2.78
N SER C 252 -41.54 6.20 -1.86
CA SER C 252 -42.57 7.21 -1.77
C SER C 252 -42.19 8.31 -2.72
N VAL C 253 -43.18 8.78 -3.47
CA VAL C 253 -42.91 9.82 -4.44
C VAL C 253 -43.92 10.95 -4.30
N MET C 254 -43.55 12.11 -4.80
CA MET C 254 -44.39 13.30 -4.70
C MET C 254 -45.25 13.43 -5.93
N GLU C 255 -44.85 12.76 -7.01
CA GLU C 255 -45.53 12.89 -8.30
C GLU C 255 -45.27 11.67 -9.19
N ALA C 256 -46.23 11.37 -10.06
CA ALA C 256 -46.12 10.23 -10.96
C ALA C 256 -46.65 10.64 -12.31
N LYS C 257 -46.26 9.90 -13.35
CA LYS C 257 -46.66 10.20 -14.73
C LYS C 257 -47.19 8.96 -15.41
N ALA C 258 -47.64 9.14 -16.65
CA ALA C 258 -48.13 8.04 -17.45
C ALA C 258 -47.06 6.98 -17.64
N GLY C 259 -47.47 5.72 -17.58
CA GLY C 259 -46.53 4.62 -17.64
C GLY C 259 -46.11 4.07 -16.29
N ASP C 260 -46.27 4.86 -15.24
CA ASP C 260 -45.88 4.43 -13.91
C ASP C 260 -46.97 3.60 -13.25
N ARG C 261 -46.64 2.37 -12.86
CA ARG C 261 -47.51 1.62 -11.98
C ARG C 261 -47.38 2.06 -10.51
N VAL C 262 -48.47 2.52 -9.93
CA VAL C 262 -48.38 3.17 -8.62
C VAL C 262 -49.41 2.68 -7.59
N GLY C 263 -49.00 2.66 -6.33
CA GLY C 263 -49.93 2.44 -5.25
C GLY C 263 -50.26 3.82 -4.76
N MET C 264 -51.46 4.01 -4.22
CA MET C 264 -51.87 5.33 -3.79
C MET C 264 -52.71 5.28 -2.54
N ALA C 265 -52.50 6.26 -1.69
CA ALA C 265 -53.30 6.42 -0.50
C ALA C 265 -54.21 7.62 -0.72
N ILE C 266 -55.51 7.38 -0.91
CA ILE C 266 -56.45 8.45 -1.16
C ILE C 266 -57.51 8.48 -0.08
N GLN C 267 -58.07 9.65 0.17
CA GLN C 267 -59.19 9.74 1.13
C GLN C 267 -60.42 10.32 0.45
N GLY C 268 -61.60 9.83 0.84
CA GLY C 268 -62.84 10.28 0.22
C GLY C 268 -63.70 9.19 -0.43
N VAL C 269 -63.12 8.02 -0.67
CA VAL C 269 -63.89 6.88 -1.18
C VAL C 269 -63.54 5.55 -0.52
N ASP C 270 -64.56 4.90 0.05
CA ASP C 270 -64.39 3.57 0.65
C ASP C 270 -63.91 2.56 -0.37
N ALA C 271 -63.17 1.54 0.07
CA ALA C 271 -62.70 0.54 -0.87
C ALA C 271 -63.86 -0.26 -1.46
N LYS C 272 -64.90 -0.50 -0.66
CA LYS C 272 -66.06 -1.25 -1.13
C LYS C 272 -66.83 -0.48 -2.18
N GLN C 273 -66.65 0.84 -2.22
CA GLN C 273 -67.34 1.66 -3.20
C GLN C 273 -66.70 1.55 -4.58
N ILE C 274 -65.47 1.04 -4.63
CA ILE C 274 -64.75 0.88 -5.88
C ILE C 274 -64.82 -0.56 -6.39
N TYR C 275 -65.21 -0.70 -7.66
CA TYR C 275 -65.36 -2.01 -8.31
C TYR C 275 -64.81 -2.01 -9.73
N ARG C 276 -64.56 -3.21 -10.25
CA ARG C 276 -63.80 -3.47 -11.47
C ARG C 276 -63.70 -2.39 -12.57
N GLY C 277 -64.84 -1.92 -13.05
CA GLY C 277 -64.81 -0.97 -14.15
C GLY C 277 -64.20 0.40 -13.89
N ILE C 279 -62.29 3.96 -12.99
CA ILE C 279 -61.06 4.66 -13.29
C ILE C 279 -60.91 5.88 -12.39
N LEU C 280 -59.70 6.13 -11.90
CA LEU C 280 -59.41 7.39 -11.22
C LEU C 280 -59.03 8.38 -12.29
N THR C 281 -59.64 9.56 -12.26
CA THR C 281 -59.34 10.58 -13.24
C THR C 281 -59.45 11.99 -12.69
N SER C 282 -58.78 12.90 -13.37
CA SER C 282 -58.86 14.29 -13.00
C SER C 282 -60.24 14.82 -13.35
N LYS C 283 -60.47 16.10 -13.13
CA LYS C 283 -61.82 16.64 -13.25
C LYS C 283 -62.12 17.28 -14.61
N ASP C 284 -61.08 17.41 -15.44
CA ASP C 284 -61.25 17.90 -16.80
C ASP C 284 -61.24 16.69 -17.73
N THR C 285 -61.50 15.53 -17.14
CA THR C 285 -61.49 14.25 -17.83
C THR C 285 -62.34 14.24 -19.08
N LYS C 286 -61.86 13.56 -20.12
CA LYS C 286 -62.58 13.43 -21.37
C LYS C 286 -63.36 12.12 -21.40
N LEU C 287 -63.12 11.27 -20.42
CA LEU C 287 -63.82 10.00 -20.31
C LEU C 287 -65.31 10.28 -20.23
N GLN C 288 -66.07 9.50 -20.99
CA GLN C 288 -67.52 9.56 -20.91
C GLN C 288 -68.07 8.22 -20.48
N THR C 289 -69.21 8.25 -19.81
CA THR C 289 -69.92 7.04 -19.51
C THR C 289 -70.82 6.85 -20.74
N VAL C 290 -70.85 5.64 -21.28
CA VAL C 290 -71.27 5.47 -22.67
C VAL C 290 -72.09 4.22 -22.93
N ASP C 291 -73.24 4.41 -23.56
CA ASP C 291 -74.15 3.31 -23.91
C ASP C 291 -73.94 2.86 -25.35
N LYS C 292 -73.80 3.84 -26.24
CA LYS C 292 -73.72 3.60 -27.67
C LYS C 292 -72.35 4.01 -28.23
N ILE C 293 -71.65 3.07 -28.84
CA ILE C 293 -70.33 3.30 -29.43
C ILE C 293 -70.31 3.08 -30.95
N VAL C 294 -69.88 4.08 -31.70
CA VAL C 294 -69.61 3.93 -33.13
C VAL C 294 -68.11 3.84 -33.38
N ALA C 295 -67.67 2.76 -34.03
CA ALA C 295 -66.24 2.57 -34.27
C ALA C 295 -65.87 2.18 -35.69
N LYS C 296 -64.59 2.35 -36.02
CA LYS C 296 -64.06 1.90 -37.31
C LYS C 296 -63.38 0.58 -37.09
N ILE C 297 -63.89 -0.46 -37.76
CA ILE C 297 -63.45 -1.80 -37.48
C ILE C 297 -62.81 -2.51 -38.65
N LYS C 298 -61.66 -3.13 -38.37
CA LYS C 298 -60.99 -4.02 -39.29
C LYS C 298 -61.25 -5.44 -38.84
N ILE C 299 -61.52 -6.34 -39.78
CA ILE C 299 -61.78 -7.73 -39.44
C ILE C 299 -60.57 -8.59 -39.71
N SER C 300 -60.19 -9.37 -38.70
CA SER C 300 -58.99 -10.18 -38.76
C SER C 300 -58.95 -11.01 -40.04
N ASP C 301 -57.79 -10.96 -40.69
CA ASP C 301 -57.60 -11.66 -41.96
C ASP C 301 -57.89 -13.15 -41.84
N ILE C 302 -57.51 -13.77 -40.72
CA ILE C 302 -57.68 -15.21 -40.60
C ILE C 302 -58.97 -15.64 -39.96
N PHE C 303 -59.85 -14.69 -39.68
CA PHE C 303 -61.16 -14.98 -39.10
C PHE C 303 -62.08 -15.67 -40.09
N LYS C 304 -62.46 -16.91 -39.80
CA LYS C 304 -63.18 -17.71 -40.79
C LYS C 304 -64.67 -17.38 -40.96
N TYR C 305 -65.21 -16.46 -40.15
CA TYR C 305 -66.67 -16.23 -40.14
C TYR C 305 -67.03 -14.80 -40.50
N ASN C 306 -68.22 -14.35 -40.07
CA ASN C 306 -68.76 -13.06 -40.49
C ASN C 306 -69.48 -12.28 -39.40
N LEU C 307 -69.70 -10.99 -39.62
CA LEU C 307 -70.55 -10.17 -38.77
C LEU C 307 -71.69 -9.68 -39.65
N THR C 308 -72.88 -9.59 -39.05
CA THR C 308 -74.09 -9.22 -39.79
C THR C 308 -74.92 -8.32 -38.89
N PRO C 309 -75.76 -7.46 -39.49
CA PRO C 309 -76.59 -6.52 -38.72
C PRO C 309 -77.39 -7.18 -37.58
N LYS C 310 -77.26 -6.61 -36.39
CA LYS C 310 -78.01 -6.99 -35.19
C LYS C 310 -77.52 -8.28 -34.52
N MET C 311 -76.25 -8.58 -34.69
CA MET C 311 -75.68 -9.79 -34.11
C MET C 311 -74.99 -9.49 -32.80
N LYS C 312 -75.23 -10.34 -31.80
CA LYS C 312 -74.59 -10.19 -30.50
C LYS C 312 -73.13 -10.48 -30.55
N VAL C 313 -72.36 -9.51 -30.08
CA VAL C 313 -70.94 -9.67 -29.94
C VAL C 313 -70.63 -9.21 -28.55
N HIS C 314 -69.43 -9.55 -28.08
CA HIS C 314 -68.95 -9.01 -26.82
C HIS C 314 -67.83 -7.99 -27.05
N LEU C 315 -67.96 -6.84 -26.40
CA LEU C 315 -67.00 -5.77 -26.58
C LEU C 315 -66.05 -5.61 -25.39
N ASN C 316 -64.76 -5.70 -25.66
CA ASN C 316 -63.77 -5.32 -24.67
C ASN C 316 -63.53 -3.82 -24.76
N VAL C 317 -63.98 -3.11 -23.75
CA VAL C 317 -63.82 -1.66 -23.71
C VAL C 317 -63.12 -1.31 -22.40
N GLY C 318 -61.87 -0.87 -22.52
CA GLY C 318 -61.08 -0.68 -21.32
C GLY C 318 -60.97 -1.98 -20.55
N MET C 319 -61.35 -1.98 -19.28
CA MET C 319 -61.16 -3.21 -18.54
C MET C 319 -62.42 -4.04 -18.35
N LEU C 320 -63.48 -3.66 -19.06
CA LEU C 320 -64.74 -4.37 -18.94
C LEU C 320 -64.99 -5.18 -20.20
N ILE C 321 -66.10 -5.91 -20.19
CA ILE C 321 -66.56 -6.68 -21.33
C ILE C 321 -68.09 -6.63 -21.36
N VAL C 322 -68.63 -5.77 -22.21
CA VAL C 322 -70.05 -5.66 -22.35
C VAL C 322 -70.58 -6.45 -23.55
N PRO C 323 -71.73 -7.08 -23.36
CA PRO C 323 -72.51 -7.57 -24.48
C PRO C 323 -73.06 -6.36 -25.23
N ALA C 324 -73.03 -6.41 -26.55
CA ALA C 324 -73.62 -5.35 -27.37
C ALA C 324 -74.17 -5.89 -28.66
N VAL C 325 -75.11 -5.15 -29.23
CA VAL C 325 -75.66 -5.42 -30.55
C VAL C 325 -74.81 -4.70 -31.60
N ALA C 326 -74.47 -5.38 -32.69
CA ALA C 326 -73.60 -4.78 -33.70
C ALA C 326 -74.34 -4.54 -35.00
N VAL C 327 -74.17 -3.37 -35.61
CA VAL C 327 -74.59 -3.26 -37.01
C VAL C 327 -73.52 -2.65 -37.87
N PRO C 328 -73.12 -3.37 -38.92
CA PRO C 328 -72.01 -2.82 -39.69
C PRO C 328 -72.50 -2.01 -40.89
N PHE C 329 -71.78 -0.95 -41.21
CA PHE C 329 -72.13 -0.09 -42.32
C PHE C 329 -70.92 0.55 -42.95
N LYS C 330 -71.09 1.04 -44.19
CA LYS C 330 -70.03 1.78 -44.86
C LYS C 330 -70.50 3.21 -45.12
N LYS C 331 -69.55 4.13 -45.24
CA LYS C 331 -69.85 5.52 -45.55
C LYS C 331 -69.58 5.74 -47.04
N VAL C 332 -70.65 6.01 -47.76
CA VAL C 332 -70.61 6.21 -49.20
C VAL C 332 -71.09 7.60 -49.53
N THR C 333 -70.28 8.33 -50.28
CA THR C 333 -70.64 9.68 -50.68
C THR C 333 -71.42 9.66 -51.99
N PHE C 334 -72.55 10.35 -52.02
CA PHE C 334 -73.38 10.41 -53.21
C PHE C 334 -73.15 11.71 -53.99
N GLY C 335 -72.03 12.36 -53.70
CA GLY C 335 -71.63 13.56 -54.42
C GLY C 335 -72.02 14.79 -53.64
N LYS C 336 -73.15 14.71 -52.93
CA LYS C 336 -73.61 15.82 -52.12
C LYS C 336 -73.67 15.42 -50.66
N THR C 337 -74.51 14.43 -50.37
CA THR C 337 -74.71 13.96 -49.02
C THR C 337 -73.90 12.70 -48.84
N GLU C 338 -73.08 12.65 -47.79
CA GLU C 338 -72.46 11.39 -47.41
C GLU C 338 -73.57 10.59 -46.77
N GLU C 339 -73.64 9.30 -47.07
CA GLU C 339 -74.67 8.47 -46.49
C GLU C 339 -74.04 7.30 -45.77
N ASN C 340 -74.72 6.82 -44.73
CA ASN C 340 -74.30 5.60 -44.08
C ASN C 340 -75.07 4.41 -44.64
N ILE C 341 -74.40 3.67 -45.52
CA ILE C 341 -75.01 2.51 -46.17
C ILE C 341 -74.75 1.22 -45.35
N ILE C 342 -75.81 0.51 -45.02
CA ILE C 342 -75.70 -0.69 -44.21
C ILE C 342 -75.16 -1.89 -44.99
N LEU C 343 -74.35 -2.70 -44.32
CA LEU C 343 -73.72 -3.87 -44.92
C LEU C 343 -74.32 -5.11 -44.35
N ASN C 344 -74.94 -5.92 -45.20
CA ASN C 344 -75.62 -7.10 -44.73
C ASN C 344 -74.66 -8.19 -44.26
N GLU C 345 -73.39 -7.99 -44.50
CA GLU C 345 -72.39 -8.97 -44.12
C GLU C 345 -71.01 -8.34 -44.23
N VAL C 346 -70.14 -8.63 -43.28
CA VAL C 346 -68.74 -8.30 -43.44
C VAL C 346 -67.89 -9.48 -43.03
N ILE C 347 -66.77 -9.66 -43.73
CA ILE C 347 -65.95 -10.83 -43.51
C ILE C 347 -64.50 -10.46 -43.42
N SER C 348 -63.66 -11.50 -43.44
CA SER C 348 -62.23 -11.36 -43.32
C SER C 348 -61.71 -10.29 -44.24
N GLY C 349 -60.92 -9.38 -43.69
CA GLY C 349 -60.20 -8.42 -44.50
C GLY C 349 -60.87 -7.06 -44.51
N ASN C 350 -62.18 -7.06 -44.30
CA ASN C 350 -62.93 -5.83 -44.38
C ASN C 350 -62.58 -4.80 -43.32
N GLU C 351 -62.57 -3.54 -43.75
CA GLU C 351 -62.41 -2.40 -42.88
C GLU C 351 -63.60 -1.46 -43.06
N TYR C 353 -67.39 0.11 -40.67
CA TYR C 353 -67.82 0.78 -39.45
C TYR C 353 -68.82 -0.11 -38.75
N ALA C 355 -71.72 0.16 -35.60
CA ALA C 355 -72.45 0.85 -34.56
C ALA C 355 -72.74 -0.25 -33.54
N PHE C 356 -72.22 -0.04 -32.33
CA PHE C 356 -72.53 -0.94 -31.23
C PHE C 356 -73.48 -0.24 -30.28
N GLU C 357 -74.42 -0.99 -29.75
CA GLU C 357 -75.24 -0.53 -28.65
C GLU C 357 -75.05 -1.53 -27.51
N LEU C 358 -74.36 -1.10 -26.45
CA LEU C 358 -73.97 -1.96 -25.34
C LEU C 358 -75.14 -2.20 -24.39
N GLU C 359 -75.22 -3.39 -23.79
CA GLU C 359 -76.30 -3.71 -22.86
C GLU C 359 -76.11 -2.96 -21.54
N GLU C 360 -74.84 -2.83 -21.15
CA GLU C 360 -74.49 -2.10 -19.94
C GLU C 360 -73.53 -0.94 -20.23
N LYS C 361 -73.67 0.15 -19.47
CA LYS C 361 -72.85 1.35 -19.69
C LYS C 361 -71.37 1.09 -19.47
N VAL C 362 -70.53 2.02 -19.90
CA VAL C 362 -69.11 1.77 -19.94
C VAL C 362 -68.29 3.06 -19.98
N LEU C 363 -67.05 2.97 -19.54
CA LEU C 363 -66.18 4.13 -19.49
C LEU C 363 -65.26 4.09 -20.69
N ALA C 364 -65.31 5.14 -21.49
CA ALA C 364 -64.50 5.21 -22.70
C ALA C 364 -64.30 6.65 -23.15
N GLU C 365 -63.40 6.81 -24.11
CA GLU C 365 -63.05 8.11 -24.63
C GLU C 365 -62.87 7.90 -26.11
N VAL C 366 -63.28 8.88 -26.89
CA VAL C 366 -63.07 8.82 -28.34
C VAL C 366 -61.60 8.55 -28.69
N GLY C 367 -61.35 7.50 -29.46
CA GLY C 367 -60.00 7.19 -29.88
C GLY C 367 -59.51 5.91 -29.23
N ASP C 368 -60.28 5.44 -28.25
CA ASP C 368 -59.94 4.25 -27.49
C ASP C 368 -60.11 3.01 -28.36
N ARG C 369 -59.16 2.07 -28.27
CA ARG C 369 -59.26 0.80 -28.97
C ARG C 369 -60.31 -0.14 -28.35
N VAL C 370 -60.86 -1.02 -29.18
CA VAL C 370 -61.97 -1.85 -28.79
C VAL C 370 -61.78 -3.24 -29.40
N LEU C 371 -62.18 -4.29 -28.69
CA LEU C 371 -62.09 -5.66 -29.22
C LEU C 371 -63.46 -6.32 -29.34
N ILE C 372 -63.66 -7.05 -30.44
CA ILE C 372 -64.94 -7.69 -30.69
C ILE C 372 -64.84 -9.20 -30.75
N THR C 373 -65.81 -9.86 -30.13
CA THR C 373 -65.69 -11.28 -29.95
C THR C 373 -67.03 -11.92 -30.14
N ARG C 374 -67.02 -13.01 -30.89
CA ARG C 374 -68.22 -13.80 -31.05
C ARG C 374 -68.02 -15.01 -30.16
N LEU C 375 -68.83 -15.11 -29.12
CA LEU C 375 -68.69 -16.24 -28.23
C LEU C 375 -69.69 -17.34 -28.59
N ASP C 376 -70.53 -17.07 -29.58
CA ASP C 376 -71.49 -18.05 -30.09
C ASP C 376 -70.81 -19.10 -30.93
N LEU C 377 -69.68 -18.71 -31.54
CA LEU C 377 -68.89 -19.61 -32.37
C LEU C 377 -68.21 -20.68 -31.53
N PRO C 378 -68.01 -21.88 -32.11
CA PRO C 378 -67.36 -23.02 -31.46
C PRO C 378 -65.99 -22.66 -30.90
N PRO C 379 -65.65 -23.18 -29.73
CA PRO C 379 -64.58 -22.67 -28.86
C PRO C 379 -63.18 -22.91 -29.43
N THR C 380 -63.09 -23.74 -30.46
CA THR C 380 -61.80 -24.02 -31.08
C THR C 380 -61.43 -22.98 -32.13
N THR C 381 -62.43 -22.45 -32.83
CA THR C 381 -62.19 -21.42 -33.84
C THR C 381 -61.85 -20.10 -33.20
N LEU C 382 -61.01 -19.32 -33.87
CA LEU C 382 -60.62 -18.01 -33.36
C LEU C 382 -61.85 -17.12 -33.26
N ARG C 383 -62.12 -16.59 -32.07
CA ARG C 383 -63.39 -15.90 -31.86
C ARG C 383 -63.21 -14.38 -31.76
N ILE C 384 -61.97 -13.93 -31.86
CA ILE C 384 -61.66 -12.52 -31.82
C ILE C 384 -61.58 -12.03 -33.23
N GLY C 386 -63.06 -8.70 -34.95
CA GLY C 386 -62.68 -7.33 -35.23
C GLY C 386 -61.87 -6.65 -34.14
N HIS C 387 -61.24 -5.54 -34.51
CA HIS C 387 -60.70 -4.60 -33.55
C HIS C 387 -60.85 -3.21 -34.16
N GLY C 388 -60.50 -2.17 -33.42
CA GLY C 388 -60.64 -0.83 -33.97
C GLY C 388 -60.95 0.29 -33.02
N LEU C 389 -60.99 1.51 -33.55
CA LEU C 389 -61.03 2.72 -32.72
C LEU C 389 -62.40 3.35 -32.59
N ILE C 390 -62.67 3.87 -31.40
CA ILE C 390 -63.92 4.57 -31.15
C ILE C 390 -63.89 5.93 -31.82
N GLU C 391 -64.99 6.29 -32.46
CA GLU C 391 -64.98 7.46 -33.32
C GLU C 391 -65.98 8.51 -32.87
N GLU C 392 -67.19 8.06 -32.58
CA GLU C 392 -68.25 8.90 -32.03
C GLU C 392 -68.97 8.08 -30.99
N PHE C 393 -69.70 8.75 -30.11
CA PHE C 393 -70.67 8.04 -29.28
C PHE C 393 -72.09 8.44 -29.73
N LYS C 394 -72.74 7.55 -30.47
CA LYS C 394 -74.01 7.89 -31.11
C LYS C 394 -74.91 6.67 -31.22
N PRO C 395 -76.22 6.85 -31.02
CA PRO C 395 -77.22 5.78 -31.19
C PRO C 395 -77.29 5.36 -32.65
N ILE C 396 -77.79 4.17 -32.92
CA ILE C 396 -77.97 3.77 -34.32
C ILE C 396 -78.95 4.74 -34.96
N LYS C 397 -80.04 5.02 -34.25
CA LYS C 397 -81.05 5.97 -34.70
C LYS C 397 -80.46 7.26 -35.25
N ASP C 398 -79.42 7.75 -34.58
CA ASP C 398 -78.80 9.03 -34.91
C ASP C 398 -77.92 9.01 -36.15
N LEU C 399 -77.72 7.83 -36.72
CA LEU C 399 -76.78 7.66 -37.82
C LEU C 399 -77.42 7.86 -39.20
N ASN C 400 -78.73 7.63 -39.27
CA ASN C 400 -79.46 7.58 -40.54
C ASN C 400 -78.92 6.51 -41.49
N ILE C 401 -78.95 5.28 -41.00
CA ILE C 401 -78.57 4.11 -41.79
C ILE C 401 -79.65 3.80 -42.82
N LYS C 402 -79.23 3.73 -44.08
CA LYS C 402 -80.14 3.47 -45.19
C LYS C 402 -79.69 2.21 -45.90
N LYS C 403 -80.65 1.46 -46.44
CA LYS C 403 -80.35 0.28 -47.26
C LYS C 403 -80.52 0.66 -48.71
N GLU C 404 -79.89 -0.09 -49.59
CA GLU C 404 -80.00 0.14 -51.02
C GLU C 404 -80.95 -0.89 -51.61
N VAL C 405 -82.14 -0.45 -52.02
CA VAL C 405 -83.18 -1.36 -52.49
C VAL C 405 -83.45 -1.28 -53.97
N LEU C 406 -83.36 -2.42 -54.65
CA LEU C 406 -83.61 -2.44 -56.09
C LEU C 406 -84.83 -3.31 -56.44
N ARG C 407 -85.73 -2.76 -57.26
CA ARG C 407 -86.86 -3.53 -57.77
C ARG C 407 -86.87 -3.48 -59.29
N GLU C 408 -87.58 -4.41 -59.92
CA GLU C 408 -87.64 -4.46 -61.37
C GLU C 408 -89.00 -4.07 -61.91
N GLY C 409 -89.02 -3.11 -62.82
CA GLY C 409 -90.24 -2.78 -63.55
C GLY C 409 -90.19 -3.47 -64.90
N LYS C 410 -91.37 -3.84 -65.41
CA LYS C 410 -91.45 -4.38 -66.76
C LYS C 410 -92.41 -3.53 -67.60
N VAL C 411 -91.90 -2.97 -68.70
CA VAL C 411 -92.71 -2.13 -69.57
C VAL C 411 -93.77 -2.93 -70.33
N LYS C 412 -95.03 -2.63 -70.05
CA LYS C 412 -96.12 -3.22 -70.79
C LYS C 412 -96.96 -2.15 -71.46
N ILE C 413 -97.19 -2.31 -72.76
CA ILE C 413 -98.04 -1.40 -73.50
C ILE C 413 -99.49 -1.85 -73.34
N ASP C 414 -100.29 -1.02 -72.68
CA ASP C 414 -101.65 -1.39 -72.30
C ASP C 414 -102.64 -0.34 -72.77
N LYS C 415 -103.69 -0.79 -73.45
CA LYS C 415 -104.70 0.07 -74.07
C LYS C 415 -104.11 1.30 -74.78
N GLY C 416 -102.95 1.12 -75.38
CA GLY C 416 -102.30 2.20 -76.10
C GLY C 416 -101.25 2.92 -75.28
N ARG C 417 -101.39 2.87 -73.96
CA ARG C 417 -100.43 3.49 -73.06
C ARG C 417 -99.23 2.59 -72.82
N THR C 418 -98.05 3.17 -72.72
CA THR C 418 -96.89 2.43 -72.23
C THR C 418 -96.91 2.52 -70.70
N VAL C 419 -97.06 1.37 -70.05
CA VAL C 419 -97.29 1.33 -68.61
C VAL C 419 -96.32 0.38 -67.91
N ILE C 420 -95.71 0.85 -66.82
CA ILE C 420 -94.73 0.07 -66.08
C ILE C 420 -95.33 -0.83 -65.02
N ASP C 421 -95.07 -2.12 -65.13
CA ASP C 421 -95.60 -3.09 -64.21
C ASP C 421 -94.46 -3.71 -63.44
N GLY C 422 -94.75 -4.15 -62.22
CA GLY C 422 -93.78 -4.89 -61.43
C GLY C 422 -93.24 -4.14 -60.23
N LEU C 423 -93.46 -2.83 -60.19
CA LEU C 423 -92.97 -2.03 -59.09
C LEU C 423 -93.94 -2.00 -57.91
N ALA C 424 -95.22 -2.23 -58.18
CA ALA C 424 -96.23 -2.25 -57.13
C ALA C 424 -97.34 -3.25 -57.45
N GLN C 425 -97.88 -3.87 -56.41
CA GLN C 425 -98.94 -4.86 -56.59
C GLN C 425 -100.31 -4.22 -56.31
N SER C 426 -100.27 -2.98 -55.82
CA SER C 426 -101.50 -2.26 -55.45
C SER C 426 -101.43 -0.79 -55.85
N LYS C 427 -102.60 -0.16 -55.91
CA LYS C 427 -102.72 1.24 -56.24
C LYS C 427 -102.14 2.13 -55.15
N VAL C 428 -102.56 1.87 -53.92
CA VAL C 428 -102.07 2.60 -52.75
C VAL C 428 -100.55 2.51 -52.68
N ALA C 429 -100.00 1.35 -53.04
CA ALA C 429 -98.56 1.16 -53.09
C ALA C 429 -97.94 1.97 -54.22
N ALA C 430 -98.63 2.05 -55.35
CA ALA C 430 -98.15 2.77 -56.52
C ALA C 430 -98.08 4.28 -56.26
N GLU C 431 -99.06 4.80 -55.52
CA GLU C 431 -99.12 6.21 -55.19
C GLU C 431 -97.87 6.67 -54.44
N LYS C 432 -97.32 5.79 -53.61
CA LYS C 432 -96.12 6.14 -52.86
C LYS C 432 -94.92 6.25 -53.80
N LEU C 433 -94.93 5.45 -54.86
CA LEU C 433 -93.81 5.39 -55.80
C LEU C 433 -93.71 6.63 -56.68
N ILE C 434 -94.80 7.40 -56.77
CA ILE C 434 -94.85 8.57 -57.64
C ILE C 434 -93.74 9.58 -57.31
N GLY C 435 -93.17 10.19 -58.35
CA GLY C 435 -92.10 11.16 -58.18
C GLY C 435 -90.71 10.56 -58.19
N GLU C 436 -90.63 9.22 -58.14
CA GLU C 436 -89.34 8.55 -58.13
C GLU C 436 -88.65 8.61 -59.49
N GLU C 437 -87.44 8.07 -59.58
CA GLU C 437 -86.71 8.03 -60.86
C GLU C 437 -86.31 6.60 -61.20
N ILE C 438 -86.06 6.34 -62.48
CA ILE C 438 -85.85 4.98 -62.97
C ILE C 438 -84.90 4.92 -64.15
N SER C 439 -84.59 3.70 -64.59
CA SER C 439 -83.74 3.47 -65.74
C SER C 439 -84.10 2.14 -66.37
N ILE C 440 -83.37 1.74 -67.40
CA ILE C 440 -83.67 0.53 -68.14
C ILE C 440 -82.42 -0.32 -68.37
N GLU C 441 -82.60 -1.64 -68.38
CA GLU C 441 -81.50 -2.61 -68.48
C GLU C 441 -80.97 -2.77 -69.89
N GLY C 442 -79.65 -2.59 -70.05
CA GLY C 442 -79.01 -2.79 -71.35
C GLY C 442 -79.08 -1.56 -72.25
N LYS C 443 -80.16 -0.79 -72.10
CA LYS C 443 -80.33 0.45 -72.83
C LYS C 443 -80.01 1.62 -71.91
N ASP C 444 -79.52 2.71 -72.48
CA ASP C 444 -79.26 3.91 -71.68
C ASP C 444 -80.42 4.86 -71.82
N ILE C 445 -81.32 4.82 -70.85
CA ILE C 445 -82.54 5.60 -70.86
C ILE C 445 -82.90 5.94 -69.42
N VAL C 446 -83.39 7.14 -69.17
CA VAL C 446 -83.87 7.48 -67.84
C VAL C 446 -85.36 7.77 -67.87
N GLY C 447 -85.97 7.85 -66.69
CA GLY C 447 -87.38 8.16 -66.58
C GLY C 447 -87.76 8.70 -65.22
N LYS C 448 -88.95 9.28 -65.13
CA LYS C 448 -89.49 9.71 -63.84
C LYS C 448 -90.96 9.31 -63.77
N ILE C 449 -91.30 8.49 -62.80
CA ILE C 449 -92.63 7.90 -62.71
C ILE C 449 -93.68 8.88 -62.21
N LYS C 450 -94.82 8.94 -62.91
CA LYS C 450 -95.84 9.95 -62.63
C LYS C 450 -97.27 9.40 -62.48
N GLY C 451 -97.80 8.80 -63.53
CA GLY C 451 -99.19 8.39 -63.53
C GLY C 451 -99.48 7.10 -62.80
N THR C 452 -100.72 6.65 -62.90
CA THR C 452 -101.14 5.38 -62.30
C THR C 452 -102.48 4.91 -62.86
N PHE C 453 -102.56 3.63 -63.19
CA PHE C 453 -103.86 2.97 -63.32
C PHE C 453 -103.97 1.90 -62.26
N GLY C 454 -104.68 2.22 -61.19
CA GLY C 454 -104.59 1.46 -59.95
C GLY C 454 -105.57 0.33 -59.71
N THR C 455 -106.01 -0.34 -60.77
CA THR C 455 -106.84 -1.53 -60.56
C THR C 455 -105.99 -2.58 -59.85
N LYS C 456 -104.93 -3.03 -60.51
CA LYS C 456 -104.04 -4.02 -59.92
C LYS C 456 -102.69 -3.42 -59.51
N GLY C 457 -102.60 -2.09 -59.55
CA GLY C 457 -101.43 -1.38 -59.08
C GLY C 457 -100.37 -1.13 -60.14
N LEU C 458 -100.81 -0.79 -61.34
CA LEU C 458 -99.87 -0.49 -62.41
C LEU C 458 -99.61 1.01 -62.40
N LEU C 459 -98.43 1.42 -62.86
CA LEU C 459 -98.09 2.83 -62.84
C LEU C 459 -97.55 3.29 -64.18
N THR C 460 -97.64 4.59 -64.43
CA THR C 460 -97.16 5.16 -65.68
C THR C 460 -96.01 6.09 -65.41
N ALA C 461 -95.25 6.39 -66.45
CA ALA C 461 -94.06 7.19 -66.27
C ALA C 461 -93.68 7.93 -67.54
N GLU C 462 -92.75 8.87 -67.39
CA GLU C 462 -92.25 9.65 -68.50
C GLU C 462 -90.77 9.35 -68.73
N PHE C 463 -90.42 8.99 -69.96
CA PHE C 463 -89.04 8.66 -70.30
C PHE C 463 -88.39 9.68 -71.21
N SER C 464 -87.06 9.68 -71.21
CA SER C 464 -86.28 10.37 -72.23
C SER C 464 -85.68 9.28 -73.12
N GLY C 465 -86.35 9.01 -74.23
CA GLY C 465 -85.99 7.93 -75.13
C GLY C 465 -87.23 7.15 -75.52
N ASN C 466 -87.05 5.99 -76.13
CA ASN C 466 -88.19 5.14 -76.46
C ASN C 466 -88.10 3.75 -75.81
N VAL C 467 -89.10 3.40 -75.01
CA VAL C 467 -89.10 2.11 -74.36
C VAL C 467 -90.06 1.13 -75.04
N GLU C 468 -89.53 -0.03 -75.38
CA GLU C 468 -90.29 -1.08 -76.04
C GLU C 468 -90.98 -1.95 -74.98
N ASN C 469 -92.02 -2.68 -75.40
CA ASN C 469 -92.70 -3.61 -74.51
C ASN C 469 -91.75 -4.69 -74.00
N ARG C 470 -92.02 -5.20 -72.80
CA ARG C 470 -91.17 -6.21 -72.14
C ARG C 470 -89.79 -5.72 -71.68
N ASP C 471 -89.43 -4.48 -72.00
CA ASP C 471 -88.21 -3.87 -71.45
C ASP C 471 -88.27 -3.88 -69.94
N LYS C 472 -87.11 -3.88 -69.28
CA LYS C 472 -87.12 -3.94 -67.82
C LYS C 472 -86.62 -2.67 -67.15
N VAL C 473 -87.40 -2.20 -66.19
CA VAL C 473 -87.09 -0.96 -65.48
C VAL C 473 -86.42 -1.29 -64.15
N ILE C 474 -85.39 -0.54 -63.79
CA ILE C 474 -84.73 -0.76 -62.50
C ILE C 474 -84.91 0.42 -61.57
N LEU C 475 -85.69 0.19 -60.52
CA LEU C 475 -85.95 1.19 -59.50
C LEU C 475 -84.92 1.08 -58.39
N ASN C 476 -84.06 2.09 -58.28
CA ASN C 476 -82.99 2.07 -57.30
C ASN C 476 -83.18 3.23 -56.34
N ARG C 477 -83.34 2.92 -55.06
CA ARG C 477 -83.54 3.95 -54.06
C ARG C 477 -83.05 3.54 -52.67
N LEU C 478 -82.77 4.53 -51.83
CA LEU C 478 -82.32 4.29 -50.46
C LEU C 478 -83.43 4.45 -49.46
N ARG C 479 -83.88 3.34 -48.87
CA ARG C 479 -84.91 3.37 -47.84
C ARG C 479 -84.31 3.22 -46.43
N ARG C 480 -84.91 3.89 -45.45
CA ARG C 480 -84.46 3.81 -44.06
C ARG C 480 -84.43 2.37 -43.57
N TRP C 481 -83.41 2.06 -42.77
CA TRP C 481 -83.20 0.69 -42.30
C TRP C 481 -83.54 0.58 -40.82
N GLY C 482 -84.11 -0.56 -40.42
CA GLY C 482 -84.38 -0.82 -39.02
C GLY C 482 -85.78 -0.46 -38.54
N ASP D 16 51.68 37.69 -15.24
CA ASP D 16 50.39 38.18 -14.79
C ASP D 16 49.44 37.04 -14.47
N PHE D 17 49.09 36.90 -13.20
CA PHE D 17 48.22 35.82 -12.75
C PHE D 17 46.96 36.34 -12.04
N LYS D 18 45.84 35.64 -12.23
CA LYS D 18 44.60 35.95 -11.52
C LYS D 18 44.65 35.35 -10.13
N ASN D 19 44.00 36.02 -9.18
CA ASN D 19 43.95 35.53 -7.81
C ASN D 19 42.54 35.08 -7.43
N ILE D 20 42.35 33.75 -7.30
CA ILE D 20 41.05 33.19 -6.95
C ILE D 20 41.14 32.17 -5.80
N ASN D 21 40.01 31.95 -5.12
CA ASN D 21 39.94 30.98 -4.03
C ASN D 21 39.06 29.78 -4.40
N LEU D 22 39.42 28.61 -3.89
CA LEU D 22 38.75 27.37 -4.28
C LEU D 22 38.30 26.51 -3.10
N GLY D 23 36.99 26.29 -2.98
CA GLY D 23 36.45 25.47 -1.92
C GLY D 23 36.14 24.05 -2.37
N ILE D 24 36.22 23.11 -1.44
CA ILE D 24 35.96 21.70 -1.75
C ILE D 24 34.92 21.13 -0.78
N PHE D 25 34.09 20.21 -1.27
CA PHE D 25 33.01 19.64 -0.46
C PHE D 25 32.89 18.13 -0.60
N GLY D 26 32.32 17.49 0.41
CA GLY D 26 32.26 16.04 0.46
C GLY D 26 33.41 15.50 1.29
N HIS D 27 33.13 14.53 2.15
CA HIS D 27 34.15 14.01 3.05
C HIS D 27 34.13 12.48 3.12
N ILE D 28 35.11 11.87 2.46
CA ILE D 28 35.31 10.42 2.46
C ILE D 28 36.82 10.16 2.45
N ASP D 29 37.29 9.20 3.24
CA ASP D 29 38.73 9.01 3.44
C ASP D 29 39.53 8.72 2.15
N HIS D 30 38.90 8.06 1.19
CA HIS D 30 39.54 7.90 -0.11
C HIS D 30 39.40 9.18 -0.95
N GLY D 31 38.22 9.79 -0.92
CA GLY D 31 37.96 11.00 -1.67
C GLY D 31 38.67 12.25 -1.16
N LYS D 32 38.73 12.41 0.16
CA LYS D 32 39.38 13.57 0.78
C LYS D 32 40.88 13.59 0.53
N THR D 33 41.50 12.42 0.55
CA THR D 33 42.94 12.30 0.37
C THR D 33 43.26 12.28 -1.13
N THR D 34 42.28 11.89 -1.93
CA THR D 34 42.44 11.84 -3.38
C THR D 34 42.49 13.24 -4.00
N LEU D 35 41.46 14.04 -3.76
CA LEU D 35 41.33 15.32 -4.47
C LEU D 35 42.45 16.30 -4.15
N SER D 36 42.83 16.38 -2.87
CA SER D 36 43.96 17.20 -2.47
C SER D 36 45.23 16.71 -3.17
N LYS D 37 45.33 15.39 -3.35
CA LYS D 37 46.46 14.78 -4.02
C LYS D 37 46.31 14.87 -5.53
N VAL D 38 45.09 14.70 -6.02
CA VAL D 38 44.78 14.86 -7.43
C VAL D 38 45.03 16.31 -7.88
N LEU D 39 44.64 17.27 -7.06
CA LEU D 39 44.75 18.69 -7.39
C LEU D 39 46.19 19.21 -7.43
N THR D 40 47.08 18.61 -6.65
CA THR D 40 48.50 18.99 -6.74
C THR D 40 49.02 18.58 -8.11
N GLU D 41 48.40 17.57 -8.69
CA GLU D 41 48.81 17.05 -9.99
C GLU D 41 48.05 17.65 -11.17
N ILE D 42 46.74 17.87 -11.02
CA ILE D 42 45.98 18.48 -12.13
C ILE D 42 46.45 19.90 -12.41
N ALA D 43 46.89 20.60 -11.36
CA ALA D 43 47.58 21.86 -11.53
C ALA D 43 49.06 21.63 -11.29
N SER D 44 49.76 21.25 -12.35
CA SER D 44 51.18 20.97 -12.25
C SER D 44 52.02 22.18 -12.64
N THR D 45 51.38 23.20 -13.19
CA THR D 45 52.07 24.43 -13.58
C THR D 45 52.87 24.96 -12.39
N SER D 46 52.28 24.87 -11.21
CA SER D 46 53.00 25.05 -9.95
C SER D 46 52.12 24.65 -8.77
N ALA D 47 52.70 23.92 -7.83
CA ALA D 47 52.05 23.63 -6.57
C ALA D 47 52.87 24.30 -5.48
N HIS D 48 52.35 25.40 -4.94
CA HIS D 48 53.12 26.19 -3.98
C HIS D 48 53.11 25.58 -2.59
N ASP D 49 54.24 25.00 -2.20
CA ASP D 49 54.39 24.39 -0.88
C ASP D 49 54.52 25.41 0.24
N LYS D 50 53.83 25.15 1.35
CA LYS D 50 54.00 25.94 2.56
C LYS D 50 55.39 25.74 3.14
N LEU D 51 56.29 26.66 2.83
CA LEU D 51 57.63 26.58 3.37
C LEU D 51 58.21 27.90 3.90
N PRO D 52 57.45 28.63 4.72
CA PRO D 52 58.22 29.58 5.52
C PRO D 52 58.75 28.79 6.70
N GLU D 53 59.93 29.16 7.20
CA GLU D 53 60.39 28.56 8.44
C GLU D 53 60.01 29.53 9.54
N SER D 54 60.45 29.28 10.76
CA SER D 54 60.26 30.25 11.84
C SER D 54 61.24 31.41 11.66
N GLN D 55 61.98 31.38 10.55
CA GLN D 55 62.99 32.38 10.26
C GLN D 55 62.45 33.60 9.52
N LYS D 56 61.35 33.40 8.78
CA LYS D 56 60.80 34.42 7.89
C LYS D 56 60.62 35.77 8.59
N ARG D 57 59.47 35.96 9.22
CA ARG D 57 59.32 37.04 10.18
C ARG D 57 59.10 36.35 11.51
N GLY D 58 59.10 35.02 11.44
CA GLY D 58 58.77 34.15 12.56
C GLY D 58 57.37 33.62 12.35
N ILE D 59 56.65 34.25 11.44
CA ILE D 59 55.24 33.94 11.25
C ILE D 59 55.02 32.86 10.18
N THR D 60 54.49 31.72 10.64
CA THR D 60 54.19 30.57 9.80
C THR D 60 52.68 30.53 9.53
N ILE D 61 52.04 31.69 9.59
CA ILE D 61 50.58 31.82 9.57
C ILE D 61 49.87 30.93 8.55
N ASP D 62 48.83 30.25 9.02
CA ASP D 62 48.05 29.33 8.21
C ASP D 62 46.86 30.06 7.56
N ILE D 63 46.93 30.23 6.24
CA ILE D 63 45.88 30.92 5.50
C ILE D 63 44.96 29.91 4.80
N GLY D 64 45.40 28.66 4.77
CA GLY D 64 44.63 27.60 4.15
C GLY D 64 45.48 26.39 3.85
N PHE D 65 44.88 25.44 3.15
CA PHE D 65 45.49 24.13 2.92
C PHE D 65 46.61 24.15 1.88
N SER D 66 46.23 24.11 0.61
CA SER D 66 47.19 24.07 -0.50
C SER D 66 47.18 25.36 -1.31
N ALA D 67 48.32 25.70 -1.89
CA ALA D 67 48.37 26.75 -2.88
C ALA D 67 48.94 26.16 -4.16
N PHE D 68 48.20 26.27 -5.25
CA PHE D 68 48.68 25.77 -6.52
C PHE D 68 48.40 26.74 -7.65
N LYS D 69 48.99 26.48 -8.81
CA LYS D 69 48.79 27.33 -9.97
C LYS D 69 48.26 26.54 -11.17
N LEU D 70 47.11 26.97 -11.67
CA LEU D 70 46.48 26.37 -12.85
C LEU D 70 46.48 27.37 -13.99
N GLU D 71 47.36 27.16 -14.96
CA GLU D 71 47.57 28.11 -16.05
C GLU D 71 47.86 29.51 -15.51
N ASN D 72 46.99 30.47 -15.84
CA ASN D 72 47.17 31.86 -15.42
C ASN D 72 46.50 32.17 -14.08
N TYR D 73 46.07 31.12 -13.39
CA TYR D 73 45.38 31.28 -12.11
C TYR D 73 46.24 30.91 -10.90
N ARG D 74 46.36 31.85 -9.97
CA ARG D 74 46.92 31.59 -8.64
C ARG D 74 45.80 31.14 -7.72
N ILE D 75 45.76 29.85 -7.42
CA ILE D 75 44.63 29.30 -6.68
C ILE D 75 44.97 28.93 -5.26
N THR D 76 44.32 29.60 -4.31
CA THR D 76 44.46 29.31 -2.90
C THR D 76 43.28 28.45 -2.43
N LEU D 77 43.59 27.31 -1.82
CA LEU D 77 42.56 26.35 -1.41
C LEU D 77 42.00 26.67 -0.02
N VAL D 78 40.77 27.12 0.01
CA VAL D 78 40.12 27.50 1.26
C VAL D 78 38.88 26.64 1.47
N ASP D 79 38.72 26.15 2.69
CA ASP D 79 37.67 25.18 2.95
C ASP D 79 36.29 25.77 3.22
N ALA D 80 35.32 24.87 3.14
CA ALA D 80 33.97 25.12 3.63
C ALA D 80 33.44 26.53 3.93
N PRO D 81 33.04 27.27 2.87
CA PRO D 81 32.22 28.48 3.02
C PRO D 81 30.81 28.03 3.36
N GLY D 82 30.10 28.71 4.27
CA GLY D 82 28.75 28.29 4.61
C GLY D 82 28.56 27.29 5.76
N HIS D 83 29.65 26.79 6.33
CA HIS D 83 29.55 25.90 7.50
C HIS D 83 29.36 26.69 8.79
N ALA D 84 28.45 26.22 9.63
CA ALA D 84 28.04 26.97 10.82
C ALA D 84 28.34 26.23 12.13
N ASP D 85 28.32 26.98 13.24
CA ASP D 85 28.58 26.40 14.54
C ASP D 85 27.30 25.99 15.26
N LEU D 86 27.45 25.49 16.48
CA LEU D 86 26.33 25.04 17.28
C LEU D 86 25.36 26.19 17.58
N ILE D 87 25.86 27.25 18.20
CA ILE D 87 25.04 28.40 18.58
C ILE D 87 24.32 29.04 17.40
N ARG D 88 24.72 28.66 16.19
CA ARG D 88 24.43 29.33 14.91
C ARG D 88 24.94 30.77 14.77
N ALA D 89 25.94 31.12 15.59
CA ALA D 89 26.47 32.50 15.58
C ALA D 89 27.48 32.76 14.44
N VAL D 90 28.01 31.70 13.84
CA VAL D 90 29.05 31.85 12.82
C VAL D 90 28.69 31.19 11.50
N VAL D 91 29.45 31.56 10.47
CA VAL D 91 29.36 30.98 9.14
C VAL D 91 30.48 31.60 8.30
N SER D 92 31.06 30.82 7.39
CA SER D 92 32.07 31.36 6.50
C SER D 92 31.39 31.92 5.26
N ALA D 93 31.35 33.25 5.16
CA ALA D 93 30.71 33.92 4.04
C ALA D 93 31.22 33.39 2.71
N ALA D 94 30.30 33.23 1.75
CA ALA D 94 30.67 32.73 0.44
C ALA D 94 31.51 33.74 -0.33
N ASP D 95 31.58 34.97 0.18
CA ASP D 95 32.40 36.03 -0.41
C ASP D 95 33.90 35.71 -0.42
N ILE D 96 34.29 34.68 0.33
CA ILE D 96 35.69 34.28 0.40
C ILE D 96 36.06 33.31 -0.73
N ILE D 97 35.07 32.90 -1.52
CA ILE D 97 35.29 31.89 -2.56
C ILE D 97 34.83 32.37 -3.95
N ASP D 98 35.41 31.80 -5.00
CA ASP D 98 35.05 32.14 -6.38
C ASP D 98 34.47 30.94 -7.11
N LEU D 99 35.24 29.86 -7.16
CA LEU D 99 34.76 28.58 -7.69
C LEU D 99 34.73 27.53 -6.58
N ALA D 100 33.73 26.65 -6.60
CA ALA D 100 33.61 25.59 -5.61
C ALA D 100 33.60 24.22 -6.24
N LEU D 101 34.27 23.25 -5.61
CA LEU D 101 34.17 21.85 -6.04
C LEU D 101 33.31 21.08 -5.05
N ILE D 102 32.42 20.25 -5.58
CA ILE D 102 31.57 19.40 -4.75
C ILE D 102 31.87 17.96 -5.10
N VAL D 103 32.59 17.25 -4.25
CA VAL D 103 32.98 15.89 -4.59
C VAL D 103 32.16 14.84 -3.85
N VAL D 104 31.87 13.74 -4.53
CA VAL D 104 30.94 12.75 -4.03
C VAL D 104 31.29 11.33 -4.49
N ASP D 105 31.24 10.38 -3.55
CA ASP D 105 31.58 8.99 -3.83
C ASP D 105 30.59 8.38 -4.83
N ALA D 106 31.13 7.69 -5.83
CA ALA D 106 30.31 7.07 -6.86
C ALA D 106 29.29 6.12 -6.24
N LYS D 107 29.77 5.20 -5.42
CA LYS D 107 28.90 4.20 -4.82
C LYS D 107 27.92 4.80 -3.82
N GLU D 108 28.45 5.55 -2.86
CA GLU D 108 27.66 6.11 -1.77
C GLU D 108 26.72 7.23 -2.22
N GLY D 109 27.24 8.18 -2.99
CA GLY D 109 26.43 9.30 -3.43
C GLY D 109 26.50 10.43 -2.42
N PRO D 110 25.83 11.56 -2.73
CA PRO D 110 25.97 12.77 -1.92
C PRO D 110 25.39 12.55 -0.55
N LYS D 111 25.93 13.22 0.45
CA LYS D 111 25.33 13.18 1.77
C LYS D 111 24.31 14.29 1.93
N THR D 112 23.55 14.21 3.02
CA THR D 112 22.46 15.13 3.31
C THR D 112 22.87 16.60 3.27
N GLN D 113 24.01 16.90 3.86
CA GLN D 113 24.52 18.26 3.92
C GLN D 113 24.91 18.79 2.54
N THR D 114 25.20 17.88 1.62
CA THR D 114 25.67 18.26 0.28
C THR D 114 24.65 19.10 -0.46
N GLY D 115 23.38 18.71 -0.38
CA GLY D 115 22.30 19.49 -0.93
C GLY D 115 22.26 20.88 -0.32
N GLU D 116 22.17 20.93 1.01
CA GLU D 116 22.14 22.18 1.77
C GLU D 116 23.26 23.15 1.35
N HIS D 117 24.43 22.60 1.07
CA HIS D 117 25.60 23.40 0.66
C HIS D 117 25.40 24.08 -0.69
N MET D 118 25.08 23.30 -1.72
CA MET D 118 25.05 23.82 -3.09
C MET D 118 24.04 24.94 -3.26
N LEU D 119 23.05 24.98 -2.39
CA LEU D 119 22.05 26.04 -2.43
C LEU D 119 22.64 27.39 -2.05
N ILE D 120 23.49 27.41 -1.02
CA ILE D 120 24.11 28.65 -0.58
C ILE D 120 25.00 29.25 -1.67
N LEU D 121 25.75 28.39 -2.35
CA LEU D 121 26.59 28.82 -3.47
C LEU D 121 25.74 29.32 -4.64
N ASP D 122 24.59 28.69 -4.84
CA ASP D 122 23.61 29.12 -5.83
C ASP D 122 23.07 30.48 -5.43
N HIS D 123 23.04 30.71 -4.12
CA HIS D 123 22.41 31.88 -3.53
C HIS D 123 23.32 33.10 -3.50
N PHE D 124 24.63 32.86 -3.50
CA PHE D 124 25.62 33.93 -3.59
C PHE D 124 26.17 34.00 -5.00
N ASN D 125 25.51 33.29 -5.92
CA ASN D 125 25.88 33.29 -7.33
C ASN D 125 27.29 32.79 -7.60
N ILE D 126 27.60 31.60 -7.07
CA ILE D 126 28.94 31.03 -7.18
C ILE D 126 28.97 29.76 -8.02
N PRO D 127 29.76 29.78 -9.12
CA PRO D 127 30.00 28.67 -10.05
C PRO D 127 30.50 27.42 -9.34
N ILE D 128 29.89 26.27 -9.63
CA ILE D 128 30.34 25.02 -9.03
C ILE D 128 30.67 23.93 -10.05
N ILE D 129 31.34 22.88 -9.56
CA ILE D 129 31.61 21.69 -10.34
C ILE D 129 31.42 20.47 -9.45
N VAL D 130 30.49 19.59 -9.83
CA VAL D 130 30.31 18.33 -9.12
C VAL D 130 31.29 17.29 -9.64
N VAL D 131 32.07 16.71 -8.72
CA VAL D 131 33.06 15.69 -9.07
C VAL D 131 32.65 14.38 -8.44
N ILE D 132 32.72 13.28 -9.19
CA ILE D 132 32.38 11.99 -8.62
C ILE D 132 33.60 11.09 -8.41
N THR D 133 33.86 10.78 -7.14
CA THR D 133 35.12 10.15 -6.75
C THR D 133 35.01 8.62 -6.70
N LYS D 134 36.14 7.96 -6.90
CA LYS D 134 36.25 6.50 -6.81
C LYS D 134 35.33 5.81 -7.83
N SER D 135 35.60 6.05 -9.11
CA SER D 135 34.81 5.45 -10.19
C SER D 135 35.42 4.14 -10.66
N ASP D 136 36.62 3.84 -10.16
CA ASP D 136 37.38 2.68 -10.61
C ASP D 136 36.75 1.34 -10.23
N ASN D 137 36.55 1.11 -8.94
CA ASN D 137 36.06 -0.17 -8.45
C ASN D 137 34.55 -0.26 -8.39
N ALA D 138 33.87 0.87 -8.56
CA ALA D 138 32.41 0.90 -8.54
C ALA D 138 31.87 0.50 -9.91
N GLY D 139 30.56 0.29 -9.97
CA GLY D 139 29.93 -0.13 -11.21
C GLY D 139 29.67 1.02 -12.17
N THR D 140 29.18 0.68 -13.36
CA THR D 140 28.82 1.70 -14.33
C THR D 140 27.50 2.31 -13.90
N GLU D 141 26.56 1.43 -13.54
CA GLU D 141 25.21 1.87 -13.21
C GLU D 141 25.17 2.53 -11.84
N GLU D 142 26.28 2.40 -11.11
CA GLU D 142 26.37 3.01 -9.79
C GLU D 142 26.68 4.49 -9.95
N ILE D 143 27.38 4.81 -11.04
CA ILE D 143 27.74 6.19 -11.34
C ILE D 143 26.55 6.92 -11.95
N LYS D 144 25.84 6.26 -12.86
CA LYS D 144 24.67 6.85 -13.51
C LYS D 144 23.60 7.19 -12.46
N ARG D 145 23.49 6.35 -11.45
CA ARG D 145 22.57 6.58 -10.34
C ARG D 145 22.96 7.84 -9.59
N THR D 146 24.23 7.92 -9.23
CA THR D 146 24.74 9.03 -8.45
C THR D 146 24.76 10.31 -9.29
N GLU D 147 24.97 10.16 -10.59
CA GLU D 147 24.93 11.32 -11.48
C GLU D 147 23.50 11.82 -11.59
N MET D 148 22.55 10.90 -11.44
CA MET D 148 21.13 11.21 -11.60
C MET D 148 20.57 11.88 -10.35
N ILE D 149 20.89 11.35 -9.17
CA ILE D 149 20.54 12.01 -7.92
C ILE D 149 21.09 13.44 -7.96
N MET D 150 22.32 13.58 -8.44
CA MET D 150 22.97 14.89 -8.52
C MET D 150 22.30 15.83 -9.51
N LYS D 151 21.85 15.30 -10.65
CA LYS D 151 21.15 16.11 -11.63
C LYS D 151 19.85 16.65 -11.05
N SER D 152 19.15 15.81 -10.28
CA SER D 152 17.88 16.20 -9.70
C SER D 152 18.08 17.21 -8.58
N ILE D 153 19.28 17.21 -8.01
CA ILE D 153 19.66 18.19 -7.00
C ILE D 153 19.89 19.56 -7.62
N LEU D 154 20.60 19.60 -8.75
CA LEU D 154 20.88 20.85 -9.41
C LEU D 154 19.59 21.49 -9.90
N GLN D 155 18.67 20.66 -10.35
CA GLN D 155 17.46 21.14 -11.00
C GLN D 155 16.53 21.89 -10.05
N SER D 156 16.76 21.73 -8.75
CA SER D 156 15.92 22.36 -7.74
C SER D 156 16.48 23.71 -7.29
N THR D 157 17.52 24.19 -7.96
CA THR D 157 18.09 25.49 -7.63
C THR D 157 17.96 26.42 -8.83
N HIS D 158 18.24 27.71 -8.63
CA HIS D 158 18.08 28.70 -9.69
C HIS D 158 19.29 28.81 -10.60
N ASN D 159 20.36 29.44 -10.09
CA ASN D 159 21.53 29.78 -10.90
C ASN D 159 22.33 28.56 -11.38
N LEU D 160 22.48 27.56 -10.51
CA LEU D 160 23.14 26.32 -10.89
C LEU D 160 22.10 25.35 -11.43
N LYS D 161 22.17 25.09 -12.73
CA LYS D 161 21.21 24.21 -13.36
C LYS D 161 21.95 23.16 -14.16
N ASN D 162 22.66 23.64 -15.19
CA ASN D 162 23.40 22.78 -16.08
C ASN D 162 24.87 22.68 -15.69
N SER D 163 25.20 23.15 -14.50
CA SER D 163 26.58 23.12 -14.00
C SER D 163 27.13 21.70 -14.08
N SER D 164 28.41 21.59 -14.42
CA SER D 164 28.98 20.33 -14.88
C SER D 164 29.30 19.28 -13.80
N ILE D 165 29.10 18.01 -14.17
CA ILE D 165 29.42 16.87 -13.32
C ILE D 165 30.40 15.93 -14.02
N ILE D 166 31.47 15.56 -13.32
CA ILE D 166 32.47 14.65 -13.90
C ILE D 166 32.76 13.44 -13.02
N PRO D 167 32.78 12.24 -13.62
CA PRO D 167 33.32 11.04 -12.98
C PRO D 167 34.85 11.03 -13.03
N ILE D 168 35.49 10.56 -11.97
CA ILE D 168 36.94 10.61 -11.85
C ILE D 168 37.49 9.47 -10.99
N SER D 169 38.63 8.92 -11.41
CA SER D 169 39.34 7.93 -10.61
C SER D 169 40.77 8.40 -10.34
N ALA D 170 41.26 8.17 -9.13
CA ALA D 170 42.61 8.60 -8.74
C ALA D 170 43.68 7.60 -9.16
N LYS D 171 43.39 6.32 -8.94
CA LYS D 171 44.32 5.24 -9.26
C LYS D 171 44.51 5.09 -10.77
N THR D 172 43.40 5.08 -11.52
CA THR D 172 43.46 4.97 -12.97
C THR D 172 43.91 6.29 -13.60
N GLY D 173 43.32 7.39 -13.12
CA GLY D 173 43.62 8.70 -13.66
C GLY D 173 42.58 9.13 -14.68
N PHE D 174 41.55 8.29 -14.84
CA PHE D 174 40.48 8.54 -15.80
C PHE D 174 39.71 9.82 -15.50
N GLY D 175 39.69 10.72 -16.47
CA GLY D 175 38.86 11.92 -16.39
C GLY D 175 39.46 13.08 -15.64
N VAL D 176 40.67 12.89 -15.12
CA VAL D 176 41.34 13.93 -14.33
C VAL D 176 41.76 15.09 -15.22
N ASP D 177 42.05 14.79 -16.48
CA ASP D 177 42.40 15.80 -17.46
C ASP D 177 41.20 16.71 -17.72
N GLU D 178 40.04 16.10 -17.91
CA GLU D 178 38.82 16.81 -18.27
C GLU D 178 38.38 17.77 -17.16
N LEU D 179 38.62 17.37 -15.91
CA LEU D 179 38.35 18.23 -14.76
C LEU D 179 39.23 19.46 -14.78
N LYS D 180 40.52 19.25 -15.03
CA LYS D 180 41.48 20.34 -15.14
C LYS D 180 41.04 21.38 -16.16
N ASN D 181 40.59 20.90 -17.32
CA ASN D 181 40.17 21.78 -18.41
C ASN D 181 38.83 22.46 -18.13
N LEU D 182 38.03 21.85 -17.26
CA LEU D 182 36.76 22.43 -16.88
C LEU D 182 36.95 23.49 -15.79
N ILE D 183 37.83 23.21 -14.83
CA ILE D 183 38.14 24.16 -13.77
C ILE D 183 38.65 25.49 -14.33
N ILE D 184 39.46 25.42 -15.37
CA ILE D 184 39.97 26.61 -16.03
C ILE D 184 38.85 27.27 -16.83
N THR D 185 38.07 26.44 -17.53
CA THR D 185 36.97 26.93 -18.37
C THR D 185 35.97 27.70 -17.52
N THR D 186 35.63 27.13 -16.37
CA THR D 186 34.68 27.72 -15.44
C THR D 186 35.20 29.04 -14.87
N LEU D 187 36.50 29.11 -14.62
CA LEU D 187 37.11 30.33 -14.12
C LEU D 187 37.30 31.37 -15.22
N ASN D 188 37.64 30.92 -16.43
CA ASN D 188 37.66 31.80 -17.58
C ASN D 188 36.27 32.36 -17.84
N ASN D 189 35.29 31.47 -17.93
CA ASN D 189 33.92 31.85 -18.23
C ASN D 189 33.33 32.83 -17.23
N ALA D 190 33.48 32.54 -15.94
CA ALA D 190 33.00 33.46 -14.90
C ALA D 190 33.70 34.80 -15.03
N GLU D 191 32.92 35.87 -14.86
CA GLU D 191 33.46 37.23 -14.95
C GLU D 191 34.01 37.66 -13.60
N ILE D 192 35.34 37.72 -13.49
CA ILE D 192 35.96 38.08 -12.22
C ILE D 192 36.58 39.47 -12.25
N ILE D 193 35.96 40.40 -11.53
CA ILE D 193 36.50 41.73 -11.32
C ILE D 193 36.55 42.01 -9.82
N ARG D 194 37.75 42.07 -9.26
CA ARG D 194 37.90 42.42 -7.84
C ARG D 194 37.52 43.89 -7.67
N ASN D 195 37.36 44.32 -6.42
CA ASN D 195 37.08 45.72 -6.17
C ASN D 195 38.26 46.40 -5.50
N THR D 196 39.01 47.17 -6.28
CA THR D 196 40.25 47.76 -5.81
C THR D 196 40.04 49.18 -5.28
N GLU D 197 39.13 49.91 -5.91
CA GLU D 197 39.05 51.36 -5.68
C GLU D 197 38.21 51.80 -4.48
N SER D 198 37.67 50.85 -3.72
CA SER D 198 36.88 51.22 -2.54
C SER D 198 37.66 51.06 -1.23
N TYR D 199 37.00 51.35 -0.12
CA TYR D 199 37.61 51.22 1.21
C TYR D 199 38.06 49.78 1.46
N PHE D 200 39.08 49.60 2.29
CA PHE D 200 39.59 48.27 2.59
C PHE D 200 38.67 47.52 3.56
N LYS D 201 38.21 46.35 3.13
CA LYS D 201 37.34 45.51 3.97
C LYS D 201 37.81 44.06 3.97
N MET D 202 38.24 43.58 5.13
CA MET D 202 38.61 42.18 5.28
C MET D 202 37.88 41.54 6.47
N PRO D 203 36.89 40.67 6.18
CA PRO D 203 36.29 39.82 7.20
C PRO D 203 37.32 38.84 7.74
N LEU D 204 37.37 38.68 9.06
CA LEU D 204 38.37 37.85 9.72
C LEU D 204 37.85 36.45 10.01
N ASP D 205 38.52 35.44 9.47
CA ASP D 205 38.16 34.05 9.73
C ASP D 205 38.84 33.53 10.99
N HIS D 206 40.00 34.07 11.29
CA HIS D 206 40.69 33.80 12.56
C HIS D 206 41.28 35.08 13.14
N ALA D 207 41.32 35.13 14.47
CA ALA D 207 41.97 36.22 15.20
C ALA D 207 42.45 35.65 16.52
N PHE D 208 43.76 35.73 16.76
CA PHE D 208 44.36 35.04 17.89
C PHE D 208 45.81 35.47 18.10
N PRO D 209 46.23 35.55 19.37
CA PRO D 209 47.59 35.90 19.76
C PRO D 209 48.59 34.74 19.66
N ILE D 210 49.83 35.10 19.34
CA ILE D 210 50.94 34.17 19.18
C ILE D 210 52.13 34.71 19.98
N LYS D 211 53.03 33.84 20.41
CA LYS D 211 54.19 34.24 21.20
C LYS D 211 55.04 35.29 20.48
N GLY D 212 55.06 36.50 21.04
CA GLY D 212 55.94 37.55 20.56
C GLY D 212 55.54 38.22 19.25
N ALA D 213 54.60 37.61 18.52
CA ALA D 213 54.17 38.13 17.22
C ALA D 213 52.90 38.96 17.34
N GLY D 214 52.41 39.10 18.57
CA GLY D 214 51.16 39.81 18.81
C GLY D 214 49.98 38.96 18.37
N THR D 215 49.00 39.61 17.76
CA THR D 215 47.82 38.91 17.25
C THR D 215 47.84 38.83 15.72
N VAL D 216 47.78 37.62 15.19
CA VAL D 216 47.71 37.44 13.75
C VAL D 216 46.27 37.11 13.31
N VAL D 217 45.86 37.68 12.19
CA VAL D 217 44.52 37.45 11.68
C VAL D 217 44.57 36.75 10.33
N THR D 218 43.46 36.11 9.95
CA THR D 218 43.39 35.35 8.70
C THR D 218 42.03 35.53 8.05
N GLY D 219 42.03 35.81 6.74
CA GLY D 219 40.79 35.95 6.01
C GLY D 219 41.02 36.39 4.58
N THR D 220 39.97 36.29 3.77
CA THR D 220 39.98 36.75 2.39
C THR D 220 39.69 38.25 2.35
N ILE D 221 40.48 39.01 1.60
CA ILE D 221 40.24 40.44 1.47
C ILE D 221 39.07 40.68 0.52
N ASN D 222 38.01 41.29 1.02
CA ASN D 222 36.83 41.55 0.21
C ASN D 222 37.02 42.69 -0.79
N LYS D 223 37.49 43.83 -0.30
CA LYS D 223 37.60 45.03 -1.12
C LYS D 223 38.87 45.83 -0.82
N GLY D 224 39.57 46.25 -1.87
CA GLY D 224 40.61 47.25 -1.73
C GLY D 224 42.06 46.80 -1.66
N ILE D 225 42.88 47.65 -1.04
CA ILE D 225 44.33 47.46 -0.97
C ILE D 225 44.82 47.60 0.49
N VAL D 226 45.74 46.72 0.88
CA VAL D 226 46.44 46.83 2.16
C VAL D 226 47.96 46.75 1.94
N LYS D 227 48.68 47.72 2.50
CA LYS D 227 50.12 47.84 2.35
C LYS D 227 50.75 47.67 3.73
N VAL D 228 51.92 47.03 3.80
CA VAL D 228 52.53 46.76 5.10
C VAL D 228 52.81 48.09 5.85
N GLY D 229 52.72 48.08 7.17
CA GLY D 229 52.87 49.30 7.95
C GLY D 229 51.69 50.23 7.78
N ASP D 230 50.53 49.64 7.48
CA ASP D 230 49.32 50.42 7.35
C ASP D 230 48.64 50.56 8.70
N GLU D 231 47.93 51.67 8.86
CA GLU D 231 47.07 51.82 10.00
C GLU D 231 45.72 51.27 9.63
N LEU D 232 45.21 50.36 10.45
CA LEU D 232 43.88 49.79 10.24
C LEU D 232 42.98 50.11 11.41
N LYS D 233 41.70 49.78 11.22
CA LYS D 233 40.68 49.98 12.23
C LYS D 233 39.90 48.68 12.36
N VAL D 234 39.92 48.09 13.56
CA VAL D 234 39.17 46.87 13.82
C VAL D 234 37.78 47.19 14.38
N LEU D 235 36.78 46.43 13.94
CA LEU D 235 35.41 46.61 14.41
C LEU D 235 34.85 45.30 14.94
N PRO D 236 33.90 45.36 15.88
CA PRO D 236 33.15 46.50 16.43
C PRO D 236 33.94 47.37 17.41
N ILE D 237 35.06 46.86 17.90
CA ILE D 237 35.77 47.46 19.01
C ILE D 237 36.40 48.82 18.69
N ASN D 238 36.35 49.21 17.42
CA ASN D 238 36.78 50.55 17.00
C ASN D 238 38.22 50.89 17.38
N MET D 239 39.05 49.88 17.61
CA MET D 239 40.44 50.13 17.95
C MET D 239 41.28 50.28 16.68
N SER D 240 42.35 51.05 16.77
CA SER D 240 43.23 51.20 15.62
C SER D 240 44.45 50.33 15.83
N THR D 241 44.73 49.47 14.85
CA THR D 241 45.87 48.58 14.90
C THR D 241 46.77 48.81 13.69
N LYS D 242 48.01 48.38 13.77
CA LYS D 242 48.97 48.60 12.68
C LYS D 242 49.40 47.27 12.03
N VAL D 243 49.41 47.21 10.70
CA VAL D 243 49.85 46.00 9.99
C VAL D 243 51.35 45.85 10.08
N ARG D 244 51.82 44.98 10.96
CA ARG D 244 53.26 44.79 11.08
C ARG D 244 53.78 43.86 9.99
N SER D 245 52.88 43.11 9.35
CA SER D 245 53.28 42.16 8.32
C SER D 245 52.08 41.64 7.52
N ILE D 246 52.36 41.11 6.34
CA ILE D 246 51.34 40.53 5.48
C ILE D 246 51.96 39.32 4.78
N GLN D 247 51.19 38.26 4.58
CA GLN D 247 51.68 37.14 3.77
C GLN D 247 50.59 36.46 2.94
N TYR D 248 50.96 36.15 1.71
CA TYR D 248 50.05 35.56 0.71
C TYR D 248 50.78 34.52 -0.11
N PHE D 249 50.10 33.44 -0.44
CA PHE D 249 50.68 32.33 -1.20
C PHE D 249 51.95 31.79 -0.54
N LYS D 250 51.84 31.50 0.75
CA LYS D 250 52.94 30.95 1.56
C LYS D 250 54.28 31.67 1.40
N GLU D 251 54.23 32.98 1.24
CA GLU D 251 55.44 33.82 1.24
C GLU D 251 55.06 35.24 1.66
N SER D 252 55.99 35.97 2.25
CA SER D 252 55.66 37.29 2.77
C SER D 252 55.63 38.35 1.68
N VAL D 253 54.61 39.21 1.75
CA VAL D 253 54.43 40.27 0.75
C VAL D 253 54.22 41.64 1.41
N MET D 254 54.56 42.71 0.69
CA MET D 254 54.42 44.07 1.21
C MET D 254 53.06 44.67 0.93
N GLU D 255 52.35 44.05 -0.01
CA GLU D 255 51.03 44.52 -0.42
C GLU D 255 50.10 43.33 -0.70
N ALA D 256 48.80 43.52 -0.50
CA ALA D 256 47.80 42.54 -0.92
C ALA D 256 46.54 43.26 -1.43
N LYS D 257 45.77 42.57 -2.26
CA LYS D 257 44.56 43.17 -2.83
C LYS D 257 43.32 42.34 -2.53
N ALA D 258 42.19 42.75 -3.08
CA ALA D 258 40.94 42.02 -2.88
C ALA D 258 40.97 40.67 -3.58
N GLY D 259 40.48 39.64 -2.91
CA GLY D 259 40.42 38.31 -3.47
C GLY D 259 41.55 37.42 -3.00
N ASP D 260 42.38 37.95 -2.12
CA ASP D 260 43.55 37.22 -1.65
C ASP D 260 43.31 36.62 -0.27
N ARG D 261 43.89 35.44 -0.05
CA ARG D 261 43.95 34.85 1.28
C ARG D 261 45.20 35.36 1.98
N VAL D 262 44.98 36.22 2.96
CA VAL D 262 46.07 36.97 3.56
C VAL D 262 46.18 36.78 5.07
N GLY D 263 47.32 36.25 5.50
CA GLY D 263 47.67 36.24 6.91
C GLY D 263 48.32 37.56 7.26
N MET D 264 47.98 38.11 8.41
CA MET D 264 48.46 39.43 8.79
C MET D 264 48.84 39.52 10.25
N ALA D 265 50.06 39.97 10.52
CA ALA D 265 50.50 40.20 11.88
C ALA D 265 50.31 41.68 12.22
N ILE D 266 49.45 41.95 13.20
CA ILE D 266 49.17 43.33 13.58
C ILE D 266 49.51 43.59 15.05
N GLN D 267 49.66 44.86 15.41
CA GLN D 267 49.97 45.26 16.78
C GLN D 267 49.02 46.36 17.26
N GLY D 268 48.86 46.49 18.58
CA GLY D 268 48.18 47.64 19.16
C GLY D 268 46.80 47.41 19.73
N VAL D 269 46.32 46.17 19.66
CA VAL D 269 44.98 45.83 20.13
C VAL D 269 44.98 44.51 20.91
N ASP D 270 44.36 44.49 22.07
CA ASP D 270 44.27 43.28 22.88
C ASP D 270 43.49 42.18 22.14
N ALA D 271 43.91 40.93 22.34
CA ALA D 271 43.31 39.79 21.64
C ALA D 271 41.89 39.50 22.11
N LYS D 272 41.53 40.04 23.27
CA LYS D 272 40.17 39.92 23.79
C LYS D 272 39.17 40.52 22.84
N GLN D 273 39.58 41.59 22.17
CA GLN D 273 38.64 42.38 21.41
C GLN D 273 38.61 42.07 19.90
N ILE D 274 39.55 41.24 19.45
CA ILE D 274 39.52 40.74 18.08
C ILE D 274 39.28 39.24 18.03
N TYR D 275 38.10 38.83 17.56
CA TYR D 275 37.76 37.43 17.39
C TYR D 275 37.23 37.10 15.99
N ARG D 276 36.75 35.86 15.82
CA ARG D 276 36.52 35.28 14.50
C ARG D 276 35.27 35.79 13.78
N GLY D 277 34.54 36.70 14.41
CA GLY D 277 33.37 37.30 13.79
C GLY D 277 33.64 38.74 13.41
N ILE D 279 35.70 42.24 11.85
CA ILE D 279 36.12 42.75 10.56
C ILE D 279 37.27 43.73 10.72
N LEU D 280 38.29 43.54 9.90
CA LEU D 280 39.43 44.44 9.85
C LEU D 280 39.23 45.37 8.67
N THR D 281 39.05 46.66 8.95
CA THR D 281 38.65 47.61 7.92
C THR D 281 39.48 48.88 7.90
N SER D 282 39.23 49.73 6.91
CA SER D 282 39.92 51.01 6.79
C SER D 282 39.34 52.04 7.76
N LYS D 283 39.86 53.27 7.69
CA LYS D 283 39.45 54.33 8.63
C LYS D 283 38.18 55.04 8.19
N ASP D 284 38.10 55.39 6.90
CA ASP D 284 36.96 56.15 6.38
C ASP D 284 35.84 55.21 5.92
N THR D 285 35.97 53.93 6.28
CA THR D 285 35.02 52.89 5.89
C THR D 285 33.55 53.28 6.06
N LYS D 286 32.73 52.98 5.06
CA LYS D 286 31.29 53.26 5.10
C LYS D 286 30.58 52.17 5.88
N LEU D 287 31.36 51.21 6.37
CA LEU D 287 30.87 50.14 7.23
C LEU D 287 30.30 50.74 8.51
N GLN D 288 29.11 50.28 8.90
CA GLN D 288 28.43 50.84 10.06
C GLN D 288 28.16 49.78 11.12
N THR D 289 27.91 50.23 12.33
CA THR D 289 27.53 49.35 13.43
C THR D 289 26.01 49.38 13.60
N VAL D 290 25.35 48.29 13.24
CA VAL D 290 23.91 48.33 12.96
C VAL D 290 23.07 47.28 13.70
N ASP D 291 21.97 47.73 14.28
CA ASP D 291 21.02 46.81 14.90
C ASP D 291 19.69 46.83 14.15
N LYS D 292 19.59 47.66 13.11
CA LYS D 292 18.35 47.80 12.35
C LYS D 292 18.59 47.87 10.83
N ILE D 293 18.00 46.92 10.11
CA ILE D 293 18.20 46.79 8.67
C ILE D 293 16.87 46.73 7.90
N VAL D 294 16.74 47.56 6.87
CA VAL D 294 15.61 47.48 5.96
C VAL D 294 16.10 46.93 4.61
N ALA D 295 15.44 45.89 4.12
CA ALA D 295 15.99 45.10 3.00
C ALA D 295 15.00 44.82 1.87
N LYS D 296 15.53 44.73 0.66
CA LYS D 296 14.77 44.31 -0.51
C LYS D 296 14.81 42.79 -0.55
N ILE D 297 13.67 42.15 -0.31
CA ILE D 297 13.65 40.71 -0.02
C ILE D 297 12.93 39.85 -1.07
N LYS D 298 13.64 38.86 -1.57
CA LYS D 298 13.08 37.89 -2.49
C LYS D 298 13.07 36.53 -1.82
N ILE D 299 11.92 35.88 -1.78
CA ILE D 299 11.87 34.53 -1.24
C ILE D 299 11.87 33.59 -2.43
N SER D 300 12.99 32.91 -2.63
CA SER D 300 13.20 32.11 -3.84
C SER D 300 12.97 30.62 -3.61
N ASP D 301 13.04 30.21 -2.35
CA ASP D 301 13.19 28.79 -2.01
C ASP D 301 12.01 27.86 -2.30
N ILE D 302 12.19 26.60 -1.93
CA ILE D 302 11.39 25.51 -2.45
C ILE D 302 10.00 25.32 -1.82
N PHE D 303 9.89 25.57 -0.53
CA PHE D 303 8.67 25.21 0.19
C PHE D 303 7.64 26.33 0.26
N LYS D 304 7.79 27.35 -0.58
CA LYS D 304 6.91 28.53 -0.60
C LYS D 304 6.47 29.05 0.77
N TYR D 305 7.43 29.62 1.52
CA TYR D 305 7.17 30.06 2.90
C TYR D 305 6.16 31.21 2.97
N ASN D 306 5.39 31.23 4.05
CA ASN D 306 4.44 32.32 4.33
C ASN D 306 4.89 33.11 5.55
N LEU D 307 4.47 34.37 5.66
CA LEU D 307 5.06 35.26 6.66
C LEU D 307 4.08 36.19 7.38
N THR D 308 4.34 36.38 8.67
CA THR D 308 3.52 37.23 9.54
C THR D 308 4.36 38.42 9.99
N PRO D 309 3.71 39.58 10.22
CA PRO D 309 4.39 40.69 10.87
C PRO D 309 4.91 40.32 12.27
N LYS D 310 5.98 40.99 12.70
CA LYS D 310 6.62 40.74 14.00
C LYS D 310 7.15 39.30 14.15
N MET D 311 7.47 38.66 13.03
CA MET D 311 7.97 37.30 13.05
C MET D 311 9.44 37.28 13.45
N LYS D 312 9.81 36.32 14.31
CA LYS D 312 11.19 36.15 14.73
C LYS D 312 11.95 35.29 13.72
N VAL D 313 13.11 35.77 13.30
CA VAL D 313 13.95 35.04 12.37
C VAL D 313 15.42 35.26 12.70
N HIS D 314 16.27 34.40 12.17
CA HIS D 314 17.71 34.55 12.35
C HIS D 314 18.32 35.10 11.07
N LEU D 315 18.81 36.33 11.15
CA LEU D 315 19.33 37.02 9.98
C LEU D 315 20.82 36.76 9.79
N ASN D 316 21.22 36.39 8.57
CA ASN D 316 22.62 36.26 8.24
C ASN D 316 23.12 37.48 7.47
N VAL D 317 23.89 38.32 8.15
CA VAL D 317 24.46 39.52 7.52
C VAL D 317 25.98 39.47 7.64
N GLY D 318 26.67 39.56 6.51
CA GLY D 318 28.09 39.34 6.50
C GLY D 318 28.36 37.89 6.87
N MET D 319 29.18 37.66 7.88
CA MET D 319 29.48 36.29 8.28
C MET D 319 28.88 35.92 9.65
N LEU D 320 28.04 36.80 10.20
CA LEU D 320 27.38 36.55 11.48
C LEU D 320 25.94 36.08 11.28
N ILE D 321 25.32 35.64 12.37
CA ILE D 321 23.89 35.37 12.40
C ILE D 321 23.28 35.86 13.71
N VAL D 322 22.27 36.72 13.61
CA VAL D 322 21.62 37.29 14.78
C VAL D 322 20.13 37.02 14.80
N PRO D 323 19.54 36.86 15.99
CA PRO D 323 18.08 36.77 16.08
C PRO D 323 17.49 38.15 15.81
N ALA D 324 16.36 38.20 15.13
CA ALA D 324 15.74 39.48 14.83
C ALA D 324 14.23 39.35 14.66
N VAL D 325 13.49 40.40 15.02
CA VAL D 325 12.07 40.50 14.71
C VAL D 325 11.98 41.19 13.36
N ALA D 326 11.13 40.67 12.47
CA ALA D 326 11.07 41.20 11.11
C ALA D 326 9.66 41.48 10.59
N VAL D 327 9.56 42.57 9.84
CA VAL D 327 8.28 43.12 9.44
C VAL D 327 8.18 43.22 7.93
N PRO D 328 7.53 42.24 7.31
CA PRO D 328 7.23 42.33 5.88
C PRO D 328 6.26 43.46 5.58
N PHE D 329 6.58 44.27 4.57
CA PHE D 329 5.75 45.43 4.24
C PHE D 329 5.75 45.78 2.75
N LYS D 330 4.58 46.22 2.27
CA LYS D 330 4.37 46.61 0.88
C LYS D 330 4.51 48.12 0.73
N LYS D 331 5.34 48.57 -0.21
CA LYS D 331 5.41 49.99 -0.50
C LYS D 331 4.49 50.33 -1.69
N VAL D 332 3.60 51.30 -1.48
CA VAL D 332 2.61 51.69 -2.48
C VAL D 332 2.62 53.19 -2.79
N THR D 333 2.60 53.52 -4.07
CA THR D 333 2.49 54.92 -4.48
C THR D 333 1.19 55.09 -5.24
N PHE D 334 0.26 55.85 -4.67
CA PHE D 334 -1.02 56.08 -5.32
C PHE D 334 -1.32 57.56 -5.60
N GLY D 335 -1.03 57.99 -6.82
CA GLY D 335 -1.38 59.31 -7.30
C GLY D 335 -0.79 60.54 -6.63
N LYS D 336 -0.39 60.40 -5.36
CA LYS D 336 0.09 61.54 -4.59
C LYS D 336 1.31 61.22 -3.72
N THR D 337 1.17 60.26 -2.82
CA THR D 337 2.19 59.97 -1.83
C THR D 337 2.83 58.60 -2.05
N GLU D 338 4.09 58.46 -1.66
CA GLU D 338 4.71 57.16 -1.53
C GLU D 338 4.35 56.63 -0.15
N GLU D 339 3.97 55.35 -0.08
CA GLU D 339 3.54 54.77 1.20
C GLU D 339 4.19 53.43 1.52
N ASN D 340 4.29 53.14 2.81
CA ASN D 340 4.77 51.84 3.29
C ASN D 340 3.68 51.15 4.11
N ILE D 341 3.19 50.02 3.62
CA ILE D 341 2.11 49.28 4.24
C ILE D 341 2.55 47.86 4.61
N ILE D 342 2.21 47.39 5.81
CA ILE D 342 2.50 45.99 6.18
C ILE D 342 1.68 45.03 5.32
N LEU D 343 2.34 44.01 4.78
CA LEU D 343 1.68 43.08 3.88
C LEU D 343 0.68 42.17 4.59
N ASN D 344 -0.38 41.77 3.88
CA ASN D 344 -1.33 40.79 4.39
C ASN D 344 -0.71 39.40 4.40
N GLU D 345 -1.54 38.39 4.61
CA GLU D 345 -1.10 37.01 4.47
C GLU D 345 -0.74 36.78 3.00
N VAL D 346 0.52 36.44 2.75
CA VAL D 346 1.00 36.27 1.38
C VAL D 346 1.97 35.10 1.27
N ILE D 347 1.80 34.29 0.22
CA ILE D 347 2.70 33.17 -0.07
C ILE D 347 4.08 33.65 -0.52
N SER D 348 4.85 32.79 -1.18
CA SER D 348 6.14 33.21 -1.74
C SER D 348 5.95 33.80 -3.14
N GLY D 349 5.85 35.12 -3.20
CA GLY D 349 5.63 35.82 -4.45
C GLY D 349 6.81 36.70 -4.82
N ASN D 350 7.80 36.72 -3.92
CA ASN D 350 9.07 37.45 -4.06
C ASN D 350 8.99 38.98 -4.12
N GLU D 351 7.77 39.49 -4.27
CA GLU D 351 7.55 40.90 -4.53
C GLU D 351 7.81 41.83 -3.35
N TYR D 353 8.71 43.38 0.65
CA TYR D 353 9.96 43.79 1.28
C TYR D 353 10.04 43.35 2.74
N ALA D 355 11.75 44.28 6.73
CA ALA D 355 12.44 45.14 7.68
C ALA D 355 12.93 44.33 8.87
N PHE D 356 14.12 44.65 9.37
CA PHE D 356 14.74 43.88 10.44
C PHE D 356 15.24 44.73 11.60
N GLU D 357 14.84 44.34 12.81
CA GLU D 357 15.46 44.86 14.02
C GLU D 357 16.31 43.76 14.64
N LEU D 358 17.62 43.88 14.51
CA LEU D 358 18.52 42.86 15.03
C LEU D 358 18.64 43.01 16.54
N GLU D 359 18.63 41.87 17.24
CA GLU D 359 18.77 41.87 18.69
C GLU D 359 20.26 41.91 19.07
N GLU D 360 21.11 41.62 18.10
CA GLU D 360 22.56 41.70 18.29
C GLU D 360 23.18 42.50 17.14
N LYS D 361 24.05 43.44 17.48
CA LYS D 361 24.57 44.39 16.50
C LYS D 361 25.50 43.78 15.45
N VAL D 362 25.28 44.17 14.19
CA VAL D 362 25.97 43.59 13.05
C VAL D 362 26.63 44.69 12.20
N LEU D 363 27.78 44.39 11.61
CA LEU D 363 28.48 45.35 10.76
C LEU D 363 28.17 45.16 9.28
N ALA D 364 27.65 46.21 8.63
CA ALA D 364 27.25 46.14 7.23
C ALA D 364 27.21 47.51 6.55
N GLU D 365 27.20 47.50 5.21
CA GLU D 365 27.08 48.71 4.43
C GLU D 365 25.82 48.65 3.58
N VAL D 366 25.47 49.77 2.94
CA VAL D 366 24.30 49.80 2.07
C VAL D 366 24.58 49.03 0.77
N GLY D 367 23.58 48.30 0.28
CA GLY D 367 23.75 47.47 -0.88
C GLY D 367 24.43 46.16 -0.56
N ASP D 368 24.03 45.56 0.57
CA ASP D 368 24.63 44.33 1.08
C ASP D 368 23.70 43.14 1.04
N ARG D 369 24.26 41.95 0.87
CA ARG D 369 23.47 40.73 0.72
C ARG D 369 23.01 40.11 2.05
N VAL D 370 21.70 40.07 2.25
CA VAL D 370 21.12 39.57 3.48
C VAL D 370 20.41 38.23 3.26
N LEU D 371 20.78 37.23 4.05
CA LEU D 371 20.11 35.93 3.97
C LEU D 371 19.29 35.61 5.21
N ILE D 372 17.97 35.47 5.00
CA ILE D 372 17.09 34.95 6.03
C ILE D 372 17.38 33.47 6.22
N THR D 373 17.85 33.09 7.41
CA THR D 373 18.16 31.69 7.70
C THR D 373 17.23 31.06 8.74
N ARG D 374 16.79 29.85 8.45
CA ARG D 374 15.94 29.10 9.35
C ARG D 374 16.71 27.89 9.90
N LEU D 375 16.83 27.81 11.21
CA LEU D 375 17.47 26.66 11.84
C LEU D 375 16.40 25.70 12.35
N ASP D 376 15.16 25.98 11.94
CA ASP D 376 13.98 25.21 12.33
C ASP D 376 13.99 23.81 11.79
N LEU D 377 14.53 23.65 10.59
CA LEU D 377 14.26 22.50 9.74
C LEU D 377 15.43 21.53 9.72
N PRO D 378 15.38 20.53 10.61
CA PRO D 378 16.46 19.69 11.19
C PRO D 378 17.46 18.96 10.28
N PRO D 379 17.03 18.32 9.19
CA PRO D 379 18.07 17.62 8.41
C PRO D 379 19.11 18.57 7.84
N THR D 380 18.74 19.81 7.57
CA THR D 380 19.70 20.83 7.16
C THR D 380 19.96 21.78 8.32
N THR D 381 21.23 22.06 8.60
CA THR D 381 21.60 22.87 9.76
C THR D 381 20.94 24.24 9.74
N LEU D 382 21.19 25.01 8.68
CA LEU D 382 20.52 26.27 8.46
C LEU D 382 19.99 26.36 7.03
N ARG D 383 18.74 26.77 6.87
CA ARG D 383 18.10 26.86 5.56
C ARG D 383 17.96 28.29 5.12
N ILE D 384 18.35 28.58 3.89
CA ILE D 384 18.12 29.91 3.36
C ILE D 384 16.64 30.04 3.05
N GLY D 386 15.31 33.65 2.59
CA GLY D 386 15.14 34.95 1.97
C GLY D 386 16.43 35.62 1.53
N HIS D 387 16.42 36.14 0.31
CA HIS D 387 17.52 36.96 -0.21
C HIS D 387 17.23 38.46 -0.10
N GLY D 388 18.25 39.21 0.28
CA GLY D 388 18.07 40.61 0.58
C GLY D 388 19.22 41.52 0.23
N LEU D 389 18.84 42.70 -0.24
CA LEU D 389 19.77 43.81 -0.36
C LEU D 389 19.34 44.94 0.58
N ILE D 390 20.30 45.50 1.31
CA ILE D 390 20.00 46.54 2.30
C ILE D 390 19.73 47.90 1.65
N GLU D 391 18.49 48.35 1.75
CA GLU D 391 18.08 49.65 1.25
C GLU D 391 18.55 50.72 2.23
N GLU D 392 17.97 50.70 3.43
CA GLU D 392 18.21 51.74 4.42
C GLU D 392 18.43 51.14 5.80
N PHE D 393 18.86 51.97 6.76
CA PHE D 393 18.94 51.57 8.15
C PHE D 393 18.00 52.44 8.99
N LYS D 394 16.87 51.88 9.42
CA LYS D 394 15.85 52.65 10.13
C LYS D 394 15.13 51.82 11.19
N PRO D 395 14.94 52.38 12.39
CA PRO D 395 14.14 51.70 13.43
C PRO D 395 12.65 51.72 13.05
N ILE D 396 11.94 50.63 13.35
CA ILE D 396 10.50 50.49 13.08
C ILE D 396 9.71 51.80 13.16
N LYS D 397 9.98 52.58 14.21
CA LYS D 397 9.30 53.85 14.44
C LYS D 397 9.44 54.83 13.26
N ASP D 398 10.68 55.08 12.84
CA ASP D 398 10.94 55.97 11.72
C ASP D 398 10.30 55.48 10.42
N LEU D 399 10.08 54.17 10.31
CA LEU D 399 9.60 53.55 9.07
C LEU D 399 8.18 53.93 8.67
N ASN D 400 7.43 54.54 9.58
CA ASN D 400 6.02 54.89 9.40
C ASN D 400 5.15 53.93 8.57
N ILE D 401 5.15 52.65 8.94
CA ILE D 401 4.41 51.65 8.16
C ILE D 401 2.91 51.69 8.48
N LYS D 402 2.10 51.58 7.43
CA LYS D 402 0.65 51.74 7.53
C LYS D 402 -0.10 50.40 7.44
N LYS D 403 -1.31 50.36 7.99
CA LYS D 403 -2.17 49.18 7.89
C LYS D 403 -3.51 49.54 7.24
N GLU D 404 -4.00 48.67 6.37
CA GLU D 404 -5.26 48.93 5.66
C GLU D 404 -6.47 48.54 6.50
N VAL D 405 -7.57 49.27 6.31
CA VAL D 405 -8.82 48.95 7.00
C VAL D 405 -10.01 48.94 6.03
N LEU D 406 -10.65 47.78 5.91
CA LEU D 406 -11.79 47.61 5.00
C LEU D 406 -13.10 47.73 5.78
N ARG D 407 -14.00 48.59 5.31
CA ARG D 407 -15.26 48.86 6.00
C ARG D 407 -16.49 48.60 5.12
N GLU D 408 -17.50 47.96 5.70
CA GLU D 408 -18.70 47.58 4.96
C GLU D 408 -19.88 48.51 5.23
N GLY D 409 -20.68 48.76 4.19
CA GLY D 409 -21.86 49.59 4.30
C GLY D 409 -22.91 49.25 3.25
N LYS D 410 -24.16 49.58 3.54
CA LYS D 410 -25.25 49.34 2.59
C LYS D 410 -25.83 50.67 2.10
N VAL D 411 -26.13 50.74 0.80
CA VAL D 411 -26.78 51.92 0.24
C VAL D 411 -28.30 51.76 0.30
N LYS D 412 -28.95 52.58 1.13
CA LYS D 412 -30.39 52.48 1.34
C LYS D 412 -31.12 53.75 0.95
N ILE D 413 -32.33 53.60 0.41
CA ILE D 413 -33.16 54.74 0.05
C ILE D 413 -34.26 54.96 1.09
N ASP D 414 -34.24 56.11 1.74
CA ASP D 414 -35.22 56.44 2.78
C ASP D 414 -35.83 57.83 2.55
N LYS D 415 -37.13 57.85 2.23
CA LYS D 415 -37.89 59.08 2.00
C LYS D 415 -37.30 60.00 0.92
N GLY D 416 -36.66 59.40 -0.08
CA GLY D 416 -36.16 60.16 -1.22
C GLY D 416 -34.67 60.37 -1.25
N ARG D 417 -34.00 60.08 -0.14
CA ARG D 417 -32.55 60.23 -0.06
C ARG D 417 -31.84 58.94 -0.44
N THR D 418 -30.69 59.06 -1.08
CA THR D 418 -29.79 57.92 -1.24
C THR D 418 -28.82 57.93 -0.05
N VAL D 419 -28.93 56.92 0.81
CA VAL D 419 -28.26 56.94 2.10
C VAL D 419 -27.38 55.71 2.34
N ILE D 420 -26.23 55.91 2.97
CA ILE D 420 -25.34 54.82 3.34
C ILE D 420 -25.62 54.35 4.77
N ASP D 421 -25.70 53.03 4.94
CA ASP D 421 -25.99 52.44 6.25
C ASP D 421 -25.01 51.32 6.57
N GLY D 422 -24.65 51.19 7.84
CA GLY D 422 -23.76 50.14 8.30
C GLY D 422 -22.38 50.65 8.66
N LEU D 423 -22.27 51.96 8.85
CA LEU D 423 -20.99 52.59 9.16
C LEU D 423 -20.91 53.06 10.60
N ALA D 424 -21.56 54.18 10.89
CA ALA D 424 -21.51 54.78 12.22
C ALA D 424 -22.82 54.59 12.98
N GLN D 425 -22.71 54.32 14.28
CA GLN D 425 -23.88 54.09 15.12
C GLN D 425 -24.42 55.40 15.66
N SER D 426 -23.54 56.28 16.12
CA SER D 426 -23.96 57.55 16.68
C SER D 426 -23.70 58.70 15.72
N LYS D 427 -24.32 59.85 16.01
CA LYS D 427 -24.17 61.03 15.18
C LYS D 427 -22.74 61.56 15.19
N VAL D 428 -22.09 61.48 16.36
CA VAL D 428 -20.74 62.02 16.51
C VAL D 428 -19.70 61.17 15.76
N ALA D 429 -19.94 59.86 15.70
CA ALA D 429 -19.06 58.94 14.99
C ALA D 429 -19.15 59.16 13.49
N ALA D 430 -20.36 59.43 13.01
CA ALA D 430 -20.61 59.70 11.60
C ALA D 430 -20.02 61.04 11.15
N GLU D 431 -19.98 62.01 12.06
CA GLU D 431 -19.40 63.31 11.77
C GLU D 431 -17.89 63.20 11.54
N LYS D 432 -17.27 62.21 12.15
CA LYS D 432 -15.85 61.95 11.94
C LYS D 432 -15.63 61.24 10.60
N LEU D 433 -16.72 60.86 9.94
CA LEU D 433 -16.66 60.13 8.68
C LEU D 433 -16.92 61.00 7.45
N ILE D 434 -17.16 62.29 7.65
CA ILE D 434 -17.47 63.18 6.54
C ILE D 434 -16.25 63.44 5.64
N GLY D 435 -16.49 63.50 4.33
CA GLY D 435 -15.43 63.68 3.36
C GLY D 435 -14.77 62.35 3.04
N GLU D 436 -15.52 61.27 3.16
CA GLU D 436 -14.99 59.92 2.96
C GLU D 436 -14.91 59.53 1.49
N GLU D 437 -13.86 58.80 1.13
CA GLU D 437 -13.70 58.31 -0.24
C GLU D 437 -14.15 56.85 -0.32
N ILE D 438 -15.09 56.58 -1.25
CA ILE D 438 -15.86 55.35 -1.23
C ILE D 438 -15.86 54.61 -2.57
N SER D 439 -15.85 53.28 -2.52
CA SER D 439 -15.99 52.44 -3.72
C SER D 439 -17.10 51.40 -3.53
N ILE D 440 -17.79 51.05 -4.62
CA ILE D 440 -18.89 50.10 -4.53
C ILE D 440 -18.46 48.71 -5.00
N GLU D 441 -19.15 47.69 -4.52
CA GLU D 441 -18.80 46.30 -4.82
C GLU D 441 -19.27 45.87 -6.21
N GLY D 442 -18.31 45.46 -7.05
CA GLY D 442 -18.61 44.79 -8.29
C GLY D 442 -19.04 45.64 -9.48
N LYS D 443 -19.56 46.84 -9.20
CA LYS D 443 -20.02 47.71 -10.27
C LYS D 443 -18.98 48.76 -10.64
N ASP D 444 -17.87 48.75 -9.90
CA ASP D 444 -16.73 49.63 -10.17
C ASP D 444 -17.11 51.10 -10.25
N ILE D 445 -17.50 51.69 -9.12
CA ILE D 445 -17.84 53.10 -9.08
C ILE D 445 -17.07 53.86 -8.00
N VAL D 446 -16.71 55.10 -8.29
CA VAL D 446 -16.05 55.96 -7.31
C VAL D 446 -17.09 56.85 -6.62
N GLY D 447 -16.87 57.15 -5.35
CA GLY D 447 -17.85 57.89 -4.57
C GLY D 447 -17.26 58.74 -3.46
N LYS D 448 -17.97 59.79 -3.08
CA LYS D 448 -17.51 60.73 -2.07
C LYS D 448 -18.65 61.06 -1.11
N ILE D 449 -18.40 60.93 0.19
CA ILE D 449 -19.43 61.14 1.21
C ILE D 449 -19.58 62.61 1.60
N LYS D 450 -20.79 63.00 1.96
CA LYS D 450 -21.06 64.38 2.38
C LYS D 450 -21.99 64.43 3.59
N GLY D 451 -23.28 64.19 3.36
CA GLY D 451 -24.30 64.37 4.37
C GLY D 451 -24.32 63.38 5.53
N THR D 452 -24.58 63.89 6.73
CA THR D 452 -24.64 63.07 7.93
C THR D 452 -25.98 63.19 8.64
N PHE D 453 -26.72 62.08 8.69
CA PHE D 453 -27.99 62.03 9.42
C PHE D 453 -27.73 61.50 10.83
N GLY D 454 -28.21 62.25 11.83
CA GLY D 454 -27.84 61.99 13.21
C GLY D 454 -28.58 60.89 13.94
N THR D 455 -29.89 60.80 13.74
CA THR D 455 -30.74 59.88 14.52
C THR D 455 -30.27 58.43 14.51
N LYS D 456 -30.27 57.79 13.34
CA LYS D 456 -29.89 56.38 13.25
C LYS D 456 -28.46 56.19 12.74
N GLY D 457 -27.72 57.29 12.63
CA GLY D 457 -26.32 57.25 12.22
C GLY D 457 -26.14 56.92 10.75
N LEU D 458 -27.02 57.47 9.92
CA LEU D 458 -27.01 57.21 8.48
C LEU D 458 -26.31 58.33 7.72
N LEU D 459 -25.70 57.99 6.59
CA LEU D 459 -24.87 58.93 5.85
C LEU D 459 -25.31 59.15 4.40
N THR D 460 -25.43 60.42 4.01
CA THR D 460 -25.78 60.79 2.64
C THR D 460 -24.51 61.08 1.83
N ALA D 461 -24.49 60.66 0.58
CA ALA D 461 -23.26 60.76 -0.22
C ALA D 461 -23.47 61.07 -1.71
N GLU D 462 -22.36 61.11 -2.43
CA GLU D 462 -22.37 61.32 -3.88
C GLU D 462 -21.53 60.23 -4.55
N PHE D 463 -22.10 59.59 -5.57
CA PHE D 463 -21.42 58.51 -6.27
C PHE D 463 -21.33 58.78 -7.76
N SER D 464 -20.31 58.22 -8.41
CA SER D 464 -20.23 58.26 -9.86
C SER D 464 -20.89 57.02 -10.44
N GLY D 465 -22.14 57.17 -10.90
CA GLY D 465 -22.89 56.05 -11.45
C GLY D 465 -24.32 56.04 -10.94
N ASN D 466 -24.92 54.85 -10.88
CA ASN D 466 -26.25 54.69 -10.28
C ASN D 466 -26.17 53.84 -9.01
N VAL D 467 -26.60 54.40 -7.90
CA VAL D 467 -26.62 53.67 -6.65
C VAL D 467 -27.98 53.04 -6.37
N GLU D 468 -28.05 51.73 -6.53
CA GLU D 468 -29.28 50.98 -6.29
C GLU D 468 -29.42 50.65 -4.81
N ASN D 469 -30.67 50.41 -4.40
CA ASN D 469 -30.95 50.02 -3.03
C ASN D 469 -30.30 48.69 -2.69
N ARG D 470 -29.89 48.54 -1.42
CA ARG D 470 -29.38 47.28 -0.88
C ARG D 470 -27.97 46.90 -1.38
N ASP D 471 -27.42 47.72 -2.27
CA ASP D 471 -26.08 47.49 -2.81
C ASP D 471 -25.00 47.74 -1.75
N LYS D 472 -24.15 46.74 -1.55
CA LYS D 472 -23.09 46.84 -0.55
C LYS D 472 -21.95 47.76 -0.99
N VAL D 473 -21.18 48.23 -0.02
CA VAL D 473 -20.14 49.22 -0.25
C VAL D 473 -18.78 48.77 0.33
N ILE D 474 -17.75 48.79 -0.51
CA ILE D 474 -16.39 48.52 -0.03
C ILE D 474 -15.66 49.83 0.30
N LEU D 475 -15.39 50.03 1.58
CA LEU D 475 -14.71 51.24 2.04
C LEU D 475 -13.34 50.90 2.61
N ASN D 476 -12.28 51.37 1.94
CA ASN D 476 -10.93 51.20 2.45
C ASN D 476 -10.42 52.49 3.10
N ARG D 477 -9.72 52.33 4.21
CA ARG D 477 -9.27 53.45 5.03
C ARG D 477 -7.82 53.25 5.47
N LEU D 478 -7.03 54.32 5.37
CA LEU D 478 -5.61 54.27 5.71
C LEU D 478 -5.36 54.45 7.21
N ARG D 479 -4.62 53.50 7.80
CA ARG D 479 -4.35 53.52 9.22
C ARG D 479 -2.90 53.13 9.50
N ARG D 480 -2.36 53.54 10.64
CA ARG D 480 -0.99 53.16 10.99
C ARG D 480 -0.91 51.74 11.53
N TRP D 481 0.31 51.24 11.77
CA TRP D 481 0.50 49.86 12.22
C TRP D 481 1.44 49.76 13.44
N GLY D 482 1.21 48.74 14.27
CA GLY D 482 2.04 48.52 15.44
C GLY D 482 1.27 48.06 16.68
#